data_7ZN7
#
_entry.id   7ZN7
#
_cell.length_a   1.00
_cell.length_b   1.00
_cell.length_c   1.00
_cell.angle_alpha   90.00
_cell.angle_beta   90.00
_cell.angle_gamma   90.00
#
_symmetry.space_group_name_H-M   'P 1'
#
loop_
_entity.id
_entity.type
_entity.pdbx_description
1 polymer 'DNA damage-binding protein 1'
2 polymer B27a
3 polymer 'Signal transducer and activator of transcription'
4 non-polymer 'ZINC ION'
#
loop_
_entity_poly.entity_id
_entity_poly.type
_entity_poly.pdbx_seq_one_letter_code
_entity_poly.pdbx_strand_id
1 'polypeptide(L)'
;GPGMSYNYVVTAQKPTAVNGCVTGHFTSAEDLNLLIAKNTRLEIYVVTAEGLRPVKEVGMYGKIAVMELFRPKGESKDLL
FILTAKYNACILEYKQSGESIDIITRAHGNVQDRIGRPSETGIIGIIDPECRMIGLRLYDGLFKVIPLDRDNKELKAFNI
RLEELHVIDVKFLYGCQAPTICFVYQDPQGRHVKTYEVSLREKEFNKGPWKQENVEAEASMVIAVPEPFGGAIIIGQESI
TYHNGDKYLAIAPPIIKQSTIVCHNRVDPNGSRYLLGDMEGRLFMLLLEKEEQMDGTVTLKDLRVELLGETSIAECLTYL
DNGVVFVGSRLGDSQLVKLNVDSNEQGSYVVAMETFTNLGPIVDMCVVDLERQGQGQLVTCSGAFKEGSLRIIRNGIGIG
NGNSGEIQKLHIRTVPLYESPRKICYQEVSQCFGVLSSRIEVQDTSGGTTALRPSASTQALSSSVSSSKLFSSSTAPHET
SFGEEVEVHNLLIIDQHTFEVLHAHQFLQNEYALSLVSCKLGKDPNTYFIVGTAMVYPEEAEPKQGRIVVFQYSDGKLQT
VAEKEVKGAVYSMVEFNGKLLASINSTVRLYEWTTEKELRTECNHYNNIMALYLKTKGDFILVGDLMRSVLLLAYKPMEG
NFEEIARDFNPNWMSAVEILDDDNFLGAENAFNLFVCQKDSAATTDEERQHLQEVGLFHLGEFVNVFCHGSLVMQNLGET
STPTQGSVLFGTVNGMIGLVTSLSESWYNLLLDMQNRLNKVIKSVGKIEHSFWRSFHTERKTEPATGFIDGDLIESFLDI
SRPKMQEVVANLQYDDGSGMKREATADDLIKVVEELTRIH
;
A
2 'polypeptide(L)'
;GPGMDLRDRQCESDRNEDNGETERQAIKERPNAMKIVFELIKDETADPFCRKFILDNLVQLKDIEQAARFGFAIEPGSED
YNRGVRSFIRLKEPYNHVELKMSYLKNARFATANGAYGIRGLTPAWDSAIWGLLREVEAVPYSNPFTFPTCERLEGILNR
LEYRPEATDACRTLCRATVAVQYAISILYGYDRSASVPRYLRRLIDEYIDLQDRIRRLGIVPVLKISGKDMNIVQNVLPE
RVCAQIGIPFTYEACLLDEYYDCIESNIEQMYDLLCMCKECGMRRMERFERVRYNTIGERYPKKKRDRERFFEENYVIIH
SHPDLGVLKLPKIRHLNPLQQLMMCRYLSKDLLYDTQFGPSNAFSRAQGVPLPFSAVQETDMNIAYALYLASNSYFMCFL
LRCVRDVLRHEEEAFRKLILRLVNEAVEIIRDDVNSRVWAGADSPVFVCVDPRESGISAEERDLAIARSLEELTFSNELV
EGSHFGGFCRDAARFLDLIDAFHFPKALREHRAREDLLLHTFKIEKMYDNRPLSAYYGDRLVPYHVLMGGHRRRDGAVVR
TGGVNLTDNEIVRGHWRADDMMNARLRYFDSIDSIEMIRNVSIRQETLMFDLDRMYISRSELESLESDVESDNESEVLAG
GACALPDRQSSSEVDSMCD
;
B
3 'polypeptide(L)'
;GPGMAQWEMLQNLDSPFLDQLHELYSQSLLPMDVRQHLAAWIEDQNWREAVLGSDHSKANMLYFNILDQLNQWDHYSLDS
DYLLLQHNLRKFNRDIQMFPNGPTQLAEMIFNLLLEEKRILNQAQRAQEMQPRPAPEAAGESQQQLEIETRILDLQTAVE
ALVRSIRQLKDVQDVFSFRYTVLNHKKTSSLDPHQSQQRQLVQTTANELDRMRKEVLDISKALVGRLTTLVDLLLPKLDE
WKAQQQKSCIGAPAPELQLDQLEQWLTAGAKVLFHLRQLLKQLKDMSLMLRYEGDMFGQGVDLQNAQVTELLQRLLQRSF
VVETQPCMPQTLHRPLILKTGSKFTVRTRLLVRLQEGNESLKAEVSIDRNSELPGFRKFNILTSNQKSLTPEEGQRQGLI
WDFGFLTLVEQRSVGAGKGSNKGPLPVTEELHIISAMVEYVYQGLKMKLQTDTLPVVIISNMNQLSIAWASILWFNMLSS
TPKDQQFFCKVPKAPWSLLGPALSWQFSSYIGRGLDPEQLGMLRNKLFGKNCKTEDALLSWADFSKRESPPGKIPFWTWL
DKILELVHDHLKDLWNDGRIMGFVSRSEERRLLKKMVSGTFLLRFSETSEGGITCSWVEHQDDDKVLIYSVQPYTKEVLQ
SLPLTEIIRHYQVLAEENAPENPLRFLYPRVPRDEAFGCYYQEKVNLEERRKYLKHRLIVISNRQADELQQPLELKQDPE
SLELDAELMSVMELARDLELQSMLQVGLDLGVEPKPDPTLSPAPQILLEPDPARALNQLLPEPDLPQDLQQLNTGEMEIF
RNNINIDDVMPYGDPVLAGQSIIEEAYRSCPSHFDVDGPLIPSED
;
D
#
loop_
_chem_comp.id
_chem_comp.type
_chem_comp.name
_chem_comp.formula
ZN non-polymer 'ZINC ION' 'Zn 2'
#
# COMPACT_ATOMS: atom_id res chain seq x y z
N MET A 4 -16.08 -24.07 11.98
CA MET A 4 -15.43 -22.78 11.79
C MET A 4 -15.14 -22.15 13.15
N SER A 5 -14.35 -21.08 13.16
CA SER A 5 -14.13 -20.33 14.40
C SER A 5 -15.32 -19.41 14.64
N TYR A 6 -16.01 -19.58 15.76
CA TYR A 6 -17.21 -18.83 16.08
C TYR A 6 -16.88 -17.85 17.20
N ASN A 7 -16.88 -16.56 16.87
CA ASN A 7 -16.57 -15.50 17.83
C ASN A 7 -17.66 -14.44 17.79
N TYR A 8 -17.47 -13.38 18.57
CA TYR A 8 -18.47 -12.32 18.71
C TYR A 8 -17.78 -11.07 19.20
N VAL A 9 -17.80 -10.01 18.38
CA VAL A 9 -17.12 -8.76 18.69
C VAL A 9 -18.17 -7.70 19.01
N VAL A 10 -18.07 -7.09 20.19
CA VAL A 10 -19.01 -6.08 20.65
C VAL A 10 -18.24 -4.94 21.30
N THR A 11 -18.59 -3.71 20.91
CA THR A 11 -17.97 -2.52 21.50
C THR A 11 -18.50 -2.27 22.91
N ALA A 12 -17.62 -1.79 23.79
CA ALA A 12 -18.00 -1.39 25.14
C ALA A 12 -18.01 0.11 25.32
N GLN A 13 -16.92 0.79 24.96
CA GLN A 13 -16.86 2.25 24.92
C GLN A 13 -16.78 2.67 23.47
N LYS A 14 -17.76 3.45 23.03
CA LYS A 14 -17.82 3.88 21.64
C LYS A 14 -16.63 4.77 21.31
N PRO A 15 -16.20 4.82 20.05
CA PRO A 15 -14.95 5.51 19.73
C PRO A 15 -15.01 6.98 20.16
N THR A 16 -13.90 7.48 20.69
CA THR A 16 -13.89 8.77 21.37
C THR A 16 -12.80 9.71 20.87
N ALA A 17 -12.13 9.41 19.77
CA ALA A 17 -11.18 10.33 19.17
C ALA A 17 -11.82 11.08 18.02
N VAL A 18 -11.51 12.36 17.90
CA VAL A 18 -12.09 13.24 16.88
C VAL A 18 -11.18 13.25 15.67
N ASN A 19 -11.75 12.93 14.50
CA ASN A 19 -11.00 12.98 13.24
C ASN A 19 -11.18 14.31 12.51
N GLY A 20 -12.31 14.98 12.69
CA GLY A 20 -12.56 16.25 12.05
C GLY A 20 -13.95 16.76 12.34
N CYS A 21 -14.11 18.08 12.43
CA CYS A 21 -15.40 18.69 12.72
C CYS A 21 -15.54 19.97 11.92
N VAL A 22 -16.75 20.21 11.42
CA VAL A 22 -17.03 21.40 10.63
C VAL A 22 -18.36 21.99 11.09
N THR A 23 -18.41 23.31 11.21
CA THR A 23 -19.59 24.00 11.69
C THR A 23 -20.39 24.55 10.51
N GLY A 24 -21.67 24.80 10.76
CA GLY A 24 -22.56 25.31 9.73
C GLY A 24 -23.99 25.27 10.21
N HIS A 25 -24.90 25.50 9.26
CA HIS A 25 -26.34 25.48 9.54
C HIS A 25 -26.92 24.18 9.00
N PHE A 26 -26.98 23.16 9.85
CA PHE A 26 -27.49 21.86 9.45
C PHE A 26 -28.91 21.59 9.96
N THR A 27 -29.13 21.68 11.28
CA THR A 27 -30.44 21.36 11.81
C THR A 27 -31.50 22.37 11.38
N SER A 28 -31.14 23.64 11.20
CA SER A 28 -32.13 24.65 10.85
C SER A 28 -31.43 25.86 10.25
N ALA A 29 -32.22 26.66 9.52
CA ALA A 29 -31.66 27.82 8.85
C ALA A 29 -31.19 28.91 9.82
N GLU A 30 -31.87 29.10 10.96
CA GLU A 30 -31.32 30.10 11.86
C GLU A 30 -30.22 29.54 12.76
N ASP A 31 -30.44 28.39 13.38
CA ASP A 31 -29.54 27.92 14.42
C ASP A 31 -28.21 27.45 13.82
N LEU A 32 -27.14 27.66 14.58
CA LEU A 32 -25.82 27.20 14.19
C LEU A 32 -25.57 25.80 14.76
N ASN A 33 -24.93 24.96 13.96
CA ASN A 33 -24.66 23.58 14.35
C ASN A 33 -23.15 23.30 14.34
N LEU A 34 -22.72 22.49 15.30
CA LEU A 34 -21.36 21.98 15.35
C LEU A 34 -21.42 20.47 15.19
N LEU A 35 -20.68 19.95 14.22
CA LEU A 35 -20.78 18.55 13.82
C LEU A 35 -19.46 17.85 14.11
N ILE A 36 -19.27 17.42 15.36
CA ILE A 36 -18.13 16.60 15.70
C ILE A 36 -18.26 15.25 15.01
N ALA A 37 -17.15 14.73 14.49
CA ALA A 37 -17.14 13.44 13.81
C ALA A 37 -16.09 12.56 14.45
N LYS A 38 -16.46 11.92 15.56
CA LYS A 38 -15.67 10.82 16.07
C LYS A 38 -15.63 9.71 15.03
N ASN A 39 -14.52 8.96 15.02
CA ASN A 39 -14.35 7.97 13.97
C ASN A 39 -15.50 6.98 13.96
N THR A 40 -16.00 6.70 12.77
CA THR A 40 -17.11 5.78 12.50
C THR A 40 -18.44 6.22 13.10
N ARG A 41 -18.54 7.44 13.63
CA ARG A 41 -19.84 7.94 14.10
C ARG A 41 -19.79 9.46 14.22
N LEU A 42 -20.58 10.15 13.39
CA LEU A 42 -20.72 11.59 13.53
C LEU A 42 -21.66 11.94 14.67
N GLU A 43 -21.43 13.11 15.26
CA GLU A 43 -22.32 13.64 16.29
C GLU A 43 -22.71 15.06 15.90
N ILE A 44 -23.99 15.37 16.04
CA ILE A 44 -24.52 16.70 15.75
C ILE A 44 -24.84 17.40 17.06
N TYR A 45 -24.55 18.70 17.12
CA TYR A 45 -24.80 19.50 18.31
C TYR A 45 -25.35 20.85 17.90
N VAL A 46 -26.16 21.44 18.78
CA VAL A 46 -26.70 22.78 18.59
C VAL A 46 -26.01 23.71 19.56
N VAL A 47 -25.21 24.64 19.03
CA VAL A 47 -24.43 25.53 19.88
C VAL A 47 -25.37 26.48 20.61
N THR A 48 -25.10 26.70 21.90
CA THR A 48 -25.84 27.65 22.70
C THR A 48 -24.86 28.40 23.59
N ALA A 49 -25.31 29.54 24.12
CA ALA A 49 -24.44 30.31 25.00
C ALA A 49 -24.09 29.53 26.27
N GLU A 50 -25.01 28.69 26.74
CA GLU A 50 -24.71 27.86 27.91
C GLU A 50 -23.69 26.78 27.59
N GLY A 51 -23.63 26.32 26.35
CA GLY A 51 -22.73 25.25 25.98
C GLY A 51 -23.35 24.37 24.91
N LEU A 52 -22.60 23.35 24.52
CA LEU A 52 -23.04 22.44 23.47
C LEU A 52 -24.24 21.62 23.95
N ARG A 53 -25.22 21.48 23.07
CA ARG A 53 -26.42 20.69 23.35
C ARG A 53 -26.57 19.58 22.32
N PRO A 54 -26.32 18.32 22.67
CA PRO A 54 -26.49 17.24 21.70
C PRO A 54 -27.93 17.10 21.25
N VAL A 55 -28.10 16.75 19.97
CA VAL A 55 -29.41 16.50 19.37
C VAL A 55 -29.53 15.10 18.81
N LYS A 56 -28.51 14.61 18.12
CA LYS A 56 -28.55 13.27 17.56
C LYS A 56 -27.12 12.76 17.40
N GLU A 57 -26.96 11.44 17.55
CA GLU A 57 -25.68 10.77 17.36
C GLU A 57 -25.89 9.62 16.38
N VAL A 58 -25.45 9.80 15.14
CA VAL A 58 -25.62 8.80 14.10
C VAL A 58 -24.38 7.90 14.08
N GLY A 59 -24.62 6.60 13.99
CA GLY A 59 -23.55 5.63 13.82
C GLY A 59 -23.48 5.18 12.38
N MET A 60 -22.35 5.38 11.73
CA MET A 60 -22.28 5.25 10.30
C MET A 60 -21.29 4.16 9.92
N TYR A 61 -21.71 3.25 9.04
CA TYR A 61 -20.88 2.11 8.66
C TYR A 61 -19.72 2.53 7.75
N GLY A 62 -18.79 3.25 8.36
CA GLY A 62 -17.58 3.66 7.68
C GLY A 62 -16.83 4.73 8.43
N LYS A 63 -15.54 4.86 8.15
CA LYS A 63 -14.70 5.85 8.83
C LYS A 63 -14.92 7.21 8.16
N ILE A 64 -15.46 8.16 8.90
CA ILE A 64 -15.71 9.48 8.35
C ILE A 64 -14.38 10.20 8.20
N ALA A 65 -13.81 10.16 7.00
CA ALA A 65 -12.50 10.77 6.76
C ALA A 65 -12.63 12.23 6.36
N VAL A 66 -13.31 12.50 5.25
CA VAL A 66 -13.58 13.85 4.79
C VAL A 66 -15.01 14.22 5.16
N MET A 67 -15.18 15.37 5.81
CA MET A 67 -16.50 15.84 6.22
C MET A 67 -16.58 17.33 5.95
N GLU A 68 -17.49 17.73 5.07
CA GLU A 68 -17.65 19.12 4.69
C GLU A 68 -19.13 19.49 4.69
N LEU A 69 -19.42 20.73 5.05
CA LEU A 69 -20.79 21.25 5.07
C LEU A 69 -20.90 22.33 3.99
N PHE A 70 -21.76 22.10 3.02
CA PHE A 70 -21.96 23.00 1.89
C PHE A 70 -23.45 23.22 1.66
N ARG A 71 -23.78 24.36 1.06
CA ARG A 71 -25.18 24.65 0.75
C ARG A 71 -25.38 24.92 -0.73
N PRO A 72 -25.92 23.93 -1.45
CA PRO A 72 -26.17 24.10 -2.88
C PRO A 72 -27.22 25.16 -3.11
N LYS A 73 -27.20 25.77 -4.29
CA LYS A 73 -28.13 26.86 -4.58
C LYS A 73 -29.57 26.37 -4.50
N GLY A 74 -30.38 27.05 -3.71
CA GLY A 74 -31.78 26.67 -3.55
C GLY A 74 -32.08 25.83 -2.32
N GLU A 75 -31.10 25.66 -1.44
CA GLU A 75 -31.29 24.85 -0.25
C GLU A 75 -31.29 25.68 1.02
N SER A 76 -32.40 25.65 1.76
CA SER A 76 -32.45 26.34 3.03
C SER A 76 -31.51 25.68 4.04
N LYS A 77 -31.38 24.36 3.95
CA LYS A 77 -30.46 23.53 4.69
C LYS A 77 -29.05 23.67 4.12
N ASP A 78 -28.09 23.10 4.83
CA ASP A 78 -26.84 22.71 4.21
C ASP A 78 -26.82 21.18 4.10
N LEU A 79 -26.13 20.70 3.07
CA LEU A 79 -25.96 19.27 2.86
C LEU A 79 -24.53 18.85 3.20
N LEU A 80 -24.40 17.67 3.77
CA LEU A 80 -23.10 17.11 4.14
C LEU A 80 -22.50 16.31 2.99
N PHE A 81 -21.20 16.04 3.08
CA PHE A 81 -20.51 15.16 2.13
C PHE A 81 -19.54 14.27 2.91
N ILE A 82 -20.03 13.12 3.36
CA ILE A 82 -19.23 12.15 4.10
C ILE A 82 -18.50 11.29 3.07
N LEU A 83 -17.17 11.28 3.12
CA LEU A 83 -16.39 10.34 2.33
C LEU A 83 -15.70 9.34 3.24
N THR A 84 -16.10 8.08 3.15
CA THR A 84 -15.56 7.01 3.96
C THR A 84 -14.17 6.61 3.48
N ALA A 85 -13.37 6.07 4.41
CA ALA A 85 -12.02 5.64 4.08
C ALA A 85 -12.00 4.55 3.03
N LYS A 86 -13.07 3.75 2.94
CA LYS A 86 -13.20 2.75 1.89
C LYS A 86 -13.84 3.32 0.62
N TYR A 87 -13.90 4.65 0.51
CA TYR A 87 -14.45 5.35 -0.65
C TYR A 87 -15.94 5.01 -0.84
N ASN A 88 -16.74 5.48 0.13
CA ASN A 88 -18.17 5.24 0.16
C ASN A 88 -18.91 6.59 0.28
N ALA A 89 -18.61 7.50 -0.62
CA ALA A 89 -19.14 8.86 -0.56
C ALA A 89 -20.67 8.87 -0.56
N CYS A 90 -21.23 9.83 0.17
CA CYS A 90 -22.68 9.95 0.29
C CYS A 90 -23.05 11.32 0.83
N ILE A 91 -23.91 12.03 0.11
CA ILE A 91 -24.39 13.35 0.53
C ILE A 91 -25.62 13.15 1.43
N LEU A 92 -25.62 13.80 2.58
CA LEU A 92 -26.65 13.63 3.60
C LEU A 92 -27.50 14.90 3.71
N GLU A 93 -28.59 14.80 4.47
CA GLU A 93 -29.45 15.95 4.73
C GLU A 93 -30.29 15.70 5.98
N TYR A 94 -30.43 16.72 6.81
CA TYR A 94 -31.29 16.66 7.98
C TYR A 94 -32.76 16.70 7.57
N LYS A 95 -33.59 15.91 8.25
CA LYS A 95 -35.03 15.97 8.02
C LYS A 95 -35.73 15.46 9.29
N GLN A 96 -36.18 16.39 10.12
CA GLN A 96 -36.92 16.05 11.34
C GLN A 96 -38.24 16.79 11.34
N SER A 97 -39.31 16.06 11.68
CA SER A 97 -40.68 16.58 11.64
C SER A 97 -41.37 16.18 12.93
N GLY A 98 -41.20 16.99 13.97
CA GLY A 98 -41.81 16.70 15.25
C GLY A 98 -41.25 15.45 15.89
N GLU A 99 -39.99 15.50 16.32
CA GLU A 99 -39.25 14.40 16.94
C GLU A 99 -38.99 13.25 15.96
N SER A 100 -39.28 13.44 14.67
CA SER A 100 -38.97 12.44 13.65
C SER A 100 -37.57 12.70 13.08
N ILE A 101 -36.58 12.65 13.96
CA ILE A 101 -35.21 12.97 13.60
C ILE A 101 -34.68 11.87 12.69
N ASP A 102 -34.33 12.24 11.45
CA ASP A 102 -33.85 11.28 10.46
C ASP A 102 -32.96 12.02 9.46
N ILE A 103 -31.89 11.36 9.03
CA ILE A 103 -30.93 11.94 8.09
C ILE A 103 -31.07 11.18 6.78
N ILE A 104 -31.84 11.74 5.85
CA ILE A 104 -32.02 11.15 4.53
C ILE A 104 -30.77 11.37 3.68
N THR A 105 -30.46 10.40 2.82
CA THR A 105 -29.28 10.46 1.96
C THR A 105 -29.68 10.97 0.58
N ARG A 106 -29.34 12.21 0.27
CA ARG A 106 -29.72 12.79 -1.02
C ARG A 106 -28.98 12.12 -2.17
N ALA A 107 -27.75 11.69 -1.93
CA ALA A 107 -26.95 11.09 -3.00
C ALA A 107 -25.97 10.09 -2.38
N HIS A 108 -25.65 9.05 -3.15
CA HIS A 108 -24.84 7.96 -2.62
C HIS A 108 -24.10 7.29 -3.76
N GLY A 109 -23.16 6.43 -3.40
CA GLY A 109 -22.44 5.65 -4.40
C GLY A 109 -20.95 5.64 -4.20
N ASN A 110 -20.32 4.50 -4.46
CA ASN A 110 -18.87 4.38 -4.33
C ASN A 110 -18.17 5.18 -5.41
N VAL A 111 -17.02 5.74 -5.05
CA VAL A 111 -16.19 6.49 -5.98
C VAL A 111 -14.77 5.94 -5.95
N GLN A 112 -14.67 4.63 -5.76
CA GLN A 112 -13.35 3.99 -5.66
C GLN A 112 -12.70 3.83 -7.00
N ASP A 113 -11.43 4.19 -7.08
CA ASP A 113 -10.70 3.95 -8.33
C ASP A 113 -10.14 2.55 -8.31
N ARG A 114 -10.53 1.73 -9.29
CA ARG A 114 -10.10 0.33 -9.31
C ARG A 114 -8.59 0.20 -9.31
N ILE A 115 -7.93 1.01 -10.13
CA ILE A 115 -6.48 0.97 -10.20
C ILE A 115 -5.90 2.27 -9.68
N GLY A 116 -4.75 2.19 -8.98
CA GLY A 116 -4.09 3.40 -8.49
C GLY A 116 -3.17 3.26 -7.30
N ARG A 117 -2.31 4.26 -7.07
CA ARG A 117 -1.39 4.24 -5.91
C ARG A 117 -1.78 5.32 -4.92
N PRO A 118 -2.20 4.92 -3.71
CA PRO A 118 -2.68 5.91 -2.73
C PRO A 118 -1.60 6.89 -2.31
N SER A 119 -1.95 8.15 -2.11
CA SER A 119 -0.98 9.16 -1.72
C SER A 119 -0.58 9.00 -0.25
N GLU A 120 0.69 9.32 0.04
CA GLU A 120 1.15 9.29 1.42
C GLU A 120 0.50 10.38 2.27
N THR A 121 0.12 11.51 1.66
CA THR A 121 -0.46 12.61 2.41
C THR A 121 -1.84 12.25 2.97
N GLY A 122 -2.55 11.34 2.32
CA GLY A 122 -3.90 10.98 2.71
C GLY A 122 -4.94 11.62 1.81
N ILE A 123 -6.18 11.16 1.98
CA ILE A 123 -7.29 11.63 1.17
C ILE A 123 -7.53 13.10 1.44
N ILE A 124 -7.73 13.89 0.38
CA ILE A 124 -8.02 15.31 0.48
C ILE A 124 -9.36 15.56 -0.19
N GLY A 125 -10.30 16.13 0.56
CA GLY A 125 -11.61 16.45 0.01
C GLY A 125 -11.95 17.91 0.19
N ILE A 126 -12.27 18.58 -0.92
CA ILE A 126 -12.48 20.03 -0.92
C ILE A 126 -13.73 20.37 -1.73
N ILE A 127 -14.51 21.32 -1.21
CA ILE A 127 -15.70 21.84 -1.88
C ILE A 127 -15.34 23.22 -2.43
N ASP A 128 -15.79 23.52 -3.65
CA ASP A 128 -15.60 24.87 -4.15
C ASP A 128 -16.55 25.84 -3.45
N PRO A 129 -16.18 27.11 -3.32
CA PRO A 129 -17.09 28.05 -2.65
C PRO A 129 -18.46 28.24 -3.30
N GLU A 130 -18.54 28.16 -4.63
CA GLU A 130 -19.81 28.36 -5.34
C GLU A 130 -20.68 27.11 -5.39
N CYS A 131 -20.22 26.04 -4.75
CA CYS A 131 -20.96 24.78 -4.71
C CYS A 131 -21.28 24.27 -6.11
N ARG A 132 -20.24 24.13 -6.92
CA ARG A 132 -20.42 23.64 -8.29
C ARG A 132 -19.68 22.34 -8.53
N MET A 133 -18.67 22.04 -7.73
CA MET A 133 -17.97 20.76 -7.88
C MET A 133 -17.50 20.26 -6.52
N ILE A 134 -17.27 18.95 -6.45
CA ILE A 134 -16.68 18.29 -5.29
C ILE A 134 -15.27 17.87 -5.68
N GLY A 135 -14.26 18.68 -5.36
CA GLY A 135 -12.88 18.27 -5.59
C GLY A 135 -12.48 17.15 -4.64
N LEU A 136 -11.86 16.11 -5.19
CA LEU A 136 -11.39 14.99 -4.37
C LEU A 136 -10.06 14.49 -4.92
N ARG A 137 -9.09 14.30 -4.03
CA ARG A 137 -7.80 13.70 -4.38
C ARG A 137 -7.69 12.36 -3.68
N LEU A 138 -7.53 11.30 -4.47
CA LEU A 138 -7.46 9.95 -3.94
C LEU A 138 -6.17 9.21 -4.30
N TYR A 139 -5.58 9.52 -5.45
CA TYR A 139 -4.36 8.85 -5.89
C TYR A 139 -3.46 9.86 -6.59
N ASP A 140 -2.16 9.59 -6.57
CA ASP A 140 -1.20 10.48 -7.18
C ASP A 140 -1.43 10.56 -8.68
N GLY A 141 -1.32 11.78 -9.22
CA GLY A 141 -1.50 12.00 -10.64
C GLY A 141 -2.94 12.05 -11.10
N LEU A 142 -3.90 12.05 -10.18
CA LEU A 142 -5.30 12.02 -10.51
C LEU A 142 -6.06 13.01 -9.62
N PHE A 143 -7.20 13.48 -10.11
CA PHE A 143 -8.05 14.40 -9.36
C PHE A 143 -9.50 14.11 -9.71
N LYS A 144 -10.11 13.20 -8.95
CA LYS A 144 -11.50 12.85 -9.16
C LYS A 144 -12.39 14.05 -8.86
N VAL A 145 -13.38 14.29 -9.73
CA VAL A 145 -14.28 15.43 -9.60
C VAL A 145 -15.71 14.94 -9.65
N ILE A 146 -16.52 15.37 -8.68
CA ILE A 146 -17.91 14.98 -8.57
C ILE A 146 -18.77 16.24 -8.73
N PRO A 147 -19.49 16.40 -9.83
CA PRO A 147 -20.37 17.56 -10.01
C PRO A 147 -21.54 17.53 -9.03
N LEU A 148 -22.11 18.71 -8.79
CA LEU A 148 -23.21 18.82 -7.86
C LEU A 148 -24.47 19.31 -8.55
N ASP A 149 -24.68 18.89 -9.79
CA ASP A 149 -25.92 19.23 -10.47
C ASP A 149 -27.14 18.80 -9.68
N ARG A 150 -28.19 19.63 -9.67
CA ARG A 150 -29.39 19.31 -8.90
C ARG A 150 -29.78 17.87 -9.14
N ASP A 151 -29.74 17.44 -10.39
CA ASP A 151 -30.01 16.04 -10.71
C ASP A 151 -28.79 15.14 -10.55
N ASN A 152 -28.54 14.70 -9.32
CA ASN A 152 -27.43 13.78 -9.08
C ASN A 152 -27.74 12.84 -7.92
N LYS A 153 -28.71 11.96 -8.10
CA LYS A 153 -29.03 10.97 -7.07
C LYS A 153 -27.93 9.93 -6.91
N GLU A 154 -27.29 9.54 -8.01
CA GLU A 154 -26.14 8.63 -7.96
C GLU A 154 -24.91 9.46 -8.32
N LEU A 155 -23.97 9.56 -7.38
CA LEU A 155 -22.80 10.41 -7.58
C LEU A 155 -22.02 10.00 -8.81
N LYS A 156 -21.87 10.92 -9.75
CA LYS A 156 -21.08 10.70 -10.95
C LYS A 156 -19.65 11.15 -10.71
N ALA A 157 -18.70 10.33 -11.14
CA ALA A 157 -17.28 10.59 -10.89
C ALA A 157 -16.52 10.51 -12.20
N PHE A 158 -15.66 11.50 -12.44
CA PHE A 158 -14.77 11.50 -13.59
C PHE A 158 -13.41 12.02 -13.16
N ASN A 159 -12.40 11.14 -13.20
CA ASN A 159 -11.05 11.55 -12.84
C ASN A 159 -10.48 12.47 -13.92
N ILE A 160 -9.75 13.49 -13.47
CA ILE A 160 -9.04 14.39 -14.36
C ILE A 160 -7.55 14.10 -14.22
N ARG A 161 -6.89 13.83 -15.34
CA ARG A 161 -5.44 13.63 -15.30
C ARG A 161 -4.76 14.90 -14.83
N LEU A 162 -3.75 14.75 -13.99
CA LEU A 162 -3.10 15.91 -13.39
C LEU A 162 -1.59 15.74 -13.54
N GLU A 163 -0.92 16.82 -13.91
CA GLU A 163 0.49 16.74 -14.30
C GLU A 163 1.42 16.66 -13.10
N GLU A 164 1.19 17.46 -12.07
CA GLU A 164 2.03 17.41 -10.87
C GLU A 164 1.83 16.07 -10.17
N LEU A 165 2.92 15.44 -9.76
CA LEU A 165 2.80 14.08 -9.24
C LEU A 165 2.47 14.06 -7.75
N HIS A 166 3.14 14.89 -6.97
CA HIS A 166 3.06 14.85 -5.51
C HIS A 166 2.44 16.15 -5.02
N VAL A 167 1.17 16.10 -4.62
CA VAL A 167 0.44 17.28 -4.19
C VAL A 167 0.29 17.22 -2.67
N ILE A 168 0.83 18.24 -1.98
CA ILE A 168 0.80 18.24 -0.52
C ILE A 168 -0.56 18.70 0.00
N ASP A 169 -1.17 19.70 -0.65
CA ASP A 169 -2.49 20.19 -0.25
C ASP A 169 -3.19 20.83 -1.44
N VAL A 170 -4.50 20.63 -1.54
CA VAL A 170 -5.33 21.28 -2.56
C VAL A 170 -6.42 22.07 -1.85
N LYS A 171 -6.82 23.19 -2.44
CA LYS A 171 -7.89 24.03 -1.92
C LYS A 171 -8.57 24.72 -3.09
N PHE A 172 -9.67 25.41 -2.81
CA PHE A 172 -10.45 26.11 -3.84
C PHE A 172 -10.40 27.60 -3.58
N LEU A 173 -9.93 28.36 -4.57
CA LEU A 173 -9.86 29.81 -4.45
C LEU A 173 -11.25 30.44 -4.42
N TYR A 174 -11.41 31.40 -3.52
CA TYR A 174 -12.68 32.10 -3.44
C TYR A 174 -12.70 33.21 -4.44
N GLY A 175 -13.90 33.65 -4.79
CA GLY A 175 -14.06 34.77 -5.70
C GLY A 175 -14.15 34.45 -7.18
N CYS A 176 -13.11 33.89 -7.77
CA CYS A 176 -13.11 33.65 -9.21
C CYS A 176 -14.28 32.79 -9.64
N GLN A 177 -14.95 33.19 -10.71
CA GLN A 177 -16.09 32.44 -11.22
C GLN A 177 -15.69 31.06 -11.67
N ALA A 178 -14.54 30.96 -12.32
CA ALA A 178 -14.05 29.66 -12.70
C ALA A 178 -13.62 28.97 -11.43
N PRO A 179 -14.12 27.76 -11.19
CA PRO A 179 -13.64 27.04 -10.01
C PRO A 179 -12.15 26.80 -10.14
N THR A 180 -11.32 27.31 -9.23
CA THR A 180 -9.87 27.17 -9.41
C THR A 180 -9.18 26.53 -8.22
N ILE A 181 -8.38 25.50 -8.48
CA ILE A 181 -7.64 24.85 -7.42
C ILE A 181 -6.31 25.55 -7.22
N CYS A 182 -5.81 25.49 -5.99
CA CYS A 182 -4.47 25.95 -5.65
C CYS A 182 -3.82 24.84 -4.83
N PHE A 183 -2.64 24.40 -5.26
CA PHE A 183 -2.06 23.18 -4.71
C PHE A 183 -0.54 23.31 -4.58
N VAL A 184 -0.04 22.84 -3.44
CA VAL A 184 1.39 22.92 -3.12
C VAL A 184 2.01 21.59 -3.55
N TYR A 185 2.48 21.53 -4.79
CA TYR A 185 3.03 20.30 -5.32
C TYR A 185 4.51 20.19 -4.99
N GLN A 186 5.06 18.98 -5.18
CA GLN A 186 6.42 18.66 -4.77
C GLN A 186 7.22 18.25 -6.01
N ASP A 187 7.98 19.18 -6.56
CA ASP A 187 8.97 18.91 -7.59
C ASP A 187 10.26 18.40 -6.95
N PRO A 188 11.08 17.66 -7.70
CA PRO A 188 12.32 17.11 -7.12
C PRO A 188 13.24 18.16 -6.53
N GLN A 189 13.28 19.37 -7.11
CA GLN A 189 14.12 20.43 -6.57
C GLN A 189 13.52 21.04 -5.31
N GLY A 190 12.22 21.28 -5.30
CA GLY A 190 11.55 21.89 -4.16
C GLY A 190 10.07 22.00 -4.44
N ARG A 191 9.30 22.33 -3.41
CA ARG A 191 7.85 22.39 -3.53
C ARG A 191 7.40 23.79 -3.96
N HIS A 192 6.32 23.83 -4.75
CA HIS A 192 5.83 25.08 -5.32
C HIS A 192 4.32 25.16 -5.13
N VAL A 193 3.71 26.24 -5.62
CA VAL A 193 2.27 26.43 -5.58
C VAL A 193 1.80 26.89 -6.95
N LYS A 194 0.83 26.17 -7.53
CA LYS A 194 0.28 26.54 -8.82
C LYS A 194 -1.24 26.61 -8.73
N THR A 195 -1.85 27.15 -9.77
CA THR A 195 -3.30 27.22 -9.83
C THR A 195 -3.79 26.79 -11.20
N TYR A 196 -4.90 26.04 -11.26
CA TYR A 196 -5.49 25.63 -12.53
C TYR A 196 -6.97 25.88 -12.47
N GLU A 197 -7.62 26.04 -13.63
CA GLU A 197 -9.06 26.25 -13.65
C GLU A 197 -9.77 24.97 -14.01
N VAL A 198 -10.56 24.43 -13.09
CA VAL A 198 -11.21 23.16 -13.36
C VAL A 198 -12.49 23.38 -14.13
N SER A 199 -12.59 22.77 -15.30
CA SER A 199 -13.75 22.96 -16.15
C SER A 199 -14.61 21.71 -16.23
N LEU A 200 -15.82 21.79 -15.71
CA LEU A 200 -16.72 20.65 -15.74
C LEU A 200 -17.12 20.30 -17.16
N ARG A 201 -17.36 21.31 -18.00
CA ARG A 201 -17.78 21.08 -19.38
C ARG A 201 -16.73 20.36 -20.22
N GLU A 202 -15.47 20.78 -20.13
CA GLU A 202 -14.43 20.18 -20.95
C GLU A 202 -13.73 19.00 -20.28
N LYS A 203 -14.09 18.69 -19.04
CA LYS A 203 -13.50 17.55 -18.32
C LYS A 203 -11.97 17.63 -18.24
N GLU A 204 -11.43 18.83 -18.07
CA GLU A 204 -9.98 19.01 -17.95
C GLU A 204 -9.62 20.32 -17.29
N PHE A 205 -8.37 20.47 -16.91
CA PHE A 205 -7.94 21.72 -16.33
C PHE A 205 -7.66 22.74 -17.41
N ASN A 206 -7.47 23.99 -17.03
CA ASN A 206 -7.12 25.03 -17.98
C ASN A 206 -6.04 25.90 -17.35
N LYS A 207 -5.44 26.78 -18.14
CA LYS A 207 -4.41 27.66 -17.62
C LYS A 207 -4.96 28.45 -16.45
N GLY A 208 -4.29 28.38 -15.31
CA GLY A 208 -4.81 29.02 -14.11
C GLY A 208 -4.58 30.50 -13.91
N PRO A 209 -5.16 31.06 -12.83
CA PRO A 209 -5.03 32.49 -12.57
C PRO A 209 -3.59 33.00 -12.43
N TRP A 210 -2.73 32.34 -11.65
CA TRP A 210 -1.32 32.77 -11.59
C TRP A 210 -0.38 31.60 -11.81
N LYS A 211 0.86 31.66 -11.31
CA LYS A 211 1.82 30.60 -11.59
C LYS A 211 2.59 30.15 -10.36
N GLN A 212 3.74 29.52 -10.61
CA GLN A 212 4.43 28.76 -9.58
C GLN A 212 5.50 29.60 -8.89
N GLU A 213 5.27 29.88 -7.60
CA GLU A 213 6.12 30.71 -6.77
C GLU A 213 6.73 29.80 -5.70
N ASN A 214 8.05 29.63 -5.74
CA ASN A 214 8.73 28.74 -4.80
C ASN A 214 8.37 29.07 -3.37
N VAL A 215 7.77 28.11 -2.68
CA VAL A 215 7.42 28.27 -1.28
C VAL A 215 8.46 27.54 -0.43
N GLU A 216 8.41 27.77 0.87
CA GLU A 216 9.36 27.14 1.79
C GLU A 216 9.27 25.63 1.68
N ALA A 217 10.43 24.98 1.81
CA ALA A 217 10.55 23.54 1.59
C ALA A 217 9.61 22.73 2.48
N GLU A 218 8.98 23.36 3.47
CA GLU A 218 8.09 22.67 4.40
C GLU A 218 6.64 23.10 4.25
N ALA A 219 6.28 23.75 3.14
CA ALA A 219 4.92 24.28 3.02
C ALA A 219 3.91 23.13 3.10
N SER A 220 2.88 23.30 3.93
CA SER A 220 1.99 22.18 4.22
C SER A 220 0.50 22.52 4.27
N MET A 221 0.11 23.78 4.41
CA MET A 221 -1.30 24.15 4.39
C MET A 221 -1.59 25.23 3.36
N VAL A 222 -2.74 25.10 2.70
CA VAL A 222 -3.32 26.16 1.89
C VAL A 222 -4.56 26.66 2.61
N ILE A 223 -4.69 27.98 2.70
CA ILE A 223 -5.87 28.62 3.29
C ILE A 223 -6.49 29.51 2.25
N ALA A 224 -7.77 29.33 1.95
CA ALA A 224 -8.43 30.12 0.94
C ALA A 224 -9.05 31.37 1.53
N VAL A 225 -8.43 32.51 1.31
CA VAL A 225 -8.92 33.76 1.90
C VAL A 225 -10.11 34.24 1.11
N PRO A 226 -11.21 34.64 1.81
CA PRO A 226 -12.41 34.98 1.04
C PRO A 226 -12.35 36.18 0.11
N GLU A 227 -13.43 36.41 -0.62
CA GLU A 227 -13.49 37.46 -1.64
C GLU A 227 -12.90 38.80 -1.19
N PRO A 228 -13.25 39.31 0.02
CA PRO A 228 -12.65 40.62 0.32
C PRO A 228 -11.18 40.75 -0.07
N PHE A 229 -10.36 39.78 0.32
CA PHE A 229 -8.93 39.82 0.02
C PHE A 229 -8.57 38.94 -1.15
N GLY A 230 -9.16 37.75 -1.24
CA GLY A 230 -8.83 36.81 -2.30
C GLY A 230 -7.52 36.10 -2.07
N GLY A 231 -7.09 35.30 -3.03
CA GLY A 231 -5.80 34.62 -2.93
C GLY A 231 -5.81 33.48 -1.93
N ALA A 232 -4.61 33.08 -1.54
CA ALA A 232 -4.48 31.97 -0.62
C ALA A 232 -3.20 32.09 0.20
N ILE A 233 -3.25 31.64 1.45
CA ILE A 233 -2.09 31.69 2.32
C ILE A 233 -1.46 30.31 2.39
N ILE A 234 -0.19 30.20 2.03
CA ILE A 234 0.48 28.91 2.03
C ILE A 234 1.36 28.81 3.27
N ILE A 235 0.82 28.30 4.36
CA ILE A 235 1.57 28.21 5.61
C ILE A 235 2.67 27.17 5.47
N GLY A 236 3.85 27.51 5.98
CA GLY A 236 4.96 26.58 6.02
C GLY A 236 5.29 26.15 7.44
N GLN A 237 6.55 25.91 7.72
CA GLN A 237 7.01 25.64 9.07
C GLN A 237 7.67 26.83 9.73
N GLU A 238 8.36 27.67 8.95
CA GLU A 238 9.04 28.84 9.47
C GLU A 238 8.54 30.15 8.87
N SER A 239 8.03 30.14 7.64
CA SER A 239 7.58 31.35 6.96
C SER A 239 6.15 31.17 6.47
N ILE A 240 5.30 32.14 6.85
CA ILE A 240 3.92 32.15 6.37
C ILE A 240 3.96 33.09 5.18
N THR A 241 3.03 32.99 4.25
CA THR A 241 3.09 33.74 3.00
C THR A 241 1.69 33.90 2.40
N TYR A 242 1.63 34.73 1.37
CA TYR A 242 0.37 35.15 0.75
C TYR A 242 0.60 35.33 -0.74
N HIS A 243 -0.38 34.91 -1.56
CA HIS A 243 -0.19 34.83 -3.01
C HIS A 243 -1.44 35.29 -3.76
N ASN A 244 -2.01 36.43 -3.37
CA ASN A 244 -3.25 36.89 -3.97
C ASN A 244 -3.14 37.18 -5.47
N GLY A 245 -2.35 38.19 -5.82
CA GLY A 245 -2.25 38.67 -7.18
C GLY A 245 -0.81 38.81 -7.63
N ASP A 246 0.01 37.82 -7.27
CA ASP A 246 1.47 37.94 -7.24
C ASP A 246 1.91 38.98 -6.23
N LYS A 247 1.11 39.21 -5.20
CA LYS A 247 1.47 40.08 -4.08
C LYS A 247 2.12 39.27 -2.97
N TYR A 248 3.32 38.76 -3.25
CA TYR A 248 3.98 37.86 -2.33
C TYR A 248 4.31 38.58 -1.03
N LEU A 249 3.47 38.34 -0.02
CA LEU A 249 3.66 38.95 1.29
C LEU A 249 4.00 37.82 2.22
N ALA A 250 5.05 37.95 3.00
CA ALA A 250 5.53 36.88 3.84
C ALA A 250 6.11 37.45 5.12
N ILE A 251 6.16 36.59 6.15
CA ILE A 251 6.69 36.95 7.45
C ILE A 251 7.43 35.73 7.99
N ALA A 252 8.32 35.98 8.94
CA ALA A 252 9.08 34.92 9.62
C ALA A 252 9.00 35.14 11.13
N PRO A 253 7.84 34.87 11.74
CA PRO A 253 7.74 35.00 13.19
C PRO A 253 8.62 33.99 13.89
N PRO A 254 9.16 34.34 15.05
CA PRO A 254 10.01 33.37 15.78
C PRO A 254 9.20 32.30 16.48
N ILE A 255 8.01 32.65 16.99
CA ILE A 255 7.20 31.69 17.72
C ILE A 255 6.72 30.57 16.82
N ILE A 256 6.55 30.84 15.52
CA ILE A 256 6.14 29.79 14.59
C ILE A 256 7.20 28.71 14.48
N LYS A 257 8.46 29.09 14.65
CA LYS A 257 9.57 28.15 14.43
C LYS A 257 9.59 27.01 15.43
N GLN A 258 8.94 27.18 16.59
CA GLN A 258 9.02 26.16 17.63
C GLN A 258 8.38 24.85 17.19
N SER A 259 7.34 24.91 16.37
CA SER A 259 6.66 23.69 15.95
C SER A 259 5.84 23.98 14.69
N THR A 260 5.64 22.93 13.88
CA THR A 260 4.86 23.06 12.66
C THR A 260 3.37 23.23 12.96
N ILE A 261 2.71 24.07 12.14
CA ILE A 261 1.28 24.29 12.26
C ILE A 261 0.53 23.07 11.73
N VAL A 262 -0.60 22.76 12.36
CA VAL A 262 -1.37 21.56 12.03
C VAL A 262 -2.74 21.91 11.44
N CYS A 263 -3.52 22.72 12.14
CA CYS A 263 -4.90 22.98 11.75
C CYS A 263 -5.20 24.47 11.73
N HIS A 264 -6.20 24.85 10.93
CA HIS A 264 -6.57 26.24 10.73
C HIS A 264 -8.08 26.40 10.83
N ASN A 265 -8.56 27.62 11.03
CA ASN A 265 -9.99 27.86 11.21
C ASN A 265 -10.35 29.30 10.90
N ARG A 266 -11.54 29.55 10.33
CA ARG A 266 -11.89 30.91 9.95
C ARG A 266 -12.73 31.59 10.99
N VAL A 267 -12.20 32.64 11.60
CA VAL A 267 -12.92 33.31 12.67
C VAL A 267 -14.10 34.13 12.15
N ASP A 268 -13.87 34.97 11.14
CA ASP A 268 -14.93 35.83 10.62
C ASP A 268 -15.15 35.60 9.12
N PRO A 269 -16.40 35.72 8.66
CA PRO A 269 -16.66 35.59 7.22
C PRO A 269 -15.79 36.53 6.44
N ASN A 270 -15.46 37.69 6.99
CA ASN A 270 -14.57 38.66 6.37
C ASN A 270 -13.20 38.06 6.11
N GLY A 271 -12.88 36.96 6.76
CA GLY A 271 -11.60 36.32 6.56
C GLY A 271 -10.47 37.17 7.06
N SER A 272 -10.76 38.05 8.01
CA SER A 272 -9.74 38.94 8.54
C SER A 272 -9.00 38.32 9.71
N ARG A 273 -9.49 37.19 10.22
CA ARG A 273 -8.83 36.53 11.32
C ARG A 273 -8.83 35.02 11.16
N TYR A 274 -7.67 34.40 11.27
CA TYR A 274 -7.61 32.95 11.21
C TYR A 274 -6.91 32.42 12.45
N LEU A 275 -7.47 31.40 13.08
CA LEU A 275 -6.90 30.83 14.29
C LEU A 275 -6.13 29.60 13.90
N LEU A 276 -4.83 29.60 14.14
CA LEU A 276 -3.98 28.47 13.82
C LEU A 276 -3.71 27.63 15.04
N GLY A 277 -3.31 26.39 14.85
CA GLY A 277 -3.00 25.48 15.94
C GLY A 277 -1.93 24.49 15.54
N ASP A 278 -1.14 24.06 16.52
CA ASP A 278 -0.02 23.15 16.30
C ASP A 278 -0.07 22.04 17.35
N MET A 279 0.82 21.04 17.22
CA MET A 279 0.71 19.92 18.14
C MET A 279 1.47 20.16 19.43
N GLU A 280 2.23 21.26 19.52
CA GLU A 280 2.76 21.69 20.82
C GLU A 280 1.63 22.07 21.77
N GLY A 281 0.46 22.36 21.23
CA GLY A 281 -0.68 22.71 22.05
C GLY A 281 -0.81 24.21 22.18
N ARG A 282 -0.76 24.93 21.06
CA ARG A 282 -0.83 26.40 21.10
C ARG A 282 -1.80 26.96 20.07
N LEU A 283 -2.48 28.05 20.39
CA LEU A 283 -3.49 28.61 19.49
C LEU A 283 -3.11 29.95 18.90
N PHE A 284 -2.25 29.99 17.89
CA PHE A 284 -1.81 31.27 17.34
C PHE A 284 -2.90 31.98 16.57
N MET A 285 -2.66 33.20 16.09
CA MET A 285 -3.65 33.88 15.25
C MET A 285 -3.02 34.74 14.18
N LEU A 286 -3.29 34.46 12.90
CA LEU A 286 -2.73 35.19 11.78
C LEU A 286 -3.59 36.36 11.41
N LEU A 287 -3.61 37.39 12.26
CA LEU A 287 -4.48 38.52 12.03
C LEU A 287 -4.22 39.16 10.68
N LEU A 288 -5.20 39.12 9.80
CA LEU A 288 -5.05 39.76 8.50
C LEU A 288 -5.49 41.21 8.61
N GLU A 289 -4.56 42.09 8.95
CA GLU A 289 -4.89 43.50 9.03
C GLU A 289 -5.23 44.00 7.65
N LYS A 290 -6.46 44.45 7.46
CA LYS A 290 -6.92 44.86 6.12
C LYS A 290 -6.27 46.14 5.58
N GLU A 291 -6.41 46.35 4.27
CA GLU A 291 -5.80 47.53 3.65
C GLU A 291 -6.60 48.18 2.55
N GLU A 292 -7.23 49.30 2.85
CA GLU A 292 -7.94 50.08 1.83
C GLU A 292 -7.00 50.83 0.91
N VAL A 298 -10.46 46.14 -0.84
CA VAL A 298 -9.51 45.94 0.24
C VAL A 298 -8.41 44.91 -0.02
N THR A 299 -7.16 45.38 -0.02
CA THR A 299 -6.03 44.45 -0.16
C THR A 299 -5.47 44.09 1.21
N LEU A 300 -4.32 43.44 1.25
CA LEU A 300 -3.73 43.04 2.53
C LEU A 300 -2.60 43.96 2.91
N LYS A 301 -2.62 44.44 4.15
CA LYS A 301 -1.56 45.31 4.61
C LYS A 301 -0.42 44.49 5.18
N ASP A 302 -0.73 43.61 6.13
CA ASP A 302 0.30 42.74 6.72
C ASP A 302 -0.27 41.54 7.46
N LEU A 303 0.59 40.56 7.72
CA LEU A 303 0.18 39.39 8.46
C LEU A 303 1.02 39.34 9.73
N ARG A 304 0.41 39.10 10.89
CA ARG A 304 1.19 38.97 12.13
C ARG A 304 0.71 37.81 13.00
N VAL A 305 1.56 37.32 13.91
CA VAL A 305 1.17 36.16 14.73
C VAL A 305 1.30 36.42 16.21
N GLU A 306 0.27 36.06 16.98
CA GLU A 306 0.31 36.22 18.42
C GLU A 306 -0.22 34.95 19.07
N LEU A 307 0.50 34.44 20.07
CA LEU A 307 0.09 33.25 20.79
C LEU A 307 -1.00 33.58 21.80
N LEU A 308 -2.12 32.85 21.73
CA LEU A 308 -3.21 33.13 22.66
C LEU A 308 -3.09 32.26 23.93
N GLY A 309 -2.70 31.01 23.76
CA GLY A 309 -2.65 30.17 24.92
C GLY A 309 -2.35 28.73 24.65
N GLU A 310 -2.78 27.88 25.57
CA GLU A 310 -2.49 26.48 25.44
C GLU A 310 -3.71 25.63 25.57
N THR A 311 -3.95 24.81 24.57
CA THR A 311 -5.05 23.88 24.63
C THR A 311 -4.43 22.50 24.49
N SER A 312 -5.25 21.47 24.33
CA SER A 312 -4.71 20.14 24.11
C SER A 312 -4.18 19.99 22.69
N ILE A 313 -3.70 18.79 22.36
CA ILE A 313 -3.06 18.51 21.08
C ILE A 313 -4.10 18.76 20.00
N ALA A 314 -3.96 19.83 19.22
CA ALA A 314 -5.00 20.19 18.26
C ALA A 314 -5.09 19.18 17.11
N GLU A 315 -6.32 18.85 16.74
CA GLU A 315 -6.63 18.07 15.54
C GLU A 315 -7.49 18.84 14.55
N CYS A 316 -8.59 19.43 15.02
CA CYS A 316 -9.47 20.22 14.17
C CYS A 316 -10.06 21.35 15.01
N LEU A 317 -9.91 22.57 14.53
CA LEU A 317 -10.34 23.75 15.26
C LEU A 317 -11.53 24.39 14.57
N THR A 318 -12.54 24.78 15.35
CA THR A 318 -13.71 25.47 14.84
C THR A 318 -14.09 26.59 15.79
N TYR A 319 -14.42 27.74 15.21
CA TYR A 319 -14.84 28.88 16.00
C TYR A 319 -16.33 28.91 16.07
N LEU A 320 -16.86 29.20 17.24
CA LEU A 320 -18.28 29.24 17.51
C LEU A 320 -18.65 30.58 18.13
N ASP A 321 -19.91 30.71 18.51
CA ASP A 321 -20.43 31.99 18.97
C ASP A 321 -19.79 32.41 20.28
N ASN A 322 -19.72 33.72 20.50
CA ASN A 322 -19.24 34.31 21.75
C ASN A 322 -17.79 33.93 22.05
N GLY A 323 -17.00 33.73 21.00
CA GLY A 323 -15.57 33.53 21.20
C GLY A 323 -15.19 32.20 21.79
N VAL A 324 -16.09 31.21 21.71
CA VAL A 324 -15.84 29.88 22.27
C VAL A 324 -15.26 29.01 21.16
N VAL A 325 -13.96 28.77 21.21
CA VAL A 325 -13.27 27.98 20.19
C VAL A 325 -13.26 26.52 20.64
N PHE A 326 -13.82 25.64 19.81
CA PHE A 326 -13.77 24.22 20.10
C PHE A 326 -12.43 23.66 19.64
N VAL A 327 -11.76 22.93 20.52
CA VAL A 327 -10.46 22.32 20.23
C VAL A 327 -10.70 20.81 20.16
N GLY A 328 -10.98 20.30 18.97
CA GLY A 328 -11.03 18.87 18.77
C GLY A 328 -9.63 18.29 18.88
N SER A 329 -9.42 17.35 19.81
CA SER A 329 -8.11 16.76 19.98
C SER A 329 -8.19 15.26 19.75
N ARG A 330 -7.09 14.71 19.25
CA ARG A 330 -6.98 13.28 18.94
C ARG A 330 -6.09 12.53 19.91
N LEU A 331 -4.95 13.12 20.27
CA LEU A 331 -4.00 12.52 21.20
C LEU A 331 -4.31 12.87 22.65
N GLY A 332 -5.39 13.59 22.89
CA GLY A 332 -5.77 13.93 24.25
C GLY A 332 -7.23 14.30 24.29
N ASP A 333 -7.72 14.49 25.50
CA ASP A 333 -9.13 14.80 25.67
C ASP A 333 -9.48 16.22 25.23
N SER A 334 -10.65 16.35 24.59
CA SER A 334 -11.04 17.56 23.88
C SER A 334 -11.47 18.66 24.84
N GLN A 335 -11.39 19.90 24.37
CA GLN A 335 -11.62 21.06 25.21
C GLN A 335 -12.55 22.04 24.51
N LEU A 336 -13.26 22.83 25.31
CA LEU A 336 -14.08 23.93 24.82
C LEU A 336 -13.50 25.22 25.39
N VAL A 337 -12.46 25.72 24.72
CA VAL A 337 -11.75 26.89 25.24
C VAL A 337 -12.50 28.17 24.88
N LYS A 338 -12.32 29.20 25.70
CA LYS A 338 -12.96 30.49 25.49
C LYS A 338 -11.91 31.59 25.44
N LEU A 339 -12.00 32.45 24.43
CA LEU A 339 -11.06 33.55 24.25
C LEU A 339 -11.50 34.75 25.07
N ASN A 340 -10.55 35.37 25.76
CA ASN A 340 -10.79 36.60 26.51
C ASN A 340 -10.14 37.76 25.77
N VAL A 341 -10.90 38.84 25.57
CA VAL A 341 -10.35 40.02 24.91
C VAL A 341 -9.26 40.65 25.76
N ASP A 342 -9.38 40.52 27.09
CA ASP A 342 -8.34 41.02 27.98
C ASP A 342 -7.45 39.87 28.47
N SER A 343 -6.18 40.21 28.66
CA SER A 343 -5.16 39.30 29.16
C SER A 343 -5.39 38.93 30.62
N ASN A 344 -5.23 37.66 30.94
CA ASN A 344 -5.25 37.23 32.34
C ASN A 344 -3.87 37.47 32.97
N GLU A 345 -3.80 37.30 34.29
CA GLU A 345 -2.54 37.53 34.99
C GLU A 345 -1.44 36.61 34.49
N GLN A 346 -1.80 35.38 34.09
CA GLN A 346 -0.78 34.42 33.65
C GLN A 346 -0.12 34.83 32.34
N GLY A 347 -0.85 35.51 31.46
CA GLY A 347 -0.34 35.82 30.14
C GLY A 347 -0.92 34.97 29.02
N SER A 348 -2.11 34.41 29.23
CA SER A 348 -2.74 33.59 28.20
C SER A 348 -4.20 33.96 28.04
N TYR A 349 -4.57 34.39 26.85
CA TYR A 349 -5.94 34.84 26.60
C TYR A 349 -6.95 33.70 26.79
N VAL A 350 -6.52 32.48 26.50
CA VAL A 350 -7.45 31.35 26.56
C VAL A 350 -7.74 30.88 27.96
N VAL A 351 -8.92 30.34 28.13
CA VAL A 351 -9.29 29.78 29.43
C VAL A 351 -10.12 28.52 29.21
N ALA A 352 -9.72 27.42 29.85
CA ALA A 352 -10.46 26.17 29.73
C ALA A 352 -11.82 26.30 30.38
N MET A 353 -12.84 25.73 29.75
CA MET A 353 -14.19 25.78 30.29
C MET A 353 -14.75 24.39 30.55
N GLU A 354 -14.68 23.50 29.57
CA GLU A 354 -15.17 22.14 29.70
C GLU A 354 -14.15 21.18 29.11
N THR A 355 -14.16 19.94 29.62
CA THR A 355 -13.19 18.94 29.23
C THR A 355 -13.91 17.63 28.95
N PHE A 356 -14.11 17.32 27.67
CA PHE A 356 -14.60 16.02 27.25
C PHE A 356 -13.49 14.98 27.37
N THR A 357 -13.88 13.72 27.48
CA THR A 357 -12.94 12.63 27.74
C THR A 357 -12.59 11.88 26.45
N ASN A 358 -11.30 11.76 26.17
CA ASN A 358 -10.76 10.93 25.10
C ASN A 358 -9.89 9.84 25.72
N LEU A 359 -10.27 8.59 25.54
CA LEU A 359 -9.43 7.50 26.02
C LEU A 359 -8.31 7.13 25.05
N GLY A 360 -8.30 7.68 23.84
CA GLY A 360 -7.25 7.37 22.90
C GLY A 360 -6.06 8.30 23.01
N PRO A 361 -4.90 7.85 22.52
CA PRO A 361 -4.65 6.49 22.06
C PRO A 361 -4.32 5.53 23.20
N ILE A 362 -5.00 4.39 23.25
CA ILE A 362 -4.65 3.36 24.24
C ILE A 362 -3.45 2.60 23.72
N VAL A 363 -2.40 2.51 24.54
CA VAL A 363 -1.18 1.83 24.16
C VAL A 363 -1.05 0.48 24.84
N ASP A 364 -1.38 0.40 26.13
CA ASP A 364 -1.29 -0.84 26.89
C ASP A 364 -2.23 -0.75 28.08
N MET A 365 -2.84 -1.87 28.46
CA MET A 365 -3.69 -1.85 29.64
C MET A 365 -3.58 -3.20 30.35
N CYS A 366 -4.19 -3.26 31.53
CA CYS A 366 -4.31 -4.52 32.26
C CYS A 366 -5.56 -4.46 33.14
N VAL A 367 -6.26 -5.59 33.24
CA VAL A 367 -7.44 -5.69 34.09
C VAL A 367 -6.97 -6.01 35.51
N VAL A 368 -7.21 -5.11 36.44
CA VAL A 368 -6.77 -5.26 37.82
C VAL A 368 -7.99 -5.27 38.72
N ASP A 369 -8.24 -6.39 39.38
CA ASP A 369 -9.35 -6.44 40.33
C ASP A 369 -8.81 -6.10 41.71
N LEU A 370 -9.02 -4.87 42.14
CA LEU A 370 -8.47 -4.44 43.43
C LEU A 370 -9.56 -4.14 44.45
N GLU A 371 -10.55 -3.34 44.07
CA GLU A 371 -11.57 -2.91 45.02
C GLU A 371 -12.31 -4.05 45.70
N ARG A 372 -12.82 -5.00 44.92
CA ARG A 372 -13.60 -6.09 45.48
C ARG A 372 -13.00 -7.44 45.15
N GLN A 373 -11.73 -7.47 44.77
CA GLN A 373 -11.12 -8.73 44.32
C GLN A 373 -12.07 -9.35 43.31
N GLY A 374 -12.81 -8.50 42.60
CA GLY A 374 -13.75 -8.95 41.60
C GLY A 374 -14.29 -7.75 40.87
N GLN A 375 -14.79 -7.95 39.64
CA GLN A 375 -15.24 -6.82 38.82
C GLN A 375 -14.06 -5.87 38.64
N GLY A 376 -13.02 -6.32 37.96
CA GLY A 376 -11.82 -5.51 37.82
C GLY A 376 -11.90 -4.23 37.06
N GLN A 377 -10.91 -3.38 37.24
CA GLN A 377 -10.91 -2.10 36.57
C GLN A 377 -9.77 -1.99 35.57
N LEU A 378 -10.05 -1.47 34.39
CA LEU A 378 -9.04 -1.35 33.35
C LEU A 378 -8.19 -0.11 33.60
N VAL A 379 -6.91 -0.31 33.90
CA VAL A 379 -5.96 0.80 34.03
C VAL A 379 -5.24 0.91 32.69
N THR A 380 -5.71 1.83 31.84
CA THR A 380 -5.20 1.98 30.48
C THR A 380 -4.20 3.13 30.39
N CYS A 381 -3.18 2.95 29.55
CA CYS A 381 -2.17 3.99 29.28
C CYS A 381 -2.65 4.83 28.11
N SER A 382 -3.49 5.82 28.40
CA SER A 382 -4.08 6.67 27.38
C SER A 382 -3.26 7.93 27.14
N GLY A 383 -3.31 8.44 25.92
CA GLY A 383 -2.73 9.72 25.59
C GLY A 383 -1.26 9.64 25.19
N ALA A 384 -0.74 10.79 24.78
CA ALA A 384 0.65 10.92 24.37
C ALA A 384 1.08 12.36 24.55
N PHE A 385 2.40 12.56 24.59
CA PHE A 385 3.02 13.89 24.77
C PHE A 385 2.46 14.53 26.04
N LYS A 386 2.00 15.77 25.98
CA LYS A 386 1.53 16.46 27.19
C LYS A 386 0.22 15.95 27.75
N GLU A 387 -0.54 15.23 26.95
CA GLU A 387 -1.85 14.74 27.35
C GLU A 387 -1.84 13.33 27.93
N GLY A 388 -0.66 12.71 28.04
CA GLY A 388 -0.57 11.35 28.54
C GLY A 388 -1.09 11.19 29.97
N SER A 389 -1.86 10.13 30.20
CA SER A 389 -2.54 9.96 31.47
C SER A 389 -2.87 8.48 31.67
N LEU A 390 -3.39 8.15 32.86
CA LEU A 390 -3.84 6.80 33.19
C LEU A 390 -5.34 6.86 33.47
N ARG A 391 -6.14 6.32 32.57
CA ARG A 391 -7.59 6.30 32.74
C ARG A 391 -8.00 5.01 33.46
N ILE A 392 -8.78 5.09 34.52
CA ILE A 392 -9.12 3.87 35.25
C ILE A 392 -10.53 3.45 34.91
N ILE A 393 -10.74 3.01 33.67
CA ILE A 393 -12.07 2.63 33.23
C ILE A 393 -12.62 1.51 34.09
N ARG A 394 -13.83 1.67 34.59
CA ARG A 394 -14.39 0.68 35.49
C ARG A 394 -15.87 0.53 35.25
N ASN A 395 -16.36 -0.70 35.27
CA ASN A 395 -17.77 -0.94 35.03
C ASN A 395 -18.63 -0.37 36.13
N GLY A 396 -19.81 0.11 35.78
CA GLY A 396 -20.71 0.68 36.78
C GLY A 396 -21.88 1.40 36.14
N LYS A 409 -21.65 5.98 31.23
CA LYS A 409 -21.81 4.65 31.80
C LYS A 409 -20.53 4.18 32.47
N LEU A 410 -19.57 3.76 31.66
CA LEU A 410 -18.31 3.28 32.21
C LEU A 410 -17.56 4.43 32.88
N HIS A 411 -17.34 4.34 34.19
CA HIS A 411 -16.67 5.42 34.93
C HIS A 411 -15.22 5.60 34.56
N ILE A 412 -14.81 6.82 34.29
CA ILE A 412 -13.43 7.12 33.90
C ILE A 412 -12.80 8.06 34.93
N ARG A 413 -11.88 7.53 35.75
CA ARG A 413 -11.06 8.35 36.62
C ARG A 413 -9.75 8.63 35.91
N THR A 414 -9.42 9.91 35.72
CA THR A 414 -8.24 10.29 34.96
C THR A 414 -7.13 10.72 35.93
N VAL A 415 -5.95 10.13 35.78
CA VAL A 415 -4.78 10.50 36.56
C VAL A 415 -3.70 11.00 35.61
N PRO A 416 -3.54 12.32 35.45
CA PRO A 416 -2.56 12.83 34.49
C PRO A 416 -1.14 12.42 34.85
N LEU A 417 -0.35 12.13 33.81
CA LEU A 417 1.07 11.85 33.95
C LEU A 417 1.95 12.88 33.26
N TYR A 418 1.37 13.71 32.41
CA TYR A 418 2.02 14.88 31.82
C TYR A 418 3.08 14.47 30.81
N GLU A 419 3.07 13.19 30.42
CA GLU A 419 4.10 12.54 29.63
C GLU A 419 3.53 11.24 29.08
N SER A 420 4.02 10.83 27.92
CA SER A 420 3.40 9.72 27.21
C SER A 420 3.59 8.42 27.98
N PRO A 421 2.52 7.69 28.30
CA PRO A 421 2.67 6.38 28.93
C PRO A 421 2.89 5.29 27.91
N ARG A 422 3.96 4.50 28.05
CA ARG A 422 4.24 3.47 27.06
C ARG A 422 3.67 2.11 27.45
N LYS A 423 4.14 1.55 28.56
CA LYS A 423 3.74 0.23 29.00
C LYS A 423 3.30 0.27 30.45
N ILE A 424 2.50 -0.72 30.85
CA ILE A 424 2.02 -0.83 32.21
C ILE A 424 2.00 -2.30 32.61
N CYS A 425 2.30 -2.56 33.87
CA CYS A 425 2.23 -3.90 34.42
C CYS A 425 2.04 -3.79 35.92
N TYR A 426 1.44 -4.83 36.52
CA TYR A 426 0.94 -4.75 37.88
C TYR A 426 1.62 -5.80 38.74
N GLN A 427 2.20 -5.36 39.86
CA GLN A 427 2.79 -6.26 40.86
C GLN A 427 1.83 -6.32 42.04
N GLU A 428 1.16 -7.47 42.19
CA GLU A 428 0.12 -7.59 43.21
C GLU A 428 0.71 -7.54 44.62
N VAL A 429 1.79 -8.28 44.85
CA VAL A 429 2.31 -8.41 46.21
C VAL A 429 2.85 -7.08 46.74
N SER A 430 3.34 -6.21 45.85
CA SER A 430 3.89 -4.93 46.29
C SER A 430 2.90 -3.78 46.22
N GLN A 431 1.70 -4.01 45.66
CA GLN A 431 0.67 -2.97 45.54
C GLN A 431 1.19 -1.77 44.76
N CYS A 432 1.52 -1.99 43.49
CA CYS A 432 2.07 -0.91 42.68
C CYS A 432 1.90 -1.21 41.19
N PHE A 433 1.87 -0.13 40.39
CA PHE A 433 1.76 -0.20 38.94
C PHE A 433 3.02 0.39 38.32
N GLY A 434 3.85 -0.46 37.71
CA GLY A 434 4.96 0.03 36.92
C GLY A 434 4.47 0.59 35.60
N VAL A 435 4.89 1.81 35.26
CA VAL A 435 4.50 2.46 34.02
C VAL A 435 5.73 3.11 33.41
N LEU A 436 6.26 2.49 32.35
CA LEU A 436 7.31 3.13 31.56
C LEU A 436 6.74 4.37 30.86
N SER A 437 7.55 5.41 30.77
CA SER A 437 7.09 6.67 30.19
C SER A 437 8.28 7.42 29.60
N SER A 438 7.97 8.40 28.76
CA SER A 438 8.99 9.23 28.12
C SER A 438 8.50 10.65 28.00
N ARG A 439 9.39 11.60 28.23
CA ARG A 439 9.07 13.02 28.12
C ARG A 439 10.06 13.68 27.17
N ILE A 440 9.55 14.43 26.20
CA ILE A 440 10.40 15.12 25.24
C ILE A 440 11.22 16.17 25.99
N GLU A 441 12.51 16.24 25.69
CA GLU A 441 13.42 17.14 26.37
C GLU A 441 14.27 17.87 25.33
N VAL A 442 14.38 19.18 25.49
CA VAL A 442 15.14 19.99 24.55
C VAL A 442 16.62 19.62 24.62
N GLN A 443 17.28 19.62 23.47
CA GLN A 443 18.71 19.33 23.42
C GLN A 443 19.52 20.43 24.10
N THR A 449 20.61 19.25 28.64
CA THR A 449 19.21 18.97 28.42
C THR A 449 18.34 19.63 29.47
N THR A 450 17.28 20.31 29.02
CA THR A 450 16.35 21.00 29.93
C THR A 450 14.93 20.57 29.58
N ALA A 451 14.17 20.18 30.60
CA ALA A 451 12.81 19.70 30.40
C ALA A 451 11.92 20.80 29.85
N LEU A 452 10.95 20.40 29.03
CA LEU A 452 10.02 21.36 28.40
C LEU A 452 8.88 21.72 29.35
N ARG A 453 8.05 20.74 29.68
CA ARG A 453 6.94 20.93 30.60
C ARG A 453 7.17 20.07 31.83
N PRO A 454 7.08 20.61 33.04
CA PRO A 454 7.27 19.76 34.22
C PRO A 454 6.26 18.63 34.23
N SER A 455 6.71 17.42 34.55
CA SER A 455 5.81 16.27 34.51
C SER A 455 5.62 15.58 35.86
N ALA A 456 4.83 14.51 35.88
CA ALA A 456 4.64 13.75 37.12
C ALA A 456 5.95 13.10 37.53
N SER A 457 6.75 12.68 36.56
CA SER A 457 8.06 12.10 36.85
C SER A 457 8.95 13.12 37.54
N THR A 458 8.91 14.36 37.07
CA THR A 458 9.70 15.43 37.69
C THR A 458 9.29 15.60 39.14
N GLN A 459 7.99 15.63 39.39
CA GLN A 459 7.49 15.78 40.76
C GLN A 459 7.24 14.42 41.42
N ALA A 460 8.30 13.64 41.61
CA ALA A 460 8.17 12.33 42.24
C ALA A 460 8.63 12.36 43.69
N LEU A 461 8.05 11.49 44.52
CA LEU A 461 8.42 11.44 45.93
C LEU A 461 9.89 11.06 46.11
N SER A 462 10.42 10.26 45.19
CA SER A 462 11.84 9.96 45.19
C SER A 462 12.26 9.53 43.78
N SER A 463 13.55 9.68 43.49
CA SER A 463 14.04 9.39 42.15
C SER A 463 15.51 8.99 42.22
N SER A 464 15.99 8.39 41.14
CA SER A 464 17.37 7.96 41.01
C SER A 464 17.66 7.76 39.53
N VAL A 465 18.95 7.71 39.19
CA VAL A 465 19.38 7.44 37.84
C VAL A 465 20.12 6.11 37.81
N SER A 466 19.97 5.40 36.70
CA SER A 466 20.67 4.12 36.57
C SER A 466 22.17 4.35 36.60
N SER A 467 22.86 3.54 37.41
CA SER A 467 24.31 3.59 37.49
C SER A 467 24.97 2.61 36.55
N SER A 468 24.18 2.01 35.65
CA SER A 468 24.72 1.02 34.73
C SER A 468 25.82 1.64 33.89
N LYS A 469 26.93 0.91 33.74
CA LYS A 469 28.10 1.36 33.01
C LYS A 469 28.19 0.68 31.65
N LEU A 470 27.04 0.44 31.02
CA LEU A 470 26.99 -0.30 29.77
C LEU A 470 26.49 0.59 28.63
N GLU A 485 14.96 17.25 19.47
CA GLU A 485 14.43 16.87 20.77
C GLU A 485 14.83 15.43 21.09
N VAL A 486 15.25 15.16 22.32
CA VAL A 486 15.68 13.81 22.73
C VAL A 486 14.78 13.34 23.86
N GLU A 487 14.05 12.25 23.62
CA GLU A 487 13.24 11.64 24.66
C GLU A 487 14.10 11.02 25.73
N VAL A 488 13.63 11.04 26.97
CA VAL A 488 14.29 10.39 28.10
C VAL A 488 13.28 9.50 28.82
N HIS A 489 13.42 8.19 28.64
CA HIS A 489 12.51 7.23 29.26
C HIS A 489 12.78 7.08 30.75
N ASN A 490 11.73 6.80 31.52
CA ASN A 490 11.92 6.38 32.90
C ASN A 490 10.71 5.56 33.32
N LEU A 491 10.82 4.91 34.48
CA LEU A 491 9.76 4.08 35.01
C LEU A 491 9.02 4.77 36.16
N LEU A 492 7.70 4.81 36.06
CA LEU A 492 6.82 5.49 37.03
C LEU A 492 6.04 4.44 37.81
N ILE A 493 6.57 4.02 38.94
CA ILE A 493 5.82 3.16 39.85
C ILE A 493 4.74 4.01 40.54
N ILE A 494 3.57 3.42 40.76
CA ILE A 494 2.40 4.15 41.22
C ILE A 494 1.69 3.33 42.28
N ASP A 495 1.34 3.97 43.39
CA ASP A 495 0.58 3.30 44.44
C ASP A 495 -0.82 2.97 43.95
N GLN A 496 -1.38 1.90 44.50
CA GLN A 496 -2.71 1.47 44.09
C GLN A 496 -3.82 2.35 44.63
N HIS A 497 -3.54 3.30 45.54
CA HIS A 497 -4.67 3.94 46.19
C HIS A 497 -4.75 5.42 45.81
N THR A 498 -3.71 6.18 46.18
CA THR A 498 -3.68 7.61 45.88
C THR A 498 -3.24 7.90 44.45
N PHE A 499 -2.67 6.90 43.78
CA PHE A 499 -2.20 7.00 42.40
C PHE A 499 -1.18 8.13 42.24
N GLU A 500 -0.39 8.36 43.27
CA GLU A 500 0.77 9.24 43.19
C GLU A 500 1.98 8.47 42.69
N VAL A 501 2.98 9.19 42.19
CA VAL A 501 4.19 8.59 41.66
C VAL A 501 5.16 8.38 42.82
N LEU A 502 5.25 7.13 43.29
CA LEU A 502 6.11 6.83 44.44
C LEU A 502 7.59 7.00 44.10
N HIS A 503 7.97 6.64 42.88
CA HIS A 503 9.37 6.68 42.46
C HIS A 503 9.42 6.92 40.95
N ALA A 504 10.58 7.36 40.48
CA ALA A 504 10.77 7.52 39.04
C ALA A 504 12.24 7.24 38.74
N HIS A 505 12.52 5.99 38.39
CA HIS A 505 13.89 5.58 38.10
C HIS A 505 14.23 5.96 36.67
N GLN A 506 14.87 7.11 36.50
CA GLN A 506 15.30 7.55 35.19
C GLN A 506 16.41 6.67 34.67
N PHE A 507 16.34 6.31 33.39
CA PHE A 507 17.32 5.43 32.79
C PHE A 507 18.52 6.22 32.29
N LEU A 508 19.48 5.52 31.68
CA LEU A 508 20.69 6.14 31.18
C LEU A 508 20.38 7.11 30.05
N GLN A 509 21.37 7.93 29.70
CA GLN A 509 21.24 8.82 28.56
C GLN A 509 21.07 8.00 27.28
N ASN A 510 20.23 8.49 26.38
CA ASN A 510 19.92 7.82 25.12
C ASN A 510 19.43 6.39 25.36
N GLU A 511 18.40 6.26 26.19
CA GLU A 511 17.96 4.93 26.57
C GLU A 511 16.49 4.83 26.16
N TYR A 512 16.08 3.71 25.57
CA TYR A 512 14.68 3.44 25.27
C TYR A 512 14.21 2.18 25.98
N ALA A 513 13.28 2.35 26.93
CA ALA A 513 12.61 1.23 27.57
C ALA A 513 11.41 0.82 26.71
N LEU A 514 11.38 -0.43 26.27
CA LEU A 514 10.33 -0.84 25.36
C LEU A 514 9.32 -1.80 25.96
N SER A 515 9.68 -2.52 27.02
CA SER A 515 8.86 -3.61 27.52
C SER A 515 9.03 -3.75 29.03
N LEU A 516 7.97 -4.22 29.68
CA LEU A 516 7.93 -4.33 31.14
C LEU A 516 7.01 -5.48 31.53
N VAL A 517 7.51 -6.37 32.40
CA VAL A 517 6.73 -7.47 32.95
C VAL A 517 7.05 -7.63 34.43
N SER A 518 6.03 -7.93 35.22
CA SER A 518 6.17 -8.16 36.65
C SER A 518 5.91 -9.64 36.92
N CYS A 519 6.96 -10.37 37.30
CA CYS A 519 6.82 -11.80 37.50
C CYS A 519 7.99 -12.30 38.34
N LYS A 520 7.72 -13.29 39.18
CA LYS A 520 8.80 -13.90 39.94
C LYS A 520 9.50 -14.88 39.03
N LEU A 521 10.82 -14.76 38.92
CA LEU A 521 11.55 -15.61 38.00
C LEU A 521 12.01 -16.89 38.65
N GLY A 522 11.52 -18.02 38.16
CA GLY A 522 11.95 -19.31 38.66
C GLY A 522 11.93 -19.55 40.14
N LYS A 523 13.06 -19.99 40.69
CA LYS A 523 13.14 -20.32 42.11
C LYS A 523 12.86 -19.15 43.06
N ASP A 524 13.46 -17.99 42.78
CA ASP A 524 13.30 -16.86 43.70
C ASP A 524 11.84 -16.48 43.91
N PRO A 525 11.41 -16.40 45.17
CA PRO A 525 10.00 -16.12 45.45
C PRO A 525 9.61 -14.67 45.20
N ASN A 526 10.57 -13.76 45.20
CA ASN A 526 10.23 -12.35 45.07
C ASN A 526 9.91 -11.97 43.64
N THR A 527 8.77 -11.34 43.42
CA THR A 527 8.44 -10.84 42.10
C THR A 527 9.33 -9.66 41.73
N TYR A 528 9.62 -9.55 40.44
CA TYR A 528 10.52 -8.51 40.00
C TYR A 528 10.02 -7.71 38.81
N PHE A 529 10.34 -6.42 38.76
CA PHE A 529 10.03 -5.55 37.62
C PHE A 529 11.18 -5.64 36.63
N ILE A 530 10.93 -6.19 35.46
CA ILE A 530 11.98 -6.36 34.45
C ILE A 530 11.66 -5.44 33.28
N VAL A 531 12.54 -4.48 33.02
CA VAL A 531 12.34 -3.49 31.97
C VAL A 531 13.28 -3.83 30.82
N GLY A 532 12.73 -3.86 29.61
CA GLY A 532 13.53 -4.16 28.45
C GLY A 532 14.05 -2.91 27.75
N THR A 533 15.28 -2.52 28.08
CA THR A 533 15.84 -1.27 27.60
C THR A 533 16.67 -1.49 26.32
N ALA A 534 16.89 -0.39 25.58
CA ALA A 534 17.65 -0.47 24.34
C ALA A 534 18.32 0.87 24.05
N MET A 535 19.65 0.84 23.85
CA MET A 535 20.40 2.03 23.50
C MET A 535 20.02 2.48 22.10
N VAL A 536 19.83 3.79 21.91
CA VAL A 536 19.60 4.38 20.58
C VAL A 536 20.41 5.67 20.51
N TYR A 537 21.61 5.59 19.92
CA TYR A 537 22.47 6.76 19.77
C TYR A 537 22.07 7.57 18.54
N PRO A 538 21.99 8.90 18.68
CA PRO A 538 21.61 9.72 17.52
C PRO A 538 22.56 9.58 16.33
N GLU A 539 23.85 9.39 16.57
CA GLU A 539 24.78 9.21 15.46
C GLU A 539 24.56 7.88 14.75
N GLU A 540 24.32 6.82 15.52
CA GLU A 540 24.02 5.52 14.93
C GLU A 540 22.60 5.49 14.36
N ALA A 541 22.38 4.61 13.41
CA ALA A 541 21.05 4.46 12.86
C ALA A 541 20.34 3.31 13.56
N GLU A 542 20.81 2.08 13.37
CA GLU A 542 20.16 0.93 13.96
C GLU A 542 20.40 0.87 15.46
N PRO A 543 19.40 0.46 16.24
CA PRO A 543 19.65 0.14 17.65
C PRO A 543 20.27 -1.24 17.77
N LYS A 544 21.58 -1.31 18.01
CA LYS A 544 22.26 -2.60 18.07
C LYS A 544 22.70 -3.01 19.46
N GLN A 545 22.92 -2.07 20.37
CA GLN A 545 23.22 -2.38 21.76
C GLN A 545 21.97 -2.21 22.60
N GLY A 546 21.68 -3.22 23.44
CA GLY A 546 20.55 -3.17 24.34
C GLY A 546 20.92 -3.74 25.70
N ARG A 547 19.96 -3.72 26.61
CA ARG A 547 20.20 -4.20 27.96
C ARG A 547 18.88 -4.61 28.61
N ILE A 548 18.93 -5.66 29.42
CA ILE A 548 17.77 -6.14 30.17
C ILE A 548 18.08 -5.94 31.65
N VAL A 549 17.35 -5.04 32.30
CA VAL A 549 17.52 -4.74 33.71
C VAL A 549 16.34 -5.30 34.49
N VAL A 550 16.64 -5.99 35.59
CA VAL A 550 15.63 -6.52 36.50
C VAL A 550 15.63 -5.67 37.77
N PHE A 551 14.44 -5.27 38.21
CA PHE A 551 14.26 -4.46 39.40
C PHE A 551 13.39 -5.19 40.42
N GLN A 552 13.47 -4.73 41.66
CA GLN A 552 12.65 -5.27 42.74
C GLN A 552 12.22 -4.12 43.64
N TYR A 553 10.91 -4.00 43.88
CA TYR A 553 10.40 -2.88 44.66
C TYR A 553 10.42 -3.24 46.14
N SER A 554 11.55 -2.92 46.78
CA SER A 554 11.60 -2.96 48.23
C SER A 554 10.69 -1.89 48.79
N ASP A 555 10.19 -2.11 50.00
CA ASP A 555 9.24 -1.18 50.59
C ASP A 555 9.90 0.19 50.82
N GLY A 556 9.52 1.16 50.00
CA GLY A 556 10.00 2.52 50.11
C GLY A 556 11.11 2.90 49.14
N LYS A 557 11.77 1.93 48.51
CA LYS A 557 12.85 2.23 47.59
C LYS A 557 12.91 1.16 46.50
N LEU A 558 13.22 1.60 45.28
CA LEU A 558 13.41 0.70 44.15
C LEU A 558 14.90 0.46 43.95
N GLN A 559 15.25 -0.78 43.59
CA GLN A 559 16.66 -1.14 43.40
C GLN A 559 16.77 -2.22 42.35
N THR A 560 17.70 -2.05 41.41
CA THR A 560 17.95 -3.06 40.40
C THR A 560 18.58 -4.31 41.02
N VAL A 561 18.21 -5.47 40.49
CA VAL A 561 18.77 -6.73 40.98
C VAL A 561 19.97 -7.16 40.16
N ALA A 562 19.86 -7.08 38.84
CA ALA A 562 20.91 -7.53 37.93
C ALA A 562 20.68 -6.91 36.56
N GLU A 563 21.65 -7.11 35.66
CA GLU A 563 21.61 -6.56 34.32
C GLU A 563 22.20 -7.56 33.34
N LYS A 564 21.84 -7.40 32.06
CA LYS A 564 22.29 -8.34 31.03
C LYS A 564 22.30 -7.61 29.69
N GLU A 565 23.49 -7.27 29.20
CA GLU A 565 23.61 -6.67 27.88
C GLU A 565 23.22 -7.67 26.80
N VAL A 566 22.60 -7.16 25.74
CA VAL A 566 22.12 -7.99 24.64
C VAL A 566 22.40 -7.27 23.33
N LYS A 567 22.53 -8.06 22.26
CA LYS A 567 22.87 -7.52 20.95
C LYS A 567 21.59 -7.09 20.23
N GLY A 568 21.03 -5.98 20.69
CA GLY A 568 19.87 -5.41 20.03
C GLY A 568 18.77 -4.93 20.96
N ALA A 569 17.70 -4.39 20.37
CA ALA A 569 16.58 -3.88 21.13
C ALA A 569 15.65 -5.02 21.51
N VAL A 570 15.35 -5.11 22.81
CA VAL A 570 14.42 -6.13 23.31
C VAL A 570 12.99 -5.62 23.16
N TYR A 571 12.35 -5.95 22.03
CA TYR A 571 11.08 -5.33 21.69
C TYR A 571 9.99 -5.71 22.67
N SER A 572 10.03 -6.93 23.21
CA SER A 572 9.01 -7.36 24.15
C SER A 572 9.51 -8.59 24.91
N MET A 573 8.86 -8.87 26.04
CA MET A 573 9.23 -10.03 26.84
C MET A 573 7.99 -10.50 27.58
N VAL A 574 7.99 -11.79 27.94
CA VAL A 574 6.91 -12.40 28.72
C VAL A 574 7.56 -13.46 29.62
N GLU A 575 6.87 -13.82 30.70
CA GLU A 575 7.36 -14.80 31.64
C GLU A 575 6.83 -16.17 31.19
N PHE A 576 7.68 -16.96 30.52
CA PHE A 576 7.27 -18.27 30.01
C PHE A 576 7.73 -19.35 30.98
N ASN A 577 6.80 -19.83 31.79
CA ASN A 577 7.02 -20.97 32.69
C ASN A 577 8.27 -20.80 33.54
N GLY A 578 8.34 -19.74 34.32
CA GLY A 578 9.45 -19.56 35.23
C GLY A 578 10.70 -19.05 34.56
N LYS A 579 10.59 -18.67 33.30
CA LYS A 579 11.72 -18.19 32.51
C LYS A 579 11.29 -16.99 31.69
N LEU A 580 12.22 -16.06 31.51
CA LEU A 580 11.93 -14.81 30.79
C LEU A 580 12.32 -14.95 29.33
N LEU A 581 11.30 -15.10 28.49
CA LEU A 581 11.46 -15.10 27.04
C LEU A 581 11.58 -13.66 26.54
N ALA A 582 12.72 -13.34 25.92
CA ALA A 582 13.06 -11.98 25.54
C ALA A 582 13.27 -11.89 24.04
N SER A 583 12.69 -10.85 23.43
CA SER A 583 12.69 -10.66 21.97
C SER A 583 13.83 -9.74 21.55
N ILE A 584 15.02 -10.30 21.49
CA ILE A 584 16.21 -9.51 21.19
C ILE A 584 16.35 -9.43 19.67
N ASN A 585 15.88 -8.32 19.09
CA ASN A 585 15.65 -8.18 17.63
C ASN A 585 14.89 -9.43 17.17
N SER A 586 15.36 -10.12 16.13
CA SER A 586 14.75 -11.33 15.62
C SER A 586 15.07 -12.57 16.44
N THR A 587 16.04 -12.49 17.34
CA THR A 587 16.47 -13.64 18.13
C THR A 587 15.55 -13.75 19.35
N VAL A 588 14.59 -14.67 19.29
CA VAL A 588 13.68 -14.84 20.41
C VAL A 588 14.33 -15.80 21.40
N ARG A 589 15.24 -15.26 22.21
CA ARG A 589 15.91 -16.06 23.22
C ARG A 589 15.01 -16.26 24.43
N LEU A 590 15.28 -17.33 25.17
CA LEU A 590 14.54 -17.61 26.40
C LEU A 590 15.59 -17.64 27.51
N TYR A 591 15.48 -16.76 28.50
CA TYR A 591 16.47 -16.67 29.56
C TYR A 591 16.06 -17.36 30.84
N GLU A 592 16.99 -18.07 31.47
CA GLU A 592 16.70 -18.79 32.71
C GLU A 592 17.29 -18.05 33.89
N TRP A 593 16.63 -18.13 35.04
CA TRP A 593 17.07 -17.37 36.19
C TRP A 593 17.83 -18.28 37.12
N THR A 594 19.00 -17.85 37.58
CA THR A 594 19.81 -18.68 38.46
C THR A 594 19.68 -18.30 39.91
N THR A 595 20.06 -19.20 40.80
CA THR A 595 20.05 -18.88 42.21
C THR A 595 21.03 -17.77 42.57
N GLU A 596 22.02 -17.50 41.72
CA GLU A 596 22.97 -16.42 41.93
C GLU A 596 22.46 -15.09 41.41
N LYS A 597 21.17 -15.01 41.10
CA LYS A 597 20.57 -13.75 40.60
C LYS A 597 21.27 -13.23 39.35
N GLU A 598 21.25 -14.03 38.28
CA GLU A 598 21.86 -13.61 37.02
C GLU A 598 21.24 -14.35 35.84
N LEU A 599 20.66 -13.61 34.91
CA LEU A 599 20.03 -14.22 33.75
C LEU A 599 21.02 -14.98 32.87
N ARG A 600 20.65 -16.16 32.39
CA ARG A 600 21.51 -16.92 31.47
C ARG A 600 20.68 -17.50 30.34
N THR A 601 21.18 -17.43 29.11
CA THR A 601 20.40 -17.90 27.96
C THR A 601 20.36 -19.41 27.85
N GLU A 602 19.33 -19.93 27.17
CA GLU A 602 19.19 -21.37 27.04
C GLU A 602 18.81 -21.83 25.65
N CYS A 603 18.08 -21.01 24.90
CA CYS A 603 17.57 -21.44 23.61
C CYS A 603 17.56 -20.25 22.67
N ASN A 604 17.30 -20.52 21.40
CA ASN A 604 17.40 -19.48 20.39
C ASN A 604 16.40 -19.76 19.27
N HIS A 605 16.18 -18.73 18.45
CA HIS A 605 15.34 -18.82 17.27
C HIS A 605 15.66 -17.64 16.37
N TYR A 606 15.63 -17.87 15.05
CA TYR A 606 16.08 -16.82 14.14
C TYR A 606 15.21 -16.68 12.89
N ASN A 607 13.99 -17.22 12.89
CA ASN A 607 13.14 -17.21 11.71
C ASN A 607 12.27 -15.95 11.61
N ASN A 608 12.62 -14.90 12.33
CA ASN A 608 11.84 -13.67 12.39
C ASN A 608 12.64 -12.51 11.78
N ILE A 609 11.94 -11.42 11.48
CA ILE A 609 12.58 -10.15 11.14
C ILE A 609 12.64 -9.22 12.34
N MET A 610 11.49 -8.88 12.92
CA MET A 610 11.42 -8.27 14.24
C MET A 610 10.28 -8.88 15.05
N ALA A 611 10.64 -9.51 16.17
CA ALA A 611 9.69 -10.16 17.06
C ALA A 611 9.10 -9.13 18.01
N LEU A 612 8.12 -8.38 17.50
CA LEU A 612 7.56 -7.27 18.26
C LEU A 612 6.58 -7.74 19.33
N TYR A 613 5.81 -8.80 19.04
CA TYR A 613 4.64 -9.17 19.85
C TYR A 613 4.80 -10.62 20.32
N LEU A 614 4.99 -10.80 21.62
CA LEU A 614 5.18 -12.11 22.25
C LEU A 614 4.07 -12.35 23.25
N LYS A 615 3.27 -13.40 23.03
CA LYS A 615 2.19 -13.77 23.92
C LYS A 615 2.21 -15.28 24.13
N THR A 616 2.45 -15.71 25.35
CA THR A 616 2.55 -17.12 25.69
C THR A 616 1.24 -17.63 26.28
N LYS A 617 0.92 -18.89 25.96
CA LYS A 617 -0.29 -19.54 26.47
C LYS A 617 0.07 -21.00 26.69
N GLY A 618 0.29 -21.38 27.94
CA GLY A 618 0.79 -22.72 28.19
C GLY A 618 2.19 -22.86 27.61
N ASP A 619 2.38 -23.85 26.74
CA ASP A 619 3.63 -24.01 26.02
C ASP A 619 3.70 -23.26 24.70
N PHE A 620 2.55 -22.99 24.08
CA PHE A 620 2.57 -22.30 22.79
C PHE A 620 3.15 -20.89 22.94
N ILE A 621 4.06 -20.54 22.04
CA ILE A 621 4.71 -19.23 22.01
C ILE A 621 4.28 -18.56 20.72
N LEU A 622 3.56 -17.46 20.80
CA LEU A 622 3.16 -16.77 19.59
C LEU A 622 4.06 -15.61 19.27
N VAL A 623 4.96 -15.78 18.33
CA VAL A 623 5.84 -14.71 17.93
C VAL A 623 5.24 -14.02 16.74
N GLY A 624 4.40 -13.03 17.00
CA GLY A 624 3.77 -12.30 15.91
C GLY A 624 4.67 -11.19 15.45
N ASP A 625 5.35 -11.37 14.31
CA ASP A 625 6.30 -10.38 13.82
C ASP A 625 5.65 -9.26 13.05
N LEU A 626 6.45 -8.47 12.36
CA LEU A 626 5.93 -7.35 11.61
C LEU A 626 5.36 -7.83 10.27
N MET A 627 6.24 -8.16 9.33
CA MET A 627 5.79 -8.60 8.01
C MET A 627 5.61 -10.11 7.91
N ARG A 628 6.15 -10.86 8.86
CA ARG A 628 6.03 -12.31 8.85
C ARG A 628 4.76 -12.78 9.54
N SER A 629 3.85 -11.87 9.86
CA SER A 629 2.60 -12.20 10.52
C SER A 629 2.78 -13.13 11.73
N VAL A 630 1.94 -14.14 11.88
CA VAL A 630 2.00 -15.01 13.06
C VAL A 630 2.93 -16.20 12.83
N LEU A 631 3.81 -16.50 13.78
CA LEU A 631 4.69 -17.65 13.68
C LEU A 631 4.71 -18.41 14.97
N LEU A 632 4.03 -19.54 15.03
CA LEU A 632 3.93 -20.31 16.27
C LEU A 632 5.22 -20.99 16.64
N LEU A 633 5.54 -21.01 17.91
CA LEU A 633 6.72 -21.69 18.40
C LEU A 633 6.36 -22.52 19.63
N ALA A 634 7.19 -23.50 19.94
CA ALA A 634 6.97 -24.32 21.12
C ALA A 634 8.32 -24.77 21.67
N TYR A 635 8.42 -24.79 23.00
CA TYR A 635 9.64 -25.24 23.67
C TYR A 635 9.47 -26.69 24.11
N LYS A 636 10.45 -27.52 23.79
CA LYS A 636 10.39 -28.94 24.12
C LYS A 636 11.44 -29.28 25.17
N PRO A 637 11.03 -29.64 26.39
CA PRO A 637 12.03 -29.91 27.44
C PRO A 637 13.04 -31.00 27.11
N MET A 638 12.65 -32.06 26.40
CA MET A 638 13.62 -33.12 26.15
C MET A 638 14.71 -32.65 25.21
N GLU A 639 14.40 -31.70 24.32
CA GLU A 639 15.37 -31.19 23.35
C GLU A 639 16.04 -29.91 23.80
N GLY A 640 15.38 -29.10 24.62
CA GLY A 640 15.95 -27.83 25.02
C GLY A 640 16.06 -26.87 23.86
N ASN A 641 15.06 -26.84 22.98
CA ASN A 641 15.11 -26.01 21.78
C ASN A 641 13.70 -25.65 21.35
N PHE A 642 13.61 -24.60 20.53
CA PHE A 642 12.36 -24.15 19.93
C PHE A 642 12.12 -24.89 18.61
N GLU A 643 10.84 -25.01 18.26
CA GLU A 643 10.43 -25.64 17.00
C GLU A 643 9.27 -24.85 16.40
N GLU A 644 9.30 -24.69 15.08
CA GLU A 644 8.28 -23.91 14.37
C GLU A 644 7.16 -24.86 13.95
N ILE A 645 6.12 -24.95 14.79
CA ILE A 645 5.00 -25.83 14.49
C ILE A 645 4.24 -25.35 13.25
N ALA A 646 4.18 -24.04 13.04
CA ALA A 646 3.39 -23.50 11.93
C ALA A 646 3.82 -22.07 11.67
N ARG A 647 3.29 -21.50 10.59
CA ARG A 647 3.57 -20.11 10.26
C ARG A 647 2.44 -19.59 9.38
N ASP A 648 1.91 -18.42 9.68
CA ASP A 648 0.83 -17.83 8.89
C ASP A 648 1.24 -17.63 7.45
N PHE A 649 0.29 -17.72 6.54
CA PHE A 649 0.60 -17.65 5.11
C PHE A 649 0.33 -16.30 4.42
N ASN A 650 0.05 -15.24 5.17
CA ASN A 650 -0.28 -13.95 4.54
C ASN A 650 0.68 -12.82 4.89
N PRO A 651 1.26 -12.18 3.87
CA PRO A 651 2.20 -11.07 4.08
C PRO A 651 1.51 -9.81 4.58
N ASN A 652 1.23 -9.73 5.86
CA ASN A 652 0.55 -8.59 6.45
C ASN A 652 1.51 -7.80 7.36
N TRP A 653 0.95 -6.84 8.08
CA TRP A 653 1.74 -6.04 9.01
C TRP A 653 1.04 -6.04 10.35
N MET A 654 1.42 -6.91 11.26
CA MET A 654 0.71 -7.04 12.54
C MET A 654 0.79 -5.84 13.48
N SER A 655 -0.22 -5.70 14.35
CA SER A 655 -0.26 -4.61 15.31
C SER A 655 -0.37 -5.15 16.71
N ALA A 656 -1.19 -6.16 16.91
CA ALA A 656 -1.33 -6.80 18.21
C ALA A 656 -1.88 -8.20 18.01
N VAL A 657 -1.53 -9.12 18.91
CA VAL A 657 -1.82 -10.53 18.71
C VAL A 657 -2.06 -11.18 20.05
N GLU A 658 -2.86 -12.24 20.07
CA GLU A 658 -3.20 -12.88 21.34
C GLU A 658 -3.63 -14.32 21.09
N ILE A 659 -3.26 -15.22 22.02
CA ILE A 659 -3.71 -16.61 21.98
C ILE A 659 -5.09 -16.70 22.61
N LEU A 660 -6.14 -16.82 21.81
CA LEU A 660 -7.47 -17.03 22.38
C LEU A 660 -7.55 -18.36 23.11
N ASP A 661 -7.46 -19.44 22.34
CA ASP A 661 -7.55 -20.80 22.84
C ASP A 661 -6.42 -21.59 22.18
N ASP A 662 -6.16 -22.79 22.67
CA ASP A 662 -5.05 -23.56 22.16
C ASP A 662 -5.21 -23.85 20.66
N ASP A 663 -6.44 -23.80 20.15
CA ASP A 663 -6.71 -24.04 18.74
C ASP A 663 -7.12 -22.80 17.95
N ASN A 664 -7.19 -21.62 18.57
CA ASN A 664 -7.70 -20.42 17.92
C ASN A 664 -6.80 -19.23 18.21
N PHE A 665 -6.33 -18.54 17.17
CA PHE A 665 -5.27 -17.55 17.35
C PHE A 665 -5.72 -16.26 16.67
N LEU A 666 -5.90 -15.20 17.45
CA LEU A 666 -6.39 -13.94 16.89
C LEU A 666 -5.26 -12.94 16.69
N GLY A 667 -5.52 -11.92 15.87
CA GLY A 667 -4.57 -10.85 15.64
C GLY A 667 -5.23 -9.73 14.87
N ALA A 668 -4.45 -8.66 14.65
CA ALA A 668 -4.94 -7.50 13.92
C ALA A 668 -3.75 -6.78 13.29
N GLU A 669 -4.05 -6.01 12.25
CA GLU A 669 -3.01 -5.38 11.44
C GLU A 669 -3.34 -3.91 11.21
N ASN A 670 -2.44 -3.24 10.48
CA ASN A 670 -2.60 -1.83 10.12
C ASN A 670 -3.84 -1.58 9.28
N ALA A 671 -4.34 -2.59 8.56
CA ALA A 671 -5.47 -2.43 7.66
C ALA A 671 -6.82 -2.50 8.38
N PHE A 672 -6.84 -2.31 9.70
CA PHE A 672 -8.08 -2.28 10.48
C PHE A 672 -8.92 -3.54 10.27
N ASN A 673 -8.29 -4.70 10.43
CA ASN A 673 -8.98 -5.97 10.25
C ASN A 673 -8.57 -6.96 11.33
N LEU A 674 -9.53 -7.72 11.84
CA LEU A 674 -9.27 -8.73 12.87
C LEU A 674 -9.35 -10.11 12.26
N PHE A 675 -8.34 -10.94 12.45
CA PHE A 675 -8.33 -12.26 11.82
C PHE A 675 -7.97 -13.39 12.78
N VAL A 676 -8.68 -14.53 12.70
CA VAL A 676 -8.39 -15.68 13.54
C VAL A 676 -7.73 -16.85 12.79
N CYS A 677 -6.54 -17.27 13.18
CA CYS A 677 -5.85 -18.40 12.58
C CYS A 677 -6.05 -19.65 13.42
N GLN A 678 -6.24 -20.78 12.74
CA GLN A 678 -6.47 -22.06 13.42
C GLN A 678 -5.41 -23.06 13.00
N LYS A 679 -4.90 -23.81 13.97
CA LYS A 679 -3.91 -24.84 13.70
C LYS A 679 -4.62 -26.09 13.21
N ASP A 680 -4.29 -26.54 12.01
CA ASP A 680 -4.83 -27.79 11.49
C ASP A 680 -4.23 -28.93 12.31
N SER A 681 -4.98 -29.41 13.29
CA SER A 681 -4.44 -30.34 14.26
C SER A 681 -3.99 -31.65 13.60
N ALA A 682 -4.77 -32.13 12.63
CA ALA A 682 -4.46 -33.37 11.94
C ALA A 682 -4.52 -33.12 10.44
N ALA A 683 -3.53 -33.63 9.72
CA ALA A 683 -3.43 -33.38 8.30
C ALA A 683 -2.61 -34.48 7.65
N THR A 684 -2.80 -34.63 6.33
CA THR A 684 -2.07 -35.66 5.59
C THR A 684 -0.57 -35.37 5.57
N THR A 685 -0.20 -34.11 5.39
CA THR A 685 1.20 -33.72 5.29
C THR A 685 1.55 -32.72 6.38
N ASP A 686 2.83 -32.70 6.76
CA ASP A 686 3.30 -31.70 7.72
C ASP A 686 3.16 -30.29 7.18
N GLU A 687 3.17 -30.15 5.85
CA GLU A 687 2.97 -28.84 5.23
C GLU A 687 1.63 -28.22 5.64
N GLU A 688 0.59 -29.04 5.72
CA GLU A 688 -0.71 -28.51 6.12
C GLU A 688 -0.75 -28.18 7.61
N ARG A 689 -0.11 -29.01 8.44
CA ARG A 689 -0.04 -28.72 9.86
C ARG A 689 0.77 -27.45 10.12
N GLN A 690 1.73 -27.16 9.25
CA GLN A 690 2.60 -26.00 9.41
C GLN A 690 2.02 -24.74 8.79
N HIS A 691 0.81 -24.79 8.25
CA HIS A 691 0.20 -23.61 7.64
C HIS A 691 -1.17 -23.37 8.28
N LEU A 692 -1.23 -22.32 9.10
CA LEU A 692 -2.45 -21.95 9.79
C LEU A 692 -3.51 -21.50 8.78
N GLN A 693 -4.74 -21.97 8.95
CA GLN A 693 -5.81 -21.54 8.06
C GLN A 693 -6.48 -20.30 8.66
N GLU A 694 -6.70 -19.28 7.83
CA GLU A 694 -7.33 -18.04 8.28
C GLU A 694 -8.84 -18.22 8.21
N VAL A 695 -9.42 -18.78 9.27
CA VAL A 695 -10.85 -19.03 9.32
C VAL A 695 -11.67 -17.75 9.46
N GLY A 696 -11.11 -16.70 10.05
CA GLY A 696 -11.88 -15.51 10.38
C GLY A 696 -11.35 -14.26 9.68
N LEU A 697 -12.27 -13.40 9.25
CA LEU A 697 -11.94 -12.13 8.64
C LEU A 697 -13.02 -11.13 9.02
N PHE A 698 -12.62 -9.89 9.31
CA PHE A 698 -13.56 -8.91 9.83
C PHE A 698 -12.91 -7.54 9.86
N HIS A 699 -13.65 -6.52 9.41
CA HIS A 699 -13.16 -5.14 9.38
C HIS A 699 -13.62 -4.43 10.65
N LEU A 700 -12.73 -4.38 11.65
CA LEU A 700 -13.04 -3.65 12.87
C LEU A 700 -13.12 -2.15 12.65
N GLY A 701 -12.29 -1.62 11.76
CA GLY A 701 -12.23 -0.19 11.54
C GLY A 701 -11.33 0.59 12.47
N GLU A 702 -10.69 -0.06 13.45
CA GLU A 702 -9.75 0.63 14.32
C GLU A 702 -8.40 -0.07 14.21
N PHE A 703 -7.39 0.52 14.85
CA PHE A 703 -6.04 -0.03 14.90
C PHE A 703 -5.83 -0.65 16.29
N VAL A 704 -6.04 -1.96 16.40
CA VAL A 704 -5.91 -2.60 17.71
C VAL A 704 -4.48 -2.46 18.19
N ASN A 705 -4.32 -2.06 19.45
CA ASN A 705 -3.01 -1.76 20.01
C ASN A 705 -2.64 -2.63 21.20
N VAL A 706 -3.58 -3.38 21.77
CA VAL A 706 -3.30 -4.21 22.93
C VAL A 706 -4.40 -5.25 23.07
N PHE A 707 -4.05 -6.40 23.65
CA PHE A 707 -4.99 -7.49 23.87
C PHE A 707 -4.74 -8.05 25.26
N CYS A 708 -5.68 -7.84 26.17
CA CYS A 708 -5.58 -8.38 27.52
C CYS A 708 -6.85 -9.14 27.85
N HIS A 709 -6.70 -10.20 28.65
CA HIS A 709 -7.81 -11.09 28.96
C HIS A 709 -8.66 -10.51 30.09
N GLY A 710 -9.75 -11.19 30.39
CA GLY A 710 -10.62 -10.80 31.48
C GLY A 710 -11.76 -9.90 31.01
N SER A 711 -12.74 -9.74 31.89
CA SER A 711 -13.93 -8.97 31.59
C SER A 711 -14.32 -8.10 32.77
N LEU A 712 -14.93 -6.96 32.46
CA LEU A 712 -15.34 -6.00 33.48
C LEU A 712 -16.54 -6.46 34.30
N VAL A 713 -17.40 -7.32 33.76
CA VAL A 713 -18.58 -7.75 34.49
C VAL A 713 -18.17 -8.55 35.72
N MET A 714 -18.90 -8.36 36.81
CA MET A 714 -18.61 -9.09 38.04
C MET A 714 -18.97 -10.56 37.91
N GLN A 715 -18.21 -11.40 38.59
CA GLN A 715 -18.40 -12.85 38.57
C GLN A 715 -18.38 -13.41 37.15
N GLN A 725 -18.21 -17.87 25.59
CA GLN A 725 -17.13 -18.20 26.53
C GLN A 725 -15.83 -17.46 26.25
N GLY A 726 -15.24 -16.91 27.31
CA GLY A 726 -14.03 -16.13 27.20
C GLY A 726 -14.29 -14.67 26.95
N SER A 727 -13.31 -13.81 27.24
CA SER A 727 -13.49 -12.37 27.07
C SER A 727 -12.11 -11.73 26.89
N VAL A 728 -11.82 -11.25 25.69
CA VAL A 728 -10.54 -10.63 25.40
C VAL A 728 -10.81 -9.16 25.08
N LEU A 729 -10.66 -8.30 26.07
CA LEU A 729 -10.77 -6.86 25.84
C LEU A 729 -9.61 -6.36 25.01
N PHE A 730 -9.89 -5.42 24.10
CA PHE A 730 -8.85 -4.80 23.30
C PHE A 730 -9.06 -3.30 23.23
N GLY A 731 -7.96 -2.56 23.32
CA GLY A 731 -8.00 -1.11 23.31
C GLY A 731 -7.36 -0.59 22.03
N THR A 732 -8.10 0.24 21.32
CA THR A 732 -7.70 0.74 20.01
C THR A 732 -7.21 2.18 20.11
N VAL A 733 -6.54 2.63 19.05
CA VAL A 733 -5.98 3.96 19.01
C VAL A 733 -7.06 5.03 19.11
N ASN A 734 -8.25 4.74 18.58
CA ASN A 734 -9.35 5.69 18.60
C ASN A 734 -10.12 5.67 19.91
N GLY A 735 -9.65 4.94 20.91
CA GLY A 735 -10.30 4.97 22.22
C GLY A 735 -11.46 4.02 22.38
N MET A 736 -11.69 3.16 21.40
CA MET A 736 -12.65 2.06 21.53
C MET A 736 -12.11 1.02 22.49
N ILE A 737 -12.96 0.48 23.35
CA ILE A 737 -12.66 -0.77 24.05
C ILE A 737 -13.66 -1.82 23.60
N GLY A 738 -13.19 -2.81 22.86
CA GLY A 738 -14.03 -3.89 22.38
C GLY A 738 -13.90 -5.16 23.20
N LEU A 739 -14.65 -6.18 22.78
CA LEU A 739 -14.68 -7.46 23.46
C LEU A 739 -14.85 -8.59 22.47
N VAL A 740 -13.96 -9.58 22.53
CA VAL A 740 -14.04 -10.77 21.69
C VAL A 740 -14.50 -11.93 22.54
N THR A 741 -15.69 -12.47 22.24
CA THR A 741 -16.27 -13.56 23.00
C THR A 741 -16.56 -14.72 22.05
N SER A 742 -16.00 -15.89 22.36
CA SER A 742 -16.23 -17.07 21.53
C SER A 742 -17.67 -17.54 21.66
N LEU A 743 -18.15 -18.20 20.60
CA LEU A 743 -19.55 -18.60 20.52
C LEU A 743 -19.66 -20.06 20.10
N SER A 744 -20.77 -20.68 20.50
CA SER A 744 -21.13 -22.01 20.03
C SER A 744 -21.68 -21.94 18.61
N GLU A 745 -21.56 -23.05 17.89
CA GLU A 745 -22.02 -23.08 16.51
C GLU A 745 -23.52 -22.87 16.41
N SER A 746 -24.29 -23.26 17.44
CA SER A 746 -25.74 -23.13 17.37
C SER A 746 -26.17 -21.66 17.34
N TRP A 747 -25.69 -20.86 18.30
CA TRP A 747 -25.93 -19.42 18.24
C TRP A 747 -25.26 -18.74 17.06
N TYR A 748 -24.14 -19.26 16.57
CA TYR A 748 -23.52 -18.59 15.42
C TYR A 748 -24.42 -18.64 14.20
N ASN A 749 -25.02 -19.82 13.94
CA ASN A 749 -25.96 -19.91 12.82
C ASN A 749 -27.22 -19.11 13.07
N LEU A 750 -27.61 -18.95 14.34
CA LEU A 750 -28.76 -18.11 14.64
C LEU A 750 -28.42 -16.63 14.48
N LEU A 751 -27.30 -16.20 15.06
CA LEU A 751 -26.92 -14.79 14.98
C LEU A 751 -26.57 -14.37 13.56
N LEU A 752 -25.99 -15.27 12.77
CA LEU A 752 -25.67 -14.90 11.39
C LEU A 752 -26.93 -14.73 10.56
N ASP A 753 -27.91 -15.59 10.76
CA ASP A 753 -29.19 -15.39 10.06
C ASP A 753 -29.79 -14.08 10.55
N MET A 754 -29.64 -13.81 11.85
CA MET A 754 -30.15 -12.57 12.43
C MET A 754 -29.47 -11.36 11.79
N GLN A 755 -28.16 -11.44 11.59
CA GLN A 755 -27.43 -10.34 10.97
C GLN A 755 -28.01 -10.02 9.61
N ASN A 756 -28.27 -11.06 8.80
CA ASN A 756 -28.81 -10.86 7.46
C ASN A 756 -30.18 -10.17 7.46
N ARG A 757 -31.09 -10.66 8.30
CA ARG A 757 -32.44 -10.08 8.34
C ARG A 757 -32.40 -8.64 8.86
N LEU A 758 -31.55 -8.36 9.83
CA LEU A 758 -31.41 -6.98 10.33
C LEU A 758 -30.83 -6.07 9.27
N ASN A 759 -29.92 -6.58 8.44
CA ASN A 759 -29.36 -5.79 7.36
C ASN A 759 -30.47 -5.28 6.44
N LYS A 760 -31.40 -6.18 6.11
CA LYS A 760 -32.50 -5.81 5.22
C LYS A 760 -33.38 -4.70 5.79
N VAL A 761 -33.64 -4.73 7.10
CA VAL A 761 -34.54 -3.74 7.69
C VAL A 761 -33.84 -2.45 8.13
N ILE A 762 -32.79 -2.55 8.93
CA ILE A 762 -32.10 -1.37 9.43
C ILE A 762 -31.28 -0.78 8.28
N LYS A 763 -31.87 0.20 7.58
CA LYS A 763 -31.16 0.88 6.51
C LYS A 763 -30.03 1.75 7.08
N SER A 764 -28.88 1.72 6.41
CA SER A 764 -27.73 2.50 6.83
C SER A 764 -27.80 3.92 6.28
N VAL A 765 -27.25 4.86 7.05
CA VAL A 765 -27.04 6.20 6.54
C VAL A 765 -26.02 6.14 5.42
N GLY A 766 -26.30 6.82 4.32
CA GLY A 766 -25.41 6.76 3.18
C GLY A 766 -25.59 5.51 2.34
N LYS A 767 -26.52 4.64 2.72
CA LYS A 767 -26.87 3.48 1.90
C LYS A 767 -25.65 2.60 1.66
N ILE A 768 -24.80 2.49 2.69
CA ILE A 768 -23.68 1.55 2.72
C ILE A 768 -24.22 0.17 3.11
N GLU A 769 -23.93 -0.84 2.30
CA GLU A 769 -24.22 -2.21 2.71
C GLU A 769 -23.39 -2.57 3.93
N HIS A 770 -24.03 -3.21 4.92
CA HIS A 770 -23.28 -3.62 6.11
C HIS A 770 -22.17 -4.58 5.74
N SER A 771 -22.46 -5.55 4.86
CA SER A 771 -21.46 -6.54 4.50
C SER A 771 -20.28 -5.89 3.81
N PHE A 772 -20.50 -4.80 3.08
CA PHE A 772 -19.39 -4.08 2.48
C PHE A 772 -18.52 -3.39 3.53
N TRP A 773 -19.11 -2.97 4.65
CA TRP A 773 -18.32 -2.30 5.67
C TRP A 773 -17.44 -3.29 6.43
N ARG A 774 -17.97 -4.49 6.69
CA ARG A 774 -17.24 -5.50 7.46
C ARG A 774 -16.29 -6.33 6.61
N SER A 775 -16.25 -6.12 5.30
CA SER A 775 -15.39 -6.93 4.44
C SER A 775 -13.92 -6.71 4.78
N PHE A 776 -13.13 -7.77 4.61
CA PHE A 776 -11.70 -7.75 4.90
C PHE A 776 -10.99 -6.92 3.84
N HIS A 777 -10.70 -5.65 4.16
CA HIS A 777 -10.11 -4.71 3.21
C HIS A 777 -8.60 -4.69 3.36
N THR A 778 -7.89 -5.06 2.31
CA THR A 778 -6.44 -5.03 2.31
C THR A 778 -6.08 -4.71 0.89
N GLU A 779 -5.00 -3.96 0.67
CA GLU A 779 -4.62 -3.54 -0.68
C GLU A 779 -4.78 -4.66 -1.73
N ARG A 780 -4.34 -5.88 -1.41
CA ARG A 780 -4.42 -6.98 -2.35
C ARG A 780 -5.79 -7.66 -2.45
N LYS A 781 -6.43 -7.97 -1.33
CA LYS A 781 -7.71 -8.73 -1.39
C LYS A 781 -8.87 -8.15 -0.61
N THR A 782 -10.08 -8.44 -1.06
CA THR A 782 -11.29 -7.98 -0.37
C THR A 782 -12.25 -9.17 -0.24
N GLU A 783 -12.17 -9.87 0.89
CA GLU A 783 -13.03 -11.04 1.08
C GLU A 783 -14.11 -10.75 2.10
N PRO A 784 -15.29 -11.36 1.92
CA PRO A 784 -16.40 -11.11 2.86
C PRO A 784 -16.08 -11.56 4.27
N ALA A 785 -16.61 -10.84 5.25
CA ALA A 785 -16.41 -11.20 6.64
C ALA A 785 -17.04 -12.55 6.94
N THR A 786 -16.29 -13.39 7.66
CA THR A 786 -16.77 -14.72 8.04
C THR A 786 -16.05 -15.16 9.29
N GLY A 787 -16.77 -15.88 10.15
CA GLY A 787 -16.24 -16.32 11.42
C GLY A 787 -16.42 -15.33 12.55
N PHE A 788 -16.84 -14.11 12.26
CA PHE A 788 -17.16 -13.12 13.28
C PHE A 788 -18.61 -12.67 13.12
N ILE A 789 -19.14 -12.08 14.19
CA ILE A 789 -20.47 -11.49 14.20
C ILE A 789 -20.35 -10.07 14.75
N ASP A 790 -20.87 -9.10 14.00
CA ASP A 790 -20.88 -7.73 14.49
C ASP A 790 -21.93 -7.62 15.59
N GLY A 791 -21.49 -7.35 16.81
CA GLY A 791 -22.41 -7.32 17.92
C GLY A 791 -23.25 -6.06 17.96
N ASP A 792 -22.73 -4.97 17.40
CA ASP A 792 -23.47 -3.71 17.43
C ASP A 792 -24.76 -3.82 16.62
N LEU A 793 -24.72 -4.55 15.50
CA LEU A 793 -25.95 -4.77 14.74
C LEU A 793 -26.89 -5.70 15.48
N ILE A 794 -26.35 -6.74 16.12
CA ILE A 794 -27.19 -7.67 16.86
C ILE A 794 -27.85 -6.96 18.04
N GLU A 795 -27.15 -6.00 18.64
CA GLU A 795 -27.68 -5.26 19.77
C GLU A 795 -28.62 -4.14 19.34
N SER A 796 -28.71 -3.85 18.05
CA SER A 796 -29.73 -2.94 17.53
C SER A 796 -31.13 -3.46 17.77
N PHE A 797 -31.27 -4.77 17.98
CA PHE A 797 -32.58 -5.40 18.03
C PHE A 797 -33.39 -4.85 19.20
N LEU A 798 -32.70 -4.33 20.23
CA LEU A 798 -33.39 -3.89 21.45
C LEU A 798 -34.36 -2.76 21.18
N ASP A 799 -34.05 -1.87 20.25
CA ASP A 799 -34.95 -0.75 20.01
C ASP A 799 -35.26 -0.48 18.54
N ILE A 800 -35.17 -1.50 17.68
CA ILE A 800 -35.89 -1.49 16.42
C ILE A 800 -37.38 -1.61 16.70
N SER A 801 -38.20 -1.00 15.86
CA SER A 801 -39.64 -0.91 16.10
C SER A 801 -40.28 -2.30 16.18
N ARG A 802 -41.29 -2.44 17.04
CA ARG A 802 -41.92 -3.73 17.27
C ARG A 802 -42.47 -4.38 16.00
N PRO A 803 -43.23 -3.69 15.14
CA PRO A 803 -43.63 -4.34 13.87
C PRO A 803 -42.43 -4.75 13.02
N LYS A 804 -41.35 -3.96 13.04
CA LYS A 804 -40.15 -4.34 12.29
C LYS A 804 -39.48 -5.54 12.93
N MET A 805 -39.65 -5.69 14.24
CA MET A 805 -39.18 -6.89 14.93
C MET A 805 -39.91 -8.14 14.43
N GLN A 806 -41.21 -8.02 14.18
CA GLN A 806 -41.95 -9.16 13.62
C GLN A 806 -41.48 -9.46 12.21
N GLU A 807 -41.05 -8.42 11.49
CA GLU A 807 -40.49 -8.57 10.15
C GLU A 807 -39.31 -9.53 10.17
N VAL A 808 -38.33 -9.27 11.03
CA VAL A 808 -37.13 -10.09 11.03
C VAL A 808 -37.33 -11.50 11.61
N VAL A 809 -38.09 -11.63 12.69
CA VAL A 809 -38.21 -12.93 13.33
C VAL A 809 -39.21 -13.86 12.65
N ALA A 810 -39.99 -13.35 11.69
CA ALA A 810 -41.08 -14.16 11.13
C ALA A 810 -40.56 -15.40 10.42
N ASN A 811 -39.39 -15.28 9.78
CA ASN A 811 -38.81 -16.43 9.11
C ASN A 811 -38.07 -17.35 10.07
N LEU A 812 -37.10 -16.82 10.80
CA LEU A 812 -36.30 -17.66 11.71
C LEU A 812 -37.10 -18.27 12.84
N GLN A 813 -37.17 -19.61 12.89
CA GLN A 813 -37.88 -20.27 13.97
C GLN A 813 -36.99 -21.38 14.54
N TYR A 814 -35.76 -21.04 14.91
CA TYR A 814 -34.81 -22.03 15.39
C TYR A 814 -35.39 -22.82 16.55
N ASP A 815 -35.16 -24.14 16.52
CA ASP A 815 -35.73 -25.04 17.51
C ASP A 815 -34.95 -26.34 17.59
N THR A 825 -40.35 -17.36 19.85
CA THR A 825 -39.84 -16.70 18.64
C THR A 825 -39.51 -15.24 18.89
N ALA A 826 -40.56 -14.41 18.96
CA ALA A 826 -40.39 -12.97 19.12
C ALA A 826 -39.63 -12.64 20.41
N ASP A 827 -40.26 -12.92 21.55
CA ASP A 827 -39.58 -12.69 22.82
C ASP A 827 -38.43 -13.65 23.06
N ASP A 828 -38.42 -14.81 22.39
CA ASP A 828 -37.30 -15.74 22.53
C ASP A 828 -36.01 -15.11 22.01
N LEU A 829 -36.10 -14.26 20.99
CA LEU A 829 -34.93 -13.56 20.50
C LEU A 829 -34.64 -12.31 21.31
N ILE A 830 -35.66 -11.69 21.90
CA ILE A 830 -35.42 -10.57 22.80
C ILE A 830 -34.64 -11.02 24.03
N LYS A 831 -34.84 -12.26 24.46
CA LYS A 831 -34.13 -12.74 25.63
C LYS A 831 -32.66 -12.99 25.31
N VAL A 832 -32.38 -13.65 24.19
CA VAL A 832 -31.01 -14.01 23.87
C VAL A 832 -30.16 -12.77 23.59
N VAL A 833 -30.74 -11.71 23.02
CA VAL A 833 -29.96 -10.49 22.84
C VAL A 833 -29.68 -9.83 24.19
N GLU A 834 -30.61 -9.98 25.15
CA GLU A 834 -30.32 -9.55 26.51
C GLU A 834 -29.26 -10.44 27.15
N GLU A 835 -29.19 -11.71 26.74
CA GLU A 835 -28.08 -12.56 27.18
C GLU A 835 -26.75 -12.04 26.64
N LEU A 836 -26.77 -11.41 25.47
CA LEU A 836 -25.55 -10.94 24.84
C LEU A 836 -25.14 -9.55 25.30
N THR A 837 -26.09 -8.68 25.65
CA THR A 837 -25.77 -7.32 26.06
C THR A 837 -25.17 -7.23 27.46
N ARG A 838 -25.31 -8.27 28.28
CA ARG A 838 -24.82 -8.26 29.66
C ARG A 838 -23.36 -8.70 29.76
N ILE A 839 -22.74 -9.09 28.66
CA ILE A 839 -21.34 -9.52 28.69
C ILE A 839 -20.36 -8.35 28.70
N HIS A 840 -20.81 -7.13 28.46
CA HIS A 840 -19.93 -5.97 28.45
C HIS A 840 -20.51 -4.83 29.25
N ALA B 108 3.23 -6.32 -55.02
CA ALA B 108 2.20 -7.33 -55.05
C ALA B 108 0.81 -6.72 -54.93
N ARG B 109 -0.23 -7.50 -55.18
CA ARG B 109 -1.59 -6.97 -55.12
C ARG B 109 -1.98 -6.55 -53.71
N PHE B 110 -1.39 -7.19 -52.70
CA PHE B 110 -1.75 -6.89 -51.31
C PHE B 110 -1.03 -5.68 -50.76
N ALA B 111 -0.18 -5.03 -51.56
CA ALA B 111 0.49 -3.80 -51.12
C ALA B 111 -0.49 -2.66 -50.91
N THR B 112 -1.72 -2.79 -51.40
CA THR B 112 -2.73 -1.77 -51.18
C THR B 112 -3.44 -2.01 -49.86
N ALA B 113 -4.26 -1.06 -49.43
CA ALA B 113 -4.98 -1.18 -48.17
C ALA B 113 -5.65 -2.54 -48.06
N ASN B 114 -6.23 -3.01 -49.17
CA ASN B 114 -6.92 -4.30 -49.16
C ASN B 114 -5.93 -5.44 -49.33
N GLY B 115 -5.33 -5.87 -48.23
CA GLY B 115 -4.40 -6.97 -48.25
C GLY B 115 -5.09 -8.31 -48.06
N ALA B 116 -4.30 -9.31 -47.69
CA ALA B 116 -4.87 -10.63 -47.44
C ALA B 116 -5.86 -10.59 -46.29
N TYR B 117 -5.60 -9.74 -45.31
CA TYR B 117 -6.52 -9.57 -44.19
C TYR B 117 -6.73 -8.07 -43.96
N GLY B 118 -6.12 -7.23 -44.80
CA GLY B 118 -6.20 -5.79 -44.60
C GLY B 118 -7.52 -5.07 -44.81
N ILE B 119 -7.55 -3.80 -44.42
CA ILE B 119 -8.77 -2.99 -44.54
C ILE B 119 -9.37 -2.99 -45.96
N ARG B 120 -10.65 -3.30 -46.07
CA ARG B 120 -11.31 -3.29 -47.37
C ARG B 120 -11.72 -1.88 -47.76
N PRO B 124 -9.00 7.08 -49.07
CA PRO B 124 -8.12 6.32 -49.95
C PRO B 124 -6.65 6.69 -49.75
N ALA B 125 -6.30 7.96 -49.92
CA ALA B 125 -4.92 8.38 -49.66
C ALA B 125 -4.57 8.21 -48.19
N TRP B 126 -5.54 8.40 -47.30
CA TRP B 126 -5.29 8.20 -45.88
C TRP B 126 -5.18 6.72 -45.59
N ASP B 127 -6.00 5.92 -46.27
CA ASP B 127 -5.99 4.47 -46.08
C ASP B 127 -4.63 3.87 -46.46
N SER B 128 -3.98 4.45 -47.46
CA SER B 128 -2.64 3.98 -47.81
C SER B 128 -1.66 4.27 -46.68
N ALA B 129 -1.85 5.39 -45.98
CA ALA B 129 -1.03 5.67 -44.82
C ALA B 129 -1.30 4.69 -43.69
N ILE B 130 -2.55 4.21 -43.57
CA ILE B 130 -2.85 3.22 -42.56
C ILE B 130 -2.13 1.91 -42.88
N TRP B 131 -2.09 1.53 -44.16
CA TRP B 131 -1.34 0.36 -44.56
C TRP B 131 0.15 0.54 -44.33
N GLY B 132 0.65 1.76 -44.48
CA GLY B 132 2.05 2.01 -44.17
C GLY B 132 2.32 1.91 -42.68
N LEU B 133 1.33 2.29 -41.87
CA LEU B 133 1.46 2.18 -40.42
C LEU B 133 1.50 0.72 -39.99
N LEU B 134 0.53 -0.08 -40.45
CA LEU B 134 0.45 -1.47 -40.04
C LEU B 134 1.63 -2.30 -40.55
N ARG B 135 2.13 -1.97 -41.75
CA ARG B 135 3.22 -2.76 -42.32
C ARG B 135 4.57 -2.39 -41.72
N GLU B 136 4.74 -1.12 -41.35
CA GLU B 136 6.00 -0.68 -40.75
C GLU B 136 6.24 -1.41 -39.44
N VAL B 137 5.16 -1.82 -38.78
CA VAL B 137 5.28 -2.58 -37.55
C VAL B 137 6.20 -3.77 -37.78
N GLU B 138 5.84 -4.61 -38.75
CA GLU B 138 6.63 -5.82 -39.03
C GLU B 138 7.96 -5.53 -39.70
N ALA B 139 7.98 -4.62 -40.67
CA ALA B 139 9.20 -4.33 -41.44
C ALA B 139 10.39 -3.88 -40.61
N VAL B 140 10.19 -2.94 -39.69
CA VAL B 140 11.29 -2.39 -38.91
C VAL B 140 12.02 -3.55 -38.25
N PRO B 141 13.36 -3.59 -38.28
CA PRO B 141 14.06 -4.74 -37.69
C PRO B 141 13.73 -4.96 -36.23
N TYR B 142 13.53 -3.88 -35.47
CA TYR B 142 13.03 -3.94 -34.11
C TYR B 142 12.68 -2.52 -33.65
N SER B 143 11.75 -2.44 -32.72
CA SER B 143 11.30 -1.15 -32.19
C SER B 143 10.70 -1.37 -30.82
N ASN B 144 10.41 -0.27 -30.13
CA ASN B 144 9.81 -0.33 -28.82
C ASN B 144 8.30 -0.45 -28.96
N PRO B 145 7.66 -1.50 -28.45
CA PRO B 145 6.19 -1.58 -28.57
C PRO B 145 5.48 -0.41 -27.93
N PHE B 146 6.04 0.14 -26.85
CA PHE B 146 5.41 1.26 -26.18
C PHE B 146 5.48 2.55 -27.01
N THR B 147 6.55 2.74 -27.80
CA THR B 147 6.62 3.90 -28.69
C THR B 147 5.60 3.81 -29.83
N PHE B 148 5.21 2.59 -30.19
CA PHE B 148 4.14 2.35 -31.13
C PHE B 148 2.81 2.86 -30.57
N PRO B 149 1.92 3.38 -31.46
CA PRO B 149 0.71 4.01 -30.87
C PRO B 149 -0.09 3.14 -29.92
N THR B 150 -0.79 3.79 -28.99
CA THR B 150 -1.65 3.09 -28.05
C THR B 150 -3.12 3.24 -28.47
N CYS B 151 -4.04 2.76 -27.63
CA CYS B 151 -5.48 2.85 -27.93
C CYS B 151 -5.98 4.29 -28.03
N GLU B 152 -5.45 5.17 -27.20
CA GLU B 152 -5.83 6.57 -27.28
C GLU B 152 -5.51 7.19 -28.63
N ARG B 153 -4.30 6.91 -29.14
CA ARG B 153 -3.89 7.44 -30.42
C ARG B 153 -4.65 6.74 -31.56
N LEU B 154 -5.06 5.51 -31.31
CA LEU B 154 -5.86 4.80 -32.29
C LEU B 154 -7.15 5.54 -32.40
N GLU B 155 -7.73 5.96 -31.27
CA GLU B 155 -8.96 6.74 -31.30
C GLU B 155 -8.70 8.03 -32.04
N GLY B 156 -7.57 8.65 -31.74
CA GLY B 156 -7.20 9.89 -32.44
C GLY B 156 -7.21 9.75 -33.95
N ILE B 157 -6.55 8.71 -34.47
CA ILE B 157 -6.53 8.50 -35.92
C ILE B 157 -7.92 8.12 -36.44
N LEU B 158 -8.66 7.31 -35.71
CA LEU B 158 -9.97 6.87 -36.13
C LEU B 158 -10.91 8.02 -36.48
N ASN B 159 -10.83 9.12 -35.76
CA ASN B 159 -11.67 10.27 -36.10
C ASN B 159 -11.07 11.11 -37.23
N ARG B 160 -9.84 10.82 -37.64
CA ARG B 160 -9.18 11.59 -38.71
C ARG B 160 -9.15 10.86 -40.04
N LEU B 161 -9.86 9.75 -40.15
CA LEU B 161 -9.84 8.97 -41.39
C LEU B 161 -10.47 9.70 -42.56
N GLU B 162 -9.93 9.50 -43.76
CA GLU B 162 -10.47 10.16 -44.95
C GLU B 162 -11.21 9.20 -45.87
N TYR B 163 -12.48 9.48 -46.10
CA TYR B 163 -13.28 8.67 -47.00
C TYR B 163 -13.76 9.46 -48.22
N ARG B 164 -13.87 8.77 -49.35
CA ARG B 164 -14.34 9.41 -50.57
C ARG B 164 -15.43 8.52 -51.18
N PRO B 165 -16.50 9.14 -51.70
CA PRO B 165 -17.60 8.36 -52.28
C PRO B 165 -17.12 7.44 -53.39
N THR B 168 -21.83 4.08 -48.56
CA THR B 168 -22.58 4.86 -47.58
C THR B 168 -21.70 5.19 -46.37
N ASP B 169 -22.11 6.19 -45.61
CA ASP B 169 -21.35 6.57 -44.41
C ASP B 169 -21.34 5.44 -43.38
N ALA B 170 -22.41 4.64 -43.34
CA ALA B 170 -22.40 3.47 -42.45
C ALA B 170 -21.36 2.45 -42.86
N CYS B 171 -21.15 2.30 -44.18
CA CYS B 171 -20.08 1.42 -44.64
C CYS B 171 -18.71 1.97 -44.28
N ARG B 172 -18.58 3.30 -44.22
CA ARG B 172 -17.31 3.90 -43.85
C ARG B 172 -16.97 3.64 -42.40
N THR B 173 -17.95 3.75 -41.50
CA THR B 173 -17.72 3.39 -40.11
C THR B 173 -17.45 1.91 -39.98
N LEU B 174 -18.08 1.10 -40.84
CA LEU B 174 -17.88 -0.34 -40.78
C LEU B 174 -16.47 -0.68 -41.26
N CYS B 175 -15.93 0.13 -42.15
CA CYS B 175 -14.57 -0.08 -42.62
C CYS B 175 -13.57 0.36 -41.54
N ARG B 176 -13.85 1.48 -40.87
CA ARG B 176 -12.97 1.92 -39.79
C ARG B 176 -13.02 0.94 -38.62
N ALA B 177 -14.11 0.20 -38.48
CA ALA B 177 -14.15 -0.86 -37.48
C ALA B 177 -13.15 -1.96 -37.82
N THR B 178 -13.00 -2.28 -39.10
CA THR B 178 -12.00 -3.28 -39.48
C THR B 178 -10.60 -2.72 -39.23
N VAL B 179 -10.42 -1.41 -39.40
CA VAL B 179 -9.12 -0.81 -39.10
C VAL B 179 -8.74 -1.07 -37.65
N ALA B 180 -9.60 -0.68 -36.71
CA ALA B 180 -9.32 -0.84 -35.30
C ALA B 180 -9.15 -2.30 -34.89
N VAL B 181 -9.93 -3.20 -35.49
CA VAL B 181 -9.87 -4.58 -35.06
C VAL B 181 -8.55 -5.18 -35.53
N GLN B 182 -8.18 -4.95 -36.79
CA GLN B 182 -6.89 -5.43 -37.30
C GLN B 182 -5.77 -4.76 -36.54
N TYR B 183 -5.97 -3.51 -36.15
CA TYR B 183 -4.96 -2.81 -35.37
C TYR B 183 -4.74 -3.48 -34.02
N ALA B 184 -5.84 -3.79 -33.34
CA ALA B 184 -5.76 -4.43 -32.04
C ALA B 184 -5.05 -5.76 -32.15
N ILE B 185 -5.35 -6.51 -33.20
CA ILE B 185 -4.74 -7.81 -33.40
C ILE B 185 -3.22 -7.65 -33.46
N SER B 186 -2.75 -6.73 -34.28
CA SER B 186 -1.31 -6.55 -34.44
C SER B 186 -0.66 -5.99 -33.18
N ILE B 187 -1.36 -5.14 -32.44
CA ILE B 187 -0.76 -4.51 -31.28
C ILE B 187 -0.71 -5.44 -30.09
N LEU B 188 -1.80 -6.17 -29.83
CA LEU B 188 -1.87 -7.00 -28.63
C LEU B 188 -1.97 -8.49 -28.87
N TYR B 189 -2.98 -8.93 -29.60
CA TYR B 189 -3.19 -10.36 -29.81
C TYR B 189 -2.10 -10.98 -30.69
N GLY B 190 -1.23 -10.14 -31.25
CA GLY B 190 -0.16 -10.63 -32.10
C GLY B 190 1.01 -11.12 -31.32
N TYR B 191 0.84 -12.25 -30.64
CA TYR B 191 1.94 -12.84 -29.90
C TYR B 191 3.01 -13.27 -30.87
N ASP B 192 4.28 -12.99 -30.55
CA ASP B 192 5.41 -13.33 -31.42
C ASP B 192 5.46 -12.50 -32.71
N ARG B 193 4.62 -11.48 -32.83
CA ARG B 193 4.70 -10.60 -33.98
C ARG B 193 5.61 -9.44 -33.62
N SER B 194 6.07 -8.69 -34.63
CA SER B 194 7.06 -7.64 -34.37
C SER B 194 6.69 -6.64 -33.28
N ALA B 195 7.58 -6.45 -32.31
CA ALA B 195 7.37 -5.44 -31.26
C ALA B 195 5.95 -5.40 -30.68
N SER B 196 5.57 -6.46 -29.99
CA SER B 196 4.23 -6.51 -29.39
C SER B 196 4.30 -6.55 -27.88
N VAL B 197 3.25 -6.09 -27.22
CA VAL B 197 3.24 -6.06 -25.75
C VAL B 197 3.44 -7.46 -25.15
N PRO B 198 2.72 -8.49 -25.65
CA PRO B 198 3.00 -9.81 -25.07
C PRO B 198 4.40 -10.30 -25.35
N ARG B 199 5.01 -9.92 -26.47
CA ARG B 199 6.33 -10.46 -26.77
C ARG B 199 7.30 -10.00 -25.70
N TYR B 200 7.10 -8.80 -25.17
CA TYR B 200 7.96 -8.33 -24.11
C TYR B 200 7.76 -9.17 -22.86
N LEU B 201 6.51 -9.52 -22.58
CA LEU B 201 6.23 -10.31 -21.37
C LEU B 201 6.96 -11.63 -21.42
N ARG B 202 6.85 -12.36 -22.52
CA ARG B 202 7.48 -13.68 -22.63
C ARG B 202 9.00 -13.62 -22.58
N ARG B 203 9.59 -12.65 -23.26
CA ARG B 203 11.03 -12.55 -23.24
C ARG B 203 11.49 -12.30 -21.83
N LEU B 204 10.75 -11.47 -21.10
CA LEU B 204 11.09 -11.20 -19.70
C LEU B 204 10.98 -12.45 -18.85
N ILE B 205 9.92 -13.23 -19.05
CA ILE B 205 9.79 -14.50 -18.33
C ILE B 205 11.07 -15.30 -18.44
N ASP B 206 11.62 -15.41 -19.64
CA ASP B 206 12.83 -16.19 -19.86
C ASP B 206 14.00 -15.60 -19.08
N GLU B 207 14.07 -14.26 -19.02
CA GLU B 207 15.11 -13.63 -18.22
C GLU B 207 14.91 -13.91 -16.73
N TYR B 208 13.66 -14.04 -16.30
CA TYR B 208 13.39 -14.26 -14.89
C TYR B 208 13.77 -15.66 -14.46
N ILE B 209 13.26 -16.66 -15.17
CA ILE B 209 13.52 -18.04 -14.79
C ILE B 209 14.99 -18.19 -14.81
N ASP B 210 15.64 -17.63 -15.81
CA ASP B 210 17.04 -17.85 -15.90
C ASP B 210 17.73 -17.16 -14.79
N LEU B 211 17.17 -16.10 -14.27
CA LEU B 211 17.93 -15.39 -13.25
C LEU B 211 17.88 -16.19 -11.96
N GLN B 212 16.75 -16.80 -11.70
CA GLN B 212 16.64 -17.58 -10.50
C GLN B 212 17.41 -18.83 -10.66
N ASP B 213 17.67 -19.21 -11.90
CA ASP B 213 18.48 -20.39 -12.14
C ASP B 213 19.87 -20.05 -11.83
N ARG B 214 20.26 -18.86 -12.22
CA ARG B 214 21.56 -18.44 -11.89
C ARG B 214 21.63 -18.44 -10.38
N ILE B 215 20.58 -18.02 -9.68
CA ILE B 215 20.72 -17.95 -8.19
C ILE B 215 20.79 -19.35 -7.57
N ARG B 216 20.14 -20.33 -8.20
CA ARG B 216 20.18 -21.70 -7.71
C ARG B 216 21.53 -22.27 -8.05
N ARG B 217 22.03 -21.82 -9.18
CA ARG B 217 23.31 -22.31 -9.63
C ARG B 217 24.41 -21.69 -8.77
N LEU B 218 24.07 -20.62 -8.06
CA LEU B 218 25.04 -19.96 -7.24
C LEU B 218 25.59 -21.04 -6.41
N GLY B 219 26.89 -21.12 -6.37
CA GLY B 219 27.51 -22.08 -5.51
C GLY B 219 27.66 -23.40 -6.17
N ILE B 220 27.90 -23.39 -7.48
CA ILE B 220 28.15 -24.63 -8.17
C ILE B 220 29.63 -24.93 -8.04
N VAL B 221 30.48 -23.93 -8.23
CA VAL B 221 31.93 -24.12 -8.18
C VAL B 221 32.56 -22.79 -7.79
N PRO B 222 33.88 -22.60 -8.03
CA PRO B 222 34.45 -21.28 -7.77
C PRO B 222 33.72 -20.13 -8.45
N VAL B 223 32.90 -20.38 -9.46
CA VAL B 223 32.09 -19.32 -10.00
C VAL B 223 31.37 -18.87 -8.78
N LEU B 224 31.58 -17.63 -8.34
CA LEU B 224 31.01 -17.17 -7.08
C LEU B 224 31.05 -18.26 -6.03
N GLY B 228 28.42 -20.48 3.69
CA GLY B 228 27.55 -21.41 2.99
C GLY B 228 26.10 -21.24 3.43
N LYS B 229 25.89 -21.14 4.73
CA LYS B 229 24.59 -20.74 5.24
C LYS B 229 24.20 -19.33 4.80
N ASP B 230 25.19 -18.48 4.54
CA ASP B 230 24.88 -17.15 4.01
C ASP B 230 24.30 -17.27 2.62
N MET B 231 24.83 -18.23 1.86
CA MET B 231 24.26 -18.53 0.56
C MET B 231 22.85 -19.08 0.74
N ASN B 232 22.62 -19.83 1.83
CA ASN B 232 21.32 -20.42 2.08
C ASN B 232 20.26 -19.36 2.30
N ILE B 233 20.61 -18.27 2.99
CA ILE B 233 19.64 -17.18 3.15
C ILE B 233 19.37 -16.54 1.80
N VAL B 234 20.34 -16.55 0.89
CA VAL B 234 20.15 -15.95 -0.42
C VAL B 234 19.17 -16.77 -1.25
N GLN B 235 19.19 -18.11 -1.11
CA GLN B 235 18.26 -18.89 -1.93
C GLN B 235 16.82 -18.80 -1.44
N ASN B 236 16.52 -17.85 -0.55
CA ASN B 236 15.12 -17.62 -0.22
C ASN B 236 14.34 -17.12 -1.44
N VAL B 237 15.03 -16.51 -2.40
CA VAL B 237 14.37 -15.97 -3.59
C VAL B 237 13.85 -17.10 -4.49
N LEU B 238 14.42 -18.30 -4.35
CA LEU B 238 14.13 -19.37 -5.32
C LEU B 238 12.64 -19.67 -5.36
N PRO B 239 12.09 -19.90 -6.56
CA PRO B 239 10.64 -20.07 -6.69
C PRO B 239 10.12 -21.23 -5.85
N GLU B 240 10.92 -22.28 -5.69
CA GLU B 240 10.49 -23.42 -4.91
C GLU B 240 10.29 -23.04 -3.44
N ARG B 241 11.11 -22.10 -2.94
CA ARG B 241 10.92 -21.64 -1.56
C ARG B 241 9.69 -20.76 -1.45
N VAL B 242 9.55 -19.78 -2.35
CA VAL B 242 8.46 -18.83 -2.23
C VAL B 242 7.11 -19.53 -2.42
N CYS B 243 7.06 -20.52 -3.32
CA CYS B 243 5.82 -21.28 -3.48
C CYS B 243 5.54 -22.13 -2.24
N ALA B 244 6.58 -22.60 -1.56
CA ALA B 244 6.38 -23.38 -0.34
C ALA B 244 5.79 -22.54 0.78
N GLN B 245 6.14 -21.26 0.85
CA GLN B 245 5.63 -20.41 1.93
C GLN B 245 4.19 -19.99 1.68
N ILE B 246 3.86 -19.60 0.45
CA ILE B 246 2.47 -19.34 0.11
C ILE B 246 1.67 -20.64 0.08
N GLY B 247 2.35 -21.77 -0.13
CA GLY B 247 1.71 -23.05 -0.26
C GLY B 247 1.21 -23.38 -1.66
N ILE B 248 1.39 -22.48 -2.62
CA ILE B 248 0.99 -22.71 -4.00
C ILE B 248 1.95 -23.72 -4.62
N PRO B 249 1.50 -24.57 -5.53
CA PRO B 249 2.42 -25.50 -6.20
C PRO B 249 3.45 -24.73 -7.01
N PHE B 250 4.67 -25.28 -7.06
CA PHE B 250 5.72 -24.68 -7.87
C PHE B 250 5.29 -24.65 -9.33
N THR B 251 5.22 -23.45 -9.90
CA THR B 251 4.70 -23.28 -11.26
C THR B 251 5.34 -22.05 -11.87
N TYR B 252 5.60 -22.12 -13.17
CA TYR B 252 6.22 -20.98 -13.86
C TYR B 252 5.29 -19.78 -13.88
N GLU B 253 3.97 -20.02 -13.93
CA GLU B 253 3.00 -18.94 -14.00
C GLU B 253 2.86 -18.20 -12.67
N ALA B 254 3.27 -18.82 -11.55
CA ALA B 254 3.00 -18.26 -10.24
C ALA B 254 3.68 -16.92 -10.01
N CYS B 255 4.72 -16.60 -10.78
CA CYS B 255 5.43 -15.34 -10.58
C CYS B 255 4.53 -14.13 -10.79
N LEU B 256 3.56 -14.24 -11.68
CA LEU B 256 2.67 -13.11 -11.95
C LEU B 256 1.60 -12.92 -10.88
N LEU B 257 1.42 -13.89 -9.98
CA LEU B 257 0.46 -13.73 -8.89
C LEU B 257 0.92 -12.62 -7.96
N ASP B 258 -0.04 -11.85 -7.47
CA ASP B 258 0.29 -10.73 -6.58
C ASP B 258 0.94 -11.25 -5.30
N GLU B 259 0.47 -12.38 -4.81
CA GLU B 259 1.00 -12.91 -3.56
C GLU B 259 2.48 -13.28 -3.70
N TYR B 260 2.88 -13.74 -4.89
CA TYR B 260 4.28 -14.07 -5.09
C TYR B 260 5.16 -12.84 -4.94
N TYR B 261 4.71 -11.72 -5.47
CA TYR B 261 5.47 -10.49 -5.33
C TYR B 261 5.51 -10.06 -3.88
N ASP B 262 4.41 -10.25 -3.17
CA ASP B 262 4.36 -9.83 -1.77
C ASP B 262 5.34 -10.66 -0.95
N CYS B 263 5.33 -11.96 -1.16
CA CYS B 263 6.20 -12.84 -0.39
C CYS B 263 7.67 -12.59 -0.70
N ILE B 264 7.99 -12.26 -1.95
CA ILE B 264 9.39 -12.04 -2.30
C ILE B 264 9.93 -10.82 -1.57
N GLU B 265 9.06 -9.83 -1.29
CA GLU B 265 9.52 -8.63 -0.60
C GLU B 265 10.03 -8.96 0.80
N SER B 266 9.26 -9.77 1.54
CA SER B 266 9.66 -10.10 2.90
C SER B 266 10.97 -10.87 2.92
N ASN B 267 11.18 -11.73 1.94
CA ASN B 267 12.44 -12.47 1.88
C ASN B 267 13.59 -11.56 1.50
N ILE B 268 13.36 -10.62 0.57
CA ILE B 268 14.44 -9.72 0.16
C ILE B 268 14.94 -8.89 1.32
N GLU B 269 14.02 -8.40 2.14
CA GLU B 269 14.47 -7.52 3.22
C GLU B 269 14.83 -8.32 4.47
N GLN B 270 14.45 -9.61 4.51
CA GLN B 270 15.05 -10.54 5.46
C GLN B 270 16.51 -10.79 5.14
N MET B 271 16.82 -10.94 3.85
CA MET B 271 18.20 -11.10 3.43
C MET B 271 19.06 -9.92 3.84
N TYR B 272 18.58 -8.70 3.56
CA TYR B 272 19.40 -7.52 3.75
C TYR B 272 19.71 -7.29 5.24
N ASP B 273 18.72 -7.49 6.11
CA ASP B 273 18.94 -7.21 7.51
C ASP B 273 19.90 -8.22 8.15
N LEU B 274 20.05 -9.41 7.56
CA LEU B 274 20.96 -10.39 8.12
C LEU B 274 22.40 -10.21 7.65
N LEU B 275 22.61 -9.87 6.39
CA LEU B 275 23.96 -9.80 5.86
C LEU B 275 24.44 -8.38 5.55
N CYS B 276 23.53 -7.51 5.12
CA CYS B 276 23.95 -6.16 4.72
C CYS B 276 23.58 -5.09 5.72
N MET B 277 24.44 -4.88 6.68
CA MET B 277 24.24 -3.85 7.70
C MET B 277 25.19 -2.70 7.38
N CYS B 278 24.76 -1.81 6.49
CA CYS B 278 25.57 -0.65 6.16
C CYS B 278 24.90 0.64 6.65
N LYS B 279 25.27 1.77 6.07
CA LYS B 279 24.67 3.04 6.46
C LYS B 279 23.31 3.25 5.85
N GLU B 280 23.20 3.05 4.54
CA GLU B 280 21.93 3.25 3.86
C GLU B 280 20.93 2.27 4.39
N CYS B 281 21.31 0.99 4.39
CA CYS B 281 20.40 -0.03 4.90
C CYS B 281 20.17 0.19 6.37
N GLY B 282 21.14 0.79 7.05
CA GLY B 282 20.97 1.09 8.46
C GLY B 282 19.79 2.00 8.67
N MET B 283 19.70 3.04 7.87
CA MET B 283 18.60 3.97 8.01
C MET B 283 17.30 3.27 7.76
N ARG B 284 17.25 2.39 6.76
CA ARG B 284 16.01 1.72 6.41
C ARG B 284 15.51 0.85 7.56
N ARG B 285 16.41 0.22 8.29
CA ARG B 285 16.01 -0.57 9.46
C ARG B 285 15.54 0.29 10.62
N MET B 286 16.23 1.38 10.89
CA MET B 286 15.80 2.28 11.96
C MET B 286 14.41 2.78 11.66
N GLU B 287 14.18 3.12 10.42
CA GLU B 287 12.85 3.56 10.03
C GLU B 287 11.76 2.66 10.61
N ARG B 288 11.93 1.35 10.55
CA ARG B 288 10.87 0.46 11.02
C ARG B 288 10.62 0.63 12.50
N PHE B 289 11.68 0.70 13.30
CA PHE B 289 11.53 0.88 14.74
C PHE B 289 10.74 2.15 15.05
N GLU B 290 11.11 3.25 14.42
CA GLU B 290 10.43 4.51 14.65
C GLU B 290 9.01 4.46 14.12
N ARG B 291 8.82 3.87 12.96
CA ARG B 291 7.49 3.78 12.38
C ARG B 291 6.56 3.03 13.31
N VAL B 292 7.04 1.97 13.93
CA VAL B 292 6.21 1.20 14.85
C VAL B 292 5.74 2.09 15.99
N ARG B 293 6.64 2.81 16.63
CA ARG B 293 6.22 3.74 17.67
C ARG B 293 5.22 4.77 17.16
N TYR B 294 5.45 5.34 15.98
CA TYR B 294 4.58 6.39 15.48
C TYR B 294 3.20 5.89 15.07
N ASN B 295 3.10 4.63 14.68
CA ASN B 295 1.80 4.09 14.31
C ASN B 295 0.95 3.81 15.55
N THR B 296 1.57 3.38 16.64
CA THR B 296 0.84 3.06 17.85
C THR B 296 0.10 4.27 18.42
N ILE B 297 0.64 5.47 18.23
CA ILE B 297 0.02 6.67 18.79
C ILE B 297 -0.83 7.34 17.72
N GLY B 298 -1.02 6.67 16.59
CA GLY B 298 -1.89 7.21 15.56
C GLY B 298 -1.32 8.42 14.83
N GLU B 299 -0.03 8.44 14.58
CA GLU B 299 0.57 9.54 13.84
C GLU B 299 1.34 9.07 12.61
N ARG B 300 1.85 10.01 11.83
CA ARG B 300 2.60 9.66 10.62
C ARG B 300 4.06 10.07 10.73
N TYR B 301 4.94 9.34 10.05
CA TYR B 301 6.37 9.63 10.12
C TYR B 301 6.64 11.04 9.61
N PRO B 302 7.39 11.83 10.40
CA PRO B 302 7.64 13.24 10.04
C PRO B 302 8.69 13.44 8.95
N LYS B 303 8.87 14.69 8.52
CA LYS B 303 9.82 14.99 7.45
C LYS B 303 11.16 15.48 7.99
N LYS B 304 11.38 15.35 9.29
CA LYS B 304 12.61 15.84 9.88
C LYS B 304 13.83 15.18 9.29
N LYS B 305 13.83 13.86 9.25
CA LYS B 305 15.00 13.14 8.77
C LYS B 305 14.95 12.97 7.26
N ARG B 306 15.18 14.06 6.54
CA ARG B 306 15.25 13.95 5.08
C ARG B 306 16.70 14.03 4.64
N ASP B 307 17.61 14.05 5.61
CA ASP B 307 19.03 14.06 5.30
C ASP B 307 19.44 12.81 4.52
N ARG B 308 18.71 11.72 4.72
CA ARG B 308 19.00 10.52 3.97
C ARG B 308 18.66 10.71 2.50
N GLU B 309 19.46 10.13 1.61
CA GLU B 309 19.13 10.20 0.20
C GLU B 309 17.81 9.50 -0.07
N ARG B 310 17.12 9.95 -1.11
CA ARG B 310 15.78 9.43 -1.39
C ARG B 310 15.84 7.94 -1.65
N PHE B 311 14.93 7.19 -1.02
CA PHE B 311 14.85 5.76 -1.27
C PHE B 311 14.13 5.53 -2.58
N PHE B 312 14.43 4.45 -3.27
CA PHE B 312 13.86 4.19 -4.59
C PHE B 312 12.35 4.10 -4.54
N GLU B 313 11.81 3.60 -3.44
CA GLU B 313 10.37 3.45 -3.35
C GLU B 313 9.67 4.79 -3.36
N GLU B 314 10.28 5.79 -2.75
CA GLU B 314 9.63 7.10 -2.61
C GLU B 314 9.43 7.78 -3.96
N ASN B 315 10.22 7.41 -4.96
CA ASN B 315 10.12 8.05 -6.27
C ASN B 315 8.75 7.79 -6.88
N TYR B 316 8.31 8.72 -7.72
CA TYR B 316 7.03 8.62 -8.43
C TYR B 316 7.30 8.62 -9.93
N VAL B 317 6.96 7.51 -10.59
CA VAL B 317 7.09 7.40 -12.03
C VAL B 317 5.72 7.08 -12.62
N ILE B 318 5.56 7.41 -13.91
CA ILE B 318 4.28 7.21 -14.57
C ILE B 318 4.53 6.71 -16.00
N ILE B 319 3.95 5.58 -16.37
CA ILE B 319 4.12 5.04 -17.71
C ILE B 319 3.38 5.87 -18.74
N HIS B 320 4.07 6.25 -19.82
CA HIS B 320 3.45 7.12 -20.81
C HIS B 320 2.57 6.38 -21.84
N SER B 321 2.79 5.09 -22.05
CA SER B 321 1.94 4.30 -22.96
C SER B 321 0.52 4.38 -22.50
N HIS B 322 0.29 4.06 -21.24
CA HIS B 322 -1.04 4.20 -20.68
C HIS B 322 -0.94 5.19 -19.53
N PRO B 323 -0.98 6.49 -19.83
CA PRO B 323 -0.75 7.51 -18.80
C PRO B 323 -1.73 7.43 -17.64
N ASP B 324 -2.96 6.96 -17.88
CA ASP B 324 -3.97 6.92 -16.84
C ASP B 324 -3.88 5.65 -15.99
N LEU B 325 -2.79 4.90 -16.12
CA LEU B 325 -2.54 3.72 -15.29
C LEU B 325 -2.30 4.08 -13.82
N GLY B 326 -1.94 5.32 -13.53
CA GLY B 326 -1.60 5.72 -12.19
C GLY B 326 -0.13 5.49 -11.90
N VAL B 327 0.37 6.16 -10.87
CA VAL B 327 1.77 6.05 -10.51
C VAL B 327 2.16 4.64 -10.10
N LEU B 328 3.18 4.08 -10.75
CA LEU B 328 3.65 2.75 -10.40
C LEU B 328 4.18 2.72 -8.98
N LYS B 329 3.96 1.62 -8.29
CA LYS B 329 4.51 1.49 -6.95
C LYS B 329 5.90 0.93 -7.08
N LEU B 330 6.89 1.79 -7.22
CA LEU B 330 8.26 1.35 -7.42
C LEU B 330 8.65 0.27 -6.42
N PRO B 331 9.26 -0.80 -6.90
CA PRO B 331 9.62 -1.90 -6.01
C PRO B 331 10.75 -1.45 -5.10
N LYS B 332 10.79 -1.94 -3.87
CA LYS B 332 11.78 -1.45 -2.93
C LYS B 332 13.14 -2.11 -3.17
N ILE B 333 13.63 -2.01 -4.41
CA ILE B 333 14.99 -2.42 -4.71
C ILE B 333 15.94 -1.55 -3.93
N ARG B 334 17.03 -2.12 -3.47
CA ARG B 334 17.97 -1.40 -2.62
C ARG B 334 19.28 -1.15 -3.37
N HIS B 335 20.19 -0.47 -2.69
CA HIS B 335 21.54 -0.22 -3.24
C HIS B 335 21.66 0.57 -4.53
N LEU B 336 20.61 1.25 -4.92
CA LEU B 336 20.72 2.14 -6.07
C LEU B 336 21.24 3.47 -5.58
N ASN B 337 22.31 3.95 -6.20
CA ASN B 337 22.88 5.25 -5.83
C ASN B 337 21.96 6.36 -6.31
N PRO B 338 21.99 7.53 -5.64
CA PRO B 338 21.07 8.62 -6.02
C PRO B 338 21.09 8.91 -7.50
N LEU B 339 22.28 9.00 -8.09
CA LEU B 339 22.39 9.23 -9.52
C LEU B 339 21.75 8.11 -10.33
N GLN B 340 22.07 6.87 -10.00
CA GLN B 340 21.53 5.72 -10.73
C GLN B 340 20.03 5.63 -10.57
N GLN B 341 19.53 6.05 -9.42
CA GLN B 341 18.10 6.01 -9.17
C GLN B 341 17.39 6.84 -10.22
N LEU B 342 18.00 7.94 -10.63
CA LEU B 342 17.39 8.75 -11.70
C LEU B 342 17.32 7.99 -13.02
N MET B 343 18.45 7.44 -13.49
CA MET B 343 18.44 6.76 -14.79
C MET B 343 17.46 5.61 -14.81
N MET B 344 17.41 4.83 -13.74
CA MET B 344 16.52 3.68 -13.66
C MET B 344 15.06 4.13 -13.73
N CYS B 345 14.72 5.13 -12.94
CA CYS B 345 13.37 5.61 -12.94
C CYS B 345 13.07 6.24 -14.29
N ARG B 346 14.09 6.80 -14.94
CA ARG B 346 13.89 7.48 -16.23
C ARG B 346 13.49 6.49 -17.31
N TYR B 347 14.26 5.42 -17.41
CA TYR B 347 13.96 4.42 -18.42
C TYR B 347 12.64 3.73 -18.11
N LEU B 348 12.34 3.55 -16.82
CA LEU B 348 11.11 2.86 -16.46
C LEU B 348 9.92 3.64 -16.97
N SER B 349 9.96 4.95 -16.83
CA SER B 349 8.84 5.78 -17.26
C SER B 349 8.68 5.78 -18.77
N LYS B 350 9.79 5.75 -19.49
CA LYS B 350 9.73 5.83 -20.95
C LYS B 350 9.23 4.58 -21.63
N ASP B 351 10.03 3.52 -21.59
CA ASP B 351 9.67 2.30 -22.30
C ASP B 351 9.75 1.03 -21.46
N LEU B 352 9.42 1.13 -20.18
CA LEU B 352 9.47 -0.03 -19.30
C LEU B 352 10.75 -0.82 -19.54
N LEU B 353 11.90 -0.14 -19.52
CA LEU B 353 13.20 -0.80 -19.69
C LEU B 353 13.42 -1.55 -21.01
N TYR B 354 12.58 -1.35 -22.01
CA TYR B 354 12.77 -2.12 -23.24
C TYR B 354 14.08 -1.75 -23.87
N ASP B 355 14.36 -0.46 -23.95
CA ASP B 355 15.57 0.00 -24.60
C ASP B 355 16.82 -0.55 -23.97
N THR B 356 16.87 -0.64 -22.65
CA THR B 356 18.11 -1.07 -22.00
C THR B 356 18.14 -2.56 -21.72
N GLN B 357 17.41 -3.34 -22.50
CA GLN B 357 17.36 -4.76 -22.21
C GLN B 357 17.18 -5.56 -23.51
N PHE B 358 16.57 -4.94 -24.52
CA PHE B 358 16.51 -5.44 -25.89
C PHE B 358 16.67 -4.26 -26.85
N GLY B 359 16.69 -4.56 -28.15
CA GLY B 359 16.83 -3.53 -29.15
C GLY B 359 18.27 -3.14 -29.44
N PRO B 360 18.48 -1.99 -30.06
CA PRO B 360 19.83 -1.56 -30.41
C PRO B 360 20.70 -1.31 -29.19
N SER B 361 21.98 -1.65 -29.35
CA SER B 361 23.02 -1.35 -28.35
C SER B 361 22.65 -1.86 -26.96
N ASN B 362 21.85 -2.93 -26.87
CA ASN B 362 21.54 -3.47 -25.55
C ASN B 362 22.79 -3.97 -24.85
N ALA B 363 23.80 -4.35 -25.64
CA ALA B 363 25.01 -4.92 -25.06
C ALA B 363 25.73 -3.93 -24.14
N PHE B 364 25.68 -2.64 -24.47
CA PHE B 364 26.36 -1.66 -23.64
C PHE B 364 25.70 -1.56 -22.27
N SER B 365 24.37 -1.54 -22.23
CA SER B 365 23.66 -1.57 -20.95
C SER B 365 23.87 -2.90 -20.24
N ARG B 366 23.92 -3.98 -21.03
CA ARG B 366 24.12 -5.31 -20.44
C ARG B 366 25.43 -5.38 -19.69
N ALA B 367 26.41 -4.56 -20.08
CA ALA B 367 27.64 -4.54 -19.31
C ALA B 367 27.37 -4.29 -17.84
N GLN B 368 26.27 -3.61 -17.51
CA GLN B 368 25.96 -3.24 -16.14
C GLN B 368 24.62 -3.77 -15.64
N GLY B 369 24.14 -4.90 -16.17
CA GLY B 369 22.99 -5.57 -15.58
C GLY B 369 21.70 -5.50 -16.39
N VAL B 370 20.91 -6.56 -16.33
CA VAL B 370 19.73 -6.65 -17.19
C VAL B 370 18.62 -5.77 -16.62
N PRO B 371 18.08 -6.00 -15.40
CA PRO B 371 17.02 -5.11 -14.89
C PRO B 371 17.53 -3.95 -14.07
N LEU B 372 18.74 -4.07 -13.53
CA LEU B 372 19.30 -3.10 -12.59
C LEU B 372 20.69 -2.73 -13.04
N PRO B 373 21.20 -1.55 -12.69
CA PRO B 373 22.64 -1.30 -12.86
C PRO B 373 23.45 -2.21 -11.95
N PHE B 374 24.62 -2.67 -12.40
CA PHE B 374 25.52 -3.39 -11.50
C PHE B 374 25.94 -2.45 -10.38
N SER B 375 25.59 -2.79 -9.15
CA SER B 375 25.87 -1.90 -8.02
C SER B 375 26.01 -2.62 -6.71
N ALA B 376 26.93 -2.16 -5.87
CA ALA B 376 27.11 -2.76 -4.54
C ALA B 376 27.77 -1.79 -3.58
N VAL B 377 27.64 -2.07 -2.30
CA VAL B 377 28.23 -1.20 -1.29
C VAL B 377 29.70 -1.55 -1.10
N GLN B 378 30.52 -0.54 -0.79
CA GLN B 378 31.95 -0.76 -0.58
C GLN B 378 32.24 -1.48 0.74
N GLU B 379 33.42 -2.09 0.86
CA GLU B 379 33.82 -2.79 2.09
C GLU B 379 32.88 -3.92 2.48
N THR B 380 32.38 -4.67 1.50
CA THR B 380 31.53 -5.82 1.79
C THR B 380 31.92 -6.92 0.82
N ASP B 381 32.05 -8.15 1.31
CA ASP B 381 32.50 -9.25 0.45
C ASP B 381 31.74 -9.30 -0.87
N MET B 382 32.47 -9.21 -1.97
CA MET B 382 31.83 -9.19 -3.28
C MET B 382 31.10 -10.49 -3.57
N ASN B 383 31.60 -11.60 -3.05
CA ASN B 383 30.94 -12.87 -3.25
C ASN B 383 29.54 -12.78 -2.69
N ILE B 384 29.40 -12.21 -1.48
CA ILE B 384 28.08 -12.02 -0.90
C ILE B 384 27.31 -10.96 -1.67
N ALA B 385 27.99 -9.89 -2.07
CA ALA B 385 27.31 -8.80 -2.77
C ALA B 385 26.64 -9.25 -4.05
N TYR B 386 27.30 -10.11 -4.83
CA TYR B 386 26.71 -10.59 -6.07
C TYR B 386 25.47 -11.40 -5.78
N ALA B 387 25.51 -12.17 -4.70
CA ALA B 387 24.37 -12.97 -4.35
C ALA B 387 23.16 -12.09 -4.07
N LEU B 388 23.32 -11.10 -3.21
CA LEU B 388 22.21 -10.20 -2.90
C LEU B 388 21.80 -9.46 -4.16
N TYR B 389 22.77 -9.13 -5.00
CA TYR B 389 22.46 -8.45 -6.25
C TYR B 389 21.63 -9.30 -7.18
N LEU B 390 21.83 -10.62 -7.18
CA LEU B 390 20.93 -11.46 -7.95
C LEU B 390 19.52 -11.38 -7.39
N ALA B 391 19.40 -11.30 -6.07
CA ALA B 391 18.08 -11.20 -5.47
C ALA B 391 17.42 -9.87 -5.82
N SER B 392 18.19 -8.78 -5.81
CA SER B 392 17.63 -7.49 -6.19
C SER B 392 17.21 -7.47 -7.65
N ASN B 393 17.94 -8.21 -8.51
CA ASN B 393 17.56 -8.28 -9.90
C ASN B 393 16.29 -9.09 -10.10
N SER B 394 16.19 -10.24 -9.42
CA SER B 394 14.98 -11.04 -9.51
C SER B 394 13.78 -10.29 -8.94
N TYR B 395 14.01 -9.49 -7.89
CA TYR B 395 12.94 -8.66 -7.34
C TYR B 395 12.47 -7.60 -8.32
N PHE B 396 13.38 -7.03 -9.10
CA PHE B 396 12.94 -6.06 -10.10
C PHE B 396 12.36 -6.76 -11.33
N MET B 397 12.84 -7.96 -11.64
CA MET B 397 12.23 -8.77 -12.69
C MET B 397 10.75 -8.98 -12.44
N CYS B 398 10.41 -9.41 -11.22
CA CYS B 398 9.01 -9.72 -10.91
C CYS B 398 8.15 -8.48 -11.02
N PHE B 399 8.72 -7.32 -10.73
CA PHE B 399 7.98 -6.09 -10.87
C PHE B 399 7.74 -5.87 -12.35
N LEU B 400 8.80 -5.87 -13.14
CA LEU B 400 8.67 -5.61 -14.56
C LEU B 400 7.74 -6.60 -15.24
N LEU B 401 7.55 -7.78 -14.67
CA LEU B 401 6.62 -8.69 -15.28
C LEU B 401 5.23 -8.20 -14.98
N ARG B 402 4.93 -7.96 -13.71
CA ARG B 402 3.57 -7.61 -13.36
C ARG B 402 3.14 -6.30 -14.00
N CYS B 403 4.10 -5.42 -14.30
CA CYS B 403 3.74 -4.13 -14.91
C CYS B 403 3.37 -4.30 -16.38
N VAL B 404 4.22 -4.99 -17.14
CA VAL B 404 3.89 -5.20 -18.53
C VAL B 404 2.60 -5.99 -18.62
N ARG B 405 2.27 -6.75 -17.59
CA ARG B 405 1.01 -7.49 -17.58
C ARG B 405 -0.13 -6.50 -17.46
N ASP B 406 0.04 -5.49 -16.64
CA ASP B 406 -1.01 -4.50 -16.43
C ASP B 406 -1.19 -3.63 -17.67
N VAL B 407 -0.11 -3.23 -18.32
CA VAL B 407 -0.26 -2.46 -19.56
C VAL B 407 -0.83 -3.35 -20.66
N LEU B 408 -0.61 -4.67 -20.57
CA LEU B 408 -1.25 -5.55 -21.54
C LEU B 408 -2.74 -5.53 -21.28
N ARG B 409 -3.12 -5.52 -20.02
CA ARG B 409 -4.55 -5.59 -19.72
C ARG B 409 -5.25 -4.27 -20.03
N HIS B 410 -4.55 -3.15 -19.87
CA HIS B 410 -5.19 -1.86 -20.08
C HIS B 410 -5.31 -1.52 -21.57
N GLU B 411 -4.35 -1.92 -22.41
CA GLU B 411 -4.65 -2.02 -23.85
C GLU B 411 -5.76 -3.02 -24.13
N GLU B 412 -5.78 -4.17 -23.44
CA GLU B 412 -6.82 -5.15 -23.73
C GLU B 412 -8.19 -4.54 -23.52
N GLU B 413 -8.48 -4.13 -22.30
CA GLU B 413 -9.80 -3.59 -22.00
C GLU B 413 -10.15 -2.47 -22.93
N ALA B 414 -9.24 -1.51 -23.08
CA ALA B 414 -9.51 -0.36 -23.93
C ALA B 414 -9.87 -0.77 -25.35
N PHE B 415 -9.10 -1.67 -25.95
CA PHE B 415 -9.37 -2.09 -27.32
C PHE B 415 -10.77 -2.66 -27.41
N ARG B 416 -11.09 -3.55 -26.48
CA ARG B 416 -12.39 -4.18 -26.50
C ARG B 416 -13.48 -3.13 -26.41
N LYS B 417 -13.34 -2.20 -25.48
CA LYS B 417 -14.36 -1.16 -25.31
C LYS B 417 -14.54 -0.37 -26.58
N LEU B 418 -13.44 0.04 -27.20
CA LEU B 418 -13.51 0.82 -28.43
C LEU B 418 -14.24 0.05 -29.51
N ILE B 419 -13.87 -1.21 -29.70
CA ILE B 419 -14.51 -2.03 -30.72
C ILE B 419 -16.02 -2.12 -30.47
N LEU B 420 -16.40 -2.36 -29.21
CA LEU B 420 -17.81 -2.50 -28.89
C LEU B 420 -18.55 -1.21 -29.18
N ARG B 421 -17.96 -0.08 -28.82
CA ARG B 421 -18.60 1.20 -29.08
C ARG B 421 -18.79 1.38 -30.56
N LEU B 422 -17.76 1.06 -31.33
CA LEU B 422 -17.84 1.21 -32.78
C LEU B 422 -18.95 0.34 -33.38
N VAL B 423 -18.93 -0.96 -33.09
CA VAL B 423 -19.93 -1.84 -33.69
C VAL B 423 -21.33 -1.46 -33.23
N ASN B 424 -21.47 -0.89 -32.02
CA ASN B 424 -22.78 -0.43 -31.58
C ASN B 424 -23.29 0.68 -32.48
N GLU B 425 -22.40 1.56 -32.92
CA GLU B 425 -22.77 2.60 -33.86
C GLU B 425 -23.08 2.02 -35.24
N ALA B 426 -22.46 0.89 -35.59
CA ALA B 426 -22.68 0.30 -36.90
C ALA B 426 -24.11 -0.16 -37.07
N VAL B 427 -24.60 -0.98 -36.14
CA VAL B 427 -26.01 -1.38 -36.18
C VAL B 427 -26.91 -0.19 -35.94
N GLU B 428 -26.41 0.82 -35.21
CA GLU B 428 -27.21 2.02 -34.95
C GLU B 428 -27.52 2.80 -36.21
N ILE B 429 -26.63 2.76 -37.20
CA ILE B 429 -26.76 3.58 -38.40
C ILE B 429 -27.30 2.78 -39.58
N ILE B 430 -26.89 1.52 -39.71
CA ILE B 430 -27.32 0.73 -40.86
C ILE B 430 -28.82 0.43 -40.81
N ARG B 431 -29.43 0.50 -39.64
CA ARG B 431 -30.87 0.29 -39.55
C ARG B 431 -31.64 1.35 -40.34
N ASP B 432 -31.09 2.57 -40.41
CA ASP B 432 -31.68 3.59 -41.27
C ASP B 432 -31.58 3.20 -42.74
N ASP B 433 -30.49 2.53 -43.12
CA ASP B 433 -30.37 2.04 -44.50
C ASP B 433 -31.38 0.95 -44.80
N VAL B 434 -31.74 0.14 -43.79
CA VAL B 434 -32.70 -0.93 -44.02
C VAL B 434 -34.09 -0.34 -44.27
N ASN B 435 -34.48 0.67 -43.49
CA ASN B 435 -35.77 1.32 -43.70
C ASN B 435 -35.83 2.03 -45.05
N SER B 436 -34.71 2.60 -45.50
CA SER B 436 -34.69 3.30 -46.78
C SER B 436 -34.86 2.35 -47.93
N ARG B 437 -34.19 1.19 -47.88
CA ARG B 437 -34.34 0.20 -48.93
C ARG B 437 -35.74 -0.39 -48.97
N VAL B 438 -36.39 -0.49 -47.80
CA VAL B 438 -37.76 -0.99 -47.77
C VAL B 438 -38.71 0.01 -48.41
N TRP B 439 -38.51 1.30 -48.14
CA TRP B 439 -39.35 2.33 -48.76
C TRP B 439 -39.10 2.41 -50.26
N ALA B 440 -37.91 2.04 -50.72
CA ALA B 440 -37.57 2.12 -52.14
C ALA B 440 -38.10 0.90 -52.89
N SER B 458 -31.90 -9.70 -51.34
CA SER B 458 -30.75 -10.40 -50.77
C SER B 458 -29.89 -9.46 -49.95
N ALA B 459 -29.68 -8.25 -50.46
CA ALA B 459 -28.88 -7.27 -49.74
C ALA B 459 -29.54 -6.88 -48.41
N GLU B 460 -30.86 -6.82 -48.38
CA GLU B 460 -31.55 -6.58 -47.10
C GLU B 460 -31.32 -7.73 -46.13
N GLU B 461 -31.24 -8.96 -46.65
CA GLU B 461 -30.95 -10.09 -45.77
C GLU B 461 -29.55 -9.97 -45.18
N ARG B 462 -28.57 -9.62 -46.03
CA ARG B 462 -27.19 -9.53 -45.56
C ARG B 462 -27.04 -8.44 -44.51
N ASP B 463 -27.77 -7.34 -44.66
CA ASP B 463 -27.57 -6.20 -43.77
C ASP B 463 -28.14 -6.49 -42.39
N LEU B 464 -29.37 -7.00 -42.34
CA LEU B 464 -29.96 -7.35 -41.05
C LEU B 464 -29.19 -8.51 -40.42
N ALA B 465 -28.64 -9.39 -41.25
CA ALA B 465 -27.90 -10.52 -40.72
C ALA B 465 -26.71 -10.04 -39.93
N ILE B 466 -25.89 -9.20 -40.52
CA ILE B 466 -24.70 -8.71 -39.84
C ILE B 466 -25.10 -7.80 -38.68
N ALA B 467 -26.26 -7.17 -38.76
CA ALA B 467 -26.72 -6.35 -37.65
C ALA B 467 -26.90 -7.23 -36.44
N ARG B 468 -27.70 -8.28 -36.59
CA ARG B 468 -27.91 -9.20 -35.48
C ARG B 468 -26.61 -9.86 -35.09
N SER B 469 -25.82 -10.27 -36.08
CA SER B 469 -24.58 -10.98 -35.81
C SER B 469 -23.52 -10.14 -35.11
N LEU B 470 -23.41 -8.86 -35.46
CA LEU B 470 -22.46 -8.01 -34.76
C LEU B 470 -22.85 -7.92 -33.29
N GLU B 471 -24.15 -7.87 -33.01
CA GLU B 471 -24.59 -7.87 -31.62
C GLU B 471 -24.21 -9.18 -30.97
N GLU B 472 -24.42 -10.29 -31.67
CA GLU B 472 -24.07 -11.61 -31.14
C GLU B 472 -22.58 -11.69 -30.81
N LEU B 473 -21.75 -11.02 -31.59
CA LEU B 473 -20.32 -11.00 -31.30
C LEU B 473 -20.07 -10.10 -30.10
N THR B 474 -19.98 -10.71 -28.93
CA THR B 474 -19.75 -9.93 -27.71
C THR B 474 -18.28 -9.62 -27.52
N PHE B 475 -17.42 -10.21 -28.33
CA PHE B 475 -15.97 -10.00 -28.21
C PHE B 475 -15.48 -10.35 -26.81
N SER B 476 -16.13 -11.32 -26.17
CA SER B 476 -15.75 -11.72 -24.83
C SER B 476 -14.38 -12.36 -24.83
N ASN B 477 -13.54 -11.96 -23.88
CA ASN B 477 -12.20 -12.53 -23.80
C ASN B 477 -12.22 -13.97 -23.29
N GLY B 487 -11.45 -17.21 -28.81
CA GLY B 487 -12.67 -16.54 -28.40
C GLY B 487 -12.67 -15.06 -28.77
N PHE B 488 -11.84 -14.30 -28.07
CA PHE B 488 -11.69 -12.89 -28.40
C PHE B 488 -11.13 -12.77 -29.81
N CYS B 489 -10.15 -13.61 -30.14
CA CYS B 489 -9.63 -13.61 -31.49
C CYS B 489 -10.64 -14.19 -32.46
N ARG B 490 -11.37 -15.22 -32.02
CA ARG B 490 -12.40 -15.82 -32.87
C ARG B 490 -13.52 -14.83 -33.15
N ASP B 491 -13.94 -14.07 -32.15
CA ASP B 491 -14.98 -13.07 -32.35
C ASP B 491 -14.49 -11.97 -33.27
N ALA B 492 -13.25 -11.55 -33.08
CA ALA B 492 -12.68 -10.50 -33.93
C ALA B 492 -12.61 -10.98 -35.37
N ALA B 493 -12.15 -12.22 -35.55
CA ALA B 493 -12.06 -12.79 -36.89
C ALA B 493 -13.45 -13.04 -37.46
N ARG B 494 -14.39 -13.44 -36.61
CA ARG B 494 -15.75 -13.61 -37.08
C ARG B 494 -16.25 -12.27 -37.56
N PHE B 495 -15.94 -11.22 -36.81
CA PHE B 495 -16.40 -9.89 -37.18
C PHE B 495 -16.00 -9.55 -38.59
N LEU B 496 -14.72 -9.61 -38.89
CA LEU B 496 -14.26 -9.21 -40.22
C LEU B 496 -14.79 -10.15 -41.28
N ASP B 497 -14.94 -11.43 -40.94
CA ASP B 497 -15.56 -12.38 -41.88
C ASP B 497 -17.02 -12.02 -42.12
N LEU B 498 -17.73 -11.62 -41.07
CA LEU B 498 -19.08 -11.13 -41.22
C LEU B 498 -19.13 -9.86 -42.06
N ILE B 499 -18.15 -8.97 -41.88
CA ILE B 499 -18.08 -7.78 -42.71
C ILE B 499 -17.70 -8.14 -44.13
N ASP B 500 -16.84 -9.17 -44.29
CA ASP B 500 -16.52 -9.64 -45.63
C ASP B 500 -17.75 -10.20 -46.33
N ALA B 501 -18.60 -10.91 -45.57
CA ALA B 501 -19.83 -11.43 -46.15
C ALA B 501 -20.77 -10.31 -46.55
N PHE B 502 -20.77 -9.21 -45.79
CA PHE B 502 -21.56 -8.05 -46.19
C PHE B 502 -21.04 -7.50 -47.51
N HIS B 503 -21.96 -7.22 -48.42
CA HIS B 503 -21.58 -6.77 -49.74
C HIS B 503 -21.10 -5.33 -49.69
N PHE B 504 -20.11 -5.02 -50.53
CA PHE B 504 -19.57 -3.68 -50.62
C PHE B 504 -19.45 -3.27 -52.09
N PRO B 505 -19.55 -1.98 -52.37
CA PRO B 505 -19.40 -1.52 -53.77
C PRO B 505 -17.99 -1.80 -54.28
N LYS B 506 -17.87 -1.98 -55.59
CA LYS B 506 -16.54 -2.14 -56.16
C LYS B 506 -15.70 -0.93 -55.83
N ALA B 507 -16.36 0.21 -55.59
CA ALA B 507 -15.66 1.42 -55.21
C ALA B 507 -14.90 1.23 -53.91
N LEU B 508 -15.30 0.24 -53.12
CA LEU B 508 -14.59 -0.04 -51.87
C LEU B 508 -13.80 -1.34 -51.92
N ARG B 509 -13.90 -2.08 -53.01
CA ARG B 509 -13.21 -3.37 -53.08
C ARG B 509 -11.77 -3.23 -53.55
N GLU B 510 -11.06 -4.34 -53.63
CA GLU B 510 -9.65 -4.30 -54.01
C GLU B 510 -9.44 -3.74 -55.42
N HIS B 511 -10.44 -3.86 -56.29
CA HIS B 511 -10.33 -3.36 -57.64
C HIS B 511 -9.86 -1.92 -57.61
N ARG B 512 -10.69 -1.05 -57.03
CA ARG B 512 -10.34 0.36 -56.95
C ARG B 512 -9.14 0.58 -56.05
N ALA B 513 -9.06 -0.16 -54.95
CA ALA B 513 -7.96 0.00 -54.03
C ALA B 513 -6.63 -0.23 -54.74
N ARG B 514 -6.54 -1.31 -55.50
CA ARG B 514 -5.32 -1.61 -56.23
C ARG B 514 -5.05 -0.56 -57.29
N GLU B 515 -6.09 -0.10 -57.98
CA GLU B 515 -5.93 0.93 -58.98
C GLU B 515 -5.35 2.20 -58.36
N ASP B 516 -5.91 2.62 -57.23
CA ASP B 516 -5.42 3.81 -56.55
C ASP B 516 -3.98 3.61 -56.12
N LEU B 517 -3.61 2.39 -55.75
CA LEU B 517 -2.23 2.10 -55.37
C LEU B 517 -1.31 2.35 -56.55
N LEU B 518 -1.66 1.81 -57.71
CA LEU B 518 -0.84 1.99 -58.89
C LEU B 518 -0.62 3.47 -59.18
N LEU B 519 -1.67 4.27 -59.04
CA LEU B 519 -1.57 5.69 -59.33
C LEU B 519 -0.55 6.38 -58.44
N HIS B 520 -0.58 6.10 -57.15
CA HIS B 520 0.37 6.70 -56.22
C HIS B 520 1.79 6.27 -56.55
N THR B 521 1.96 5.00 -56.91
CA THR B 521 3.28 4.49 -57.29
C THR B 521 3.79 5.26 -58.50
N PHE B 522 2.92 5.50 -59.48
CA PHE B 522 3.32 6.25 -60.67
C PHE B 522 3.90 7.60 -60.29
N ASP B 555 -6.55 -13.39 -44.33
CA ASP B 555 -7.93 -13.27 -43.86
C ASP B 555 -8.00 -13.45 -42.35
N GLY B 556 -9.21 -13.60 -41.82
CA GLY B 556 -9.37 -13.78 -40.39
C GLY B 556 -9.01 -15.18 -39.94
N ALA B 557 -9.00 -16.14 -40.86
CA ALA B 557 -8.71 -17.52 -40.50
C ALA B 557 -7.28 -17.65 -40.02
N VAL B 558 -6.34 -17.11 -40.79
CA VAL B 558 -4.93 -17.15 -40.38
C VAL B 558 -4.75 -16.34 -39.09
N VAL B 559 -5.43 -15.21 -38.98
CA VAL B 559 -5.36 -14.43 -37.75
C VAL B 559 -5.80 -15.29 -36.60
N ARG B 560 -6.91 -16.00 -36.78
CA ARG B 560 -7.45 -16.84 -35.71
C ARG B 560 -6.42 -17.85 -35.27
N THR B 561 -5.68 -18.43 -36.21
CA THR B 561 -4.68 -19.42 -35.85
C THR B 561 -3.54 -18.79 -35.06
N GLY B 562 -3.00 -17.68 -35.56
CA GLY B 562 -1.88 -17.02 -34.89
C GLY B 562 -2.23 -16.49 -33.52
N GLY B 563 -3.37 -15.82 -33.40
CA GLY B 563 -3.80 -15.27 -32.14
C GLY B 563 -3.83 -16.34 -31.08
N VAL B 564 -3.02 -16.17 -30.04
CA VAL B 564 -2.93 -17.21 -29.04
C VAL B 564 -3.76 -16.74 -27.85
N ASN B 565 -4.06 -17.65 -26.93
CA ASN B 565 -4.91 -17.29 -25.80
C ASN B 565 -4.26 -16.18 -24.98
N LEU B 566 -5.05 -15.15 -24.65
CA LEU B 566 -4.52 -14.02 -23.90
C LEU B 566 -4.18 -14.40 -22.48
N THR B 567 -4.67 -15.53 -21.99
CA THR B 567 -4.36 -16.01 -20.66
C THR B 567 -2.85 -16.13 -20.49
N ASP B 568 -2.38 -15.79 -19.29
CA ASP B 568 -0.96 -15.55 -19.04
C ASP B 568 -0.12 -16.78 -19.32
N ASN B 569 -0.59 -17.93 -18.86
CA ASN B 569 0.27 -19.11 -18.80
C ASN B 569 0.27 -19.88 -20.11
N GLU B 570 -0.48 -19.42 -21.11
CA GLU B 570 -0.14 -19.78 -22.48
C GLU B 570 1.02 -18.93 -23.00
N ILE B 571 1.04 -17.66 -22.64
CA ILE B 571 2.14 -16.78 -23.03
C ILE B 571 3.43 -17.20 -22.34
N VAL B 572 3.35 -17.62 -21.09
CA VAL B 572 4.53 -18.01 -20.34
C VAL B 572 5.16 -19.27 -20.92
N ARG B 573 4.32 -20.15 -21.48
CA ARG B 573 4.79 -21.42 -22.03
C ARG B 573 5.78 -21.22 -23.16
N GLU C 147 29.71 -45.42 -40.05
CA GLU C 147 29.72 -45.12 -38.62
C GLU C 147 28.54 -44.18 -38.41
N ILE C 148 27.44 -44.52 -39.09
CA ILE C 148 26.38 -43.57 -39.41
C ILE C 148 25.68 -43.06 -38.15
N GLU C 149 25.42 -43.95 -37.19
CA GLU C 149 24.66 -43.55 -36.00
C GLU C 149 25.56 -43.28 -34.82
N THR C 150 26.76 -43.88 -34.81
CA THR C 150 27.74 -43.51 -33.79
C THR C 150 28.13 -42.06 -33.92
N ARG C 151 28.09 -41.52 -35.14
CA ARG C 151 28.35 -40.10 -35.34
C ARG C 151 27.30 -39.24 -34.64
N ILE C 152 26.03 -39.65 -34.71
CA ILE C 152 24.97 -38.90 -34.05
C ILE C 152 25.18 -38.94 -32.54
N LEU C 153 25.69 -40.07 -32.03
CA LEU C 153 25.92 -40.19 -30.59
C LEU C 153 27.00 -39.21 -30.14
N ASP C 154 28.16 -39.22 -30.80
CA ASP C 154 29.26 -38.38 -30.34
C ASP C 154 28.94 -36.90 -30.52
N LEU C 155 28.23 -36.55 -31.59
CA LEU C 155 27.93 -35.13 -31.79
C LEU C 155 27.02 -34.60 -30.68
N GLN C 156 25.94 -35.33 -30.37
CA GLN C 156 25.00 -34.85 -29.37
C GLN C 156 25.67 -34.73 -28.00
N THR C 157 26.39 -35.78 -27.58
CA THR C 157 26.97 -35.76 -26.24
C THR C 157 28.06 -34.69 -26.12
N ALA C 158 28.86 -34.49 -27.16
CA ALA C 158 29.89 -33.46 -27.14
C ALA C 158 29.24 -32.10 -27.07
N VAL C 159 28.09 -31.95 -27.73
CA VAL C 159 27.36 -30.69 -27.67
C VAL C 159 26.85 -30.44 -26.26
N GLU C 160 26.39 -31.48 -25.59
CA GLU C 160 25.95 -31.33 -24.21
C GLU C 160 27.10 -30.79 -23.38
N ALA C 161 28.31 -31.33 -23.58
CA ALA C 161 29.49 -30.84 -22.87
C ALA C 161 29.76 -29.39 -23.22
N LEU C 162 29.62 -29.03 -24.50
CA LEU C 162 29.80 -27.64 -24.91
C LEU C 162 28.80 -26.74 -24.20
N VAL C 163 27.53 -27.13 -24.20
CA VAL C 163 26.50 -26.33 -23.57
C VAL C 163 26.81 -26.12 -22.09
N ARG C 164 27.17 -27.19 -21.39
CA ARG C 164 27.51 -27.09 -19.97
C ARG C 164 28.69 -26.16 -19.75
N SER C 165 29.75 -26.33 -20.53
CA SER C 165 30.93 -25.48 -20.39
C SER C 165 30.60 -24.03 -20.71
N ILE C 166 29.72 -23.81 -21.68
CA ILE C 166 29.36 -22.44 -22.07
C ILE C 166 28.51 -21.74 -21.02
N ARG C 167 27.60 -22.44 -20.37
CA ARG C 167 26.79 -21.78 -19.39
C ARG C 167 27.66 -21.55 -18.20
N GLN C 168 28.48 -22.52 -17.85
CA GLN C 168 29.38 -22.27 -16.77
C GLN C 168 30.14 -21.02 -17.13
N LEU C 169 30.58 -20.94 -18.38
CA LEU C 169 31.37 -19.81 -18.78
C LEU C 169 30.62 -18.52 -18.59
N LYS C 170 29.36 -18.46 -19.02
CA LYS C 170 28.64 -17.21 -18.98
C LYS C 170 28.74 -16.64 -17.61
N ASP C 171 28.59 -17.49 -16.64
CA ASP C 171 28.57 -17.01 -15.31
C ASP C 171 29.92 -16.48 -14.87
N VAL C 172 31.00 -17.18 -15.18
CA VAL C 172 32.29 -16.74 -14.67
C VAL C 172 32.47 -15.33 -15.16
N GLN C 173 31.88 -15.03 -16.30
CA GLN C 173 31.93 -13.68 -16.78
C GLN C 173 31.05 -12.83 -15.92
N ASP C 174 29.84 -13.24 -15.68
CA ASP C 174 28.93 -12.39 -14.91
C ASP C 174 29.53 -11.90 -13.59
N VAL C 175 30.27 -12.72 -12.86
CA VAL C 175 30.92 -12.21 -11.65
C VAL C 175 32.12 -11.36 -12.01
N PHE C 176 32.77 -11.64 -13.15
CA PHE C 176 33.75 -10.68 -13.64
C PHE C 176 33.07 -9.35 -13.92
N SER C 177 31.88 -9.41 -14.53
CA SER C 177 31.10 -8.24 -14.83
C SER C 177 30.43 -7.66 -13.60
N PHE C 178 30.45 -8.40 -12.49
CA PHE C 178 29.98 -7.86 -11.21
C PHE C 178 31.23 -7.38 -10.53
N ARG C 179 32.39 -7.88 -10.96
CA ARG C 179 33.64 -7.34 -10.44
C ARG C 179 33.72 -5.99 -11.09
N TYR C 180 32.87 -5.70 -12.07
CA TYR C 180 32.78 -4.35 -12.62
C TYR C 180 32.13 -3.55 -11.50
N THR C 181 31.84 -2.28 -11.71
CA THR C 181 31.38 -1.48 -10.58
C THR C 181 32.29 -1.75 -9.37
N VAL C 182 33.54 -2.17 -9.62
CA VAL C 182 34.59 -2.06 -8.61
C VAL C 182 35.23 -0.67 -8.66
N LEU C 183 34.98 0.10 -9.70
CA LEU C 183 35.58 1.41 -9.88
C LEU C 183 35.24 2.34 -8.72
N ARG C 199 40.34 -5.60 -6.10
CA ARG C 199 41.02 -5.62 -7.39
C ARG C 199 41.50 -7.02 -7.74
N GLN C 200 42.04 -7.73 -6.74
CA GLN C 200 42.59 -9.05 -6.97
C GLN C 200 41.57 -9.97 -7.62
N LEU C 201 40.33 -9.93 -7.14
CA LEU C 201 39.28 -10.74 -7.72
C LEU C 201 39.11 -10.40 -9.18
N VAL C 202 39.02 -9.10 -9.49
CA VAL C 202 38.88 -8.67 -10.88
C VAL C 202 39.97 -9.27 -11.76
N GLN C 203 41.22 -9.29 -11.28
CA GLN C 203 42.31 -9.78 -12.11
C GLN C 203 42.30 -11.30 -12.19
N THR C 204 42.10 -11.97 -11.05
CA THR C 204 42.07 -13.44 -11.07
C THR C 204 40.84 -13.96 -11.82
N THR C 205 39.73 -13.21 -11.79
CA THR C 205 38.57 -13.64 -12.59
C THR C 205 38.81 -13.41 -14.07
N ALA C 206 39.39 -12.25 -14.44
CA ALA C 206 39.79 -12.03 -15.82
C ALA C 206 40.77 -13.11 -16.24
N ASN C 207 41.52 -13.61 -15.27
CA ASN C 207 42.50 -14.64 -15.51
C ASN C 207 41.79 -15.97 -15.73
N GLU C 208 40.76 -16.24 -14.90
CA GLU C 208 39.91 -17.40 -15.07
C GLU C 208 38.97 -17.20 -16.25
N LEU C 209 38.62 -15.93 -16.52
CA LEU C 209 37.82 -15.56 -17.69
C LEU C 209 38.45 -16.11 -18.96
N ASP C 210 39.65 -15.63 -19.28
CA ASP C 210 40.32 -16.04 -20.50
C ASP C 210 40.57 -17.53 -20.51
N ARG C 211 40.82 -18.15 -19.36
CA ARG C 211 40.98 -19.61 -19.35
C ARG C 211 39.77 -20.34 -19.92
N MET C 212 38.61 -20.12 -19.31
CA MET C 212 37.40 -20.81 -19.73
C MET C 212 37.07 -20.55 -21.18
N ARG C 213 37.15 -19.29 -21.60
CA ARG C 213 36.84 -18.94 -22.98
C ARG C 213 37.75 -19.70 -23.93
N LYS C 214 39.05 -19.67 -23.66
CA LYS C 214 39.99 -20.39 -24.50
C LYS C 214 39.64 -21.87 -24.59
N GLU C 215 39.38 -22.51 -23.45
CA GLU C 215 39.12 -23.95 -23.50
C GLU C 215 37.84 -24.24 -24.29
N VAL C 216 36.81 -23.42 -24.12
CA VAL C 216 35.57 -23.60 -24.87
C VAL C 216 35.84 -23.49 -26.36
N LEU C 217 36.60 -22.46 -26.76
CA LEU C 217 36.94 -22.30 -28.17
C LEU C 217 37.67 -23.52 -28.70
N ASP C 218 38.61 -24.03 -27.92
CA ASP C 218 39.34 -25.23 -28.32
C ASP C 218 38.40 -26.40 -28.55
N ILE C 219 37.48 -26.64 -27.62
CA ILE C 219 36.60 -27.80 -27.76
C ILE C 219 35.66 -27.64 -28.96
N SER C 220 35.17 -26.42 -29.19
CA SER C 220 34.30 -26.17 -30.34
C SER C 220 35.06 -26.33 -31.65
N LYS C 221 36.32 -25.93 -31.71
CA LYS C 221 37.15 -26.13 -32.89
C LYS C 221 37.34 -27.61 -33.16
N ALA C 222 37.49 -28.42 -32.11
CA ALA C 222 37.55 -29.86 -32.30
C ALA C 222 36.21 -30.41 -32.79
N LEU C 223 35.12 -29.81 -32.32
CA LEU C 223 33.79 -30.19 -32.79
C LEU C 223 33.62 -29.70 -34.22
N VAL C 224 34.18 -28.54 -34.57
CA VAL C 224 34.14 -28.11 -35.96
C VAL C 224 34.88 -29.10 -36.83
N GLY C 225 35.96 -29.68 -36.30
CA GLY C 225 36.63 -30.75 -37.03
C GLY C 225 35.79 -32.01 -37.11
N ARG C 226 35.03 -32.29 -36.05
CA ARG C 226 34.07 -33.39 -36.12
C ARG C 226 32.99 -33.11 -37.14
N LEU C 227 32.61 -31.84 -37.30
CA LEU C 227 31.61 -31.50 -38.31
C LEU C 227 32.13 -31.78 -39.71
N THR C 228 33.36 -31.36 -40.00
CA THR C 228 33.94 -31.65 -41.30
C THR C 228 34.10 -33.14 -41.51
N THR C 229 34.35 -33.89 -40.43
CA THR C 229 34.34 -35.34 -40.52
C THR C 229 32.95 -35.85 -40.88
N LEU C 230 31.92 -35.24 -40.28
CA LEU C 230 30.55 -35.64 -40.59
C LEU C 230 30.21 -35.37 -42.05
N VAL C 231 30.73 -34.27 -42.59
CA VAL C 231 30.34 -33.86 -43.94
C VAL C 231 31.07 -34.68 -44.99
N ASP C 232 32.37 -34.93 -44.77
CA ASP C 232 33.12 -35.79 -45.67
C ASP C 232 32.62 -37.22 -45.64
N LEU C 233 32.03 -37.65 -44.52
CA LEU C 233 31.45 -38.98 -44.42
C LEU C 233 30.05 -39.07 -45.00
N LEU C 234 29.36 -37.94 -45.18
CA LEU C 234 28.00 -37.97 -45.71
C LEU C 234 27.96 -37.63 -47.19
N LEU C 262 19.51 -41.02 -45.05
CA LEU C 262 20.29 -39.85 -45.43
C LEU C 262 19.64 -38.57 -44.95
N GLU C 263 18.32 -38.46 -45.15
CA GLU C 263 17.61 -37.25 -44.72
C GLU C 263 17.63 -37.10 -43.21
N GLN C 264 17.53 -38.22 -42.48
CA GLN C 264 17.57 -38.14 -41.02
C GLN C 264 18.95 -37.77 -40.50
N TRP C 265 20.02 -38.06 -41.26
CA TRP C 265 21.32 -37.53 -40.89
C TRP C 265 21.51 -36.10 -41.38
N LEU C 266 20.84 -35.72 -42.48
CA LEU C 266 20.87 -34.34 -42.93
C LEU C 266 20.23 -33.41 -41.89
N THR C 267 19.04 -33.79 -41.41
CA THR C 267 18.36 -32.98 -40.41
C THR C 267 19.11 -33.01 -39.07
N ALA C 268 19.70 -34.15 -38.72
CA ALA C 268 20.40 -34.25 -37.44
C ALA C 268 21.65 -33.39 -37.43
N GLY C 269 22.42 -33.43 -38.52
CA GLY C 269 23.59 -32.58 -38.60
C GLY C 269 23.22 -31.13 -38.77
N ALA C 270 22.04 -30.86 -39.34
CA ALA C 270 21.55 -29.49 -39.38
C ALA C 270 21.33 -28.96 -37.96
N LYS C 271 20.84 -29.82 -37.06
CA LYS C 271 20.66 -29.41 -35.68
C LYS C 271 22.00 -29.04 -35.06
N VAL C 272 23.06 -29.77 -35.45
CA VAL C 272 24.37 -29.54 -34.85
C VAL C 272 24.91 -28.20 -35.29
N LEU C 273 24.90 -27.95 -36.60
CA LEU C 273 25.36 -26.68 -37.12
C LEU C 273 24.50 -25.53 -36.61
N PHE C 274 23.20 -25.77 -36.41
CA PHE C 274 22.30 -24.70 -36.01
C PHE C 274 22.61 -24.22 -34.60
N HIS C 275 22.62 -25.15 -33.63
CA HIS C 275 22.96 -24.70 -32.29
C HIS C 275 24.44 -24.37 -32.13
N LEU C 276 25.31 -24.90 -32.99
CA LEU C 276 26.71 -24.47 -32.96
C LEU C 276 26.84 -23.03 -33.42
N ARG C 277 26.18 -22.67 -34.53
CA ARG C 277 26.11 -21.27 -34.92
C ARG C 277 25.38 -20.45 -33.87
N GLN C 278 24.43 -21.04 -33.15
CA GLN C 278 23.77 -20.28 -32.06
C GLN C 278 24.66 -20.04 -30.83
N LEU C 279 25.34 -21.09 -30.37
CA LEU C 279 26.15 -20.97 -29.15
C LEU C 279 27.32 -20.02 -29.33
N LEU C 280 28.01 -20.10 -30.46
CA LEU C 280 29.11 -19.17 -30.70
C LEU C 280 28.59 -17.77 -31.00
N LYS C 281 27.38 -17.64 -31.52
CA LYS C 281 26.80 -16.31 -31.72
C LYS C 281 26.65 -15.69 -30.33
N GLN C 282 26.13 -16.48 -29.39
CA GLN C 282 26.03 -15.97 -28.01
C GLN C 282 27.42 -15.64 -27.43
N LEU C 283 28.40 -16.48 -27.75
CA LEU C 283 29.76 -16.25 -27.26
C LEU C 283 30.27 -14.92 -27.79
N LYS C 284 29.99 -14.60 -29.05
CA LYS C 284 30.40 -13.34 -29.64
C LYS C 284 29.71 -12.22 -28.92
N ASP C 285 28.40 -12.35 -28.74
CA ASP C 285 27.64 -11.35 -28.01
C ASP C 285 28.32 -11.03 -26.67
N MET C 286 28.78 -12.05 -25.96
CA MET C 286 29.52 -11.77 -24.71
C MET C 286 30.93 -11.23 -24.96
N SER C 287 31.74 -11.91 -25.75
CA SER C 287 33.06 -11.46 -26.14
C SER C 287 33.08 -10.00 -26.57
N LEU C 288 31.93 -9.44 -26.96
CA LEU C 288 31.92 -8.06 -27.40
C LEU C 288 32.21 -7.09 -26.26
N MET C 289 32.02 -7.50 -25.01
CA MET C 289 32.57 -6.71 -23.90
C MET C 289 34.09 -6.67 -23.93
N LEU C 290 34.74 -7.78 -24.31
CA LEU C 290 36.15 -7.80 -24.73
C LEU C 290 37.08 -7.00 -23.82
N ARG C 291 37.27 -7.51 -22.60
CA ARG C 291 38.48 -7.17 -21.87
C ARG C 291 39.69 -7.77 -22.58
N MET C 296 40.62 -11.36 -30.12
CA MET C 296 40.97 -12.56 -29.36
C MET C 296 39.81 -13.53 -29.21
N PHE C 297 39.13 -13.49 -28.06
CA PHE C 297 38.05 -14.46 -27.83
C PHE C 297 36.94 -14.28 -28.85
N GLY C 298 36.69 -13.03 -29.27
CA GLY C 298 35.64 -12.79 -30.25
C GLY C 298 36.03 -13.21 -31.66
N GLN C 299 37.27 -12.91 -32.08
CA GLN C 299 37.69 -13.33 -33.41
C GLN C 299 37.83 -14.85 -33.49
N GLY C 300 38.17 -15.50 -32.38
CA GLY C 300 38.13 -16.95 -32.37
C GLY C 300 36.72 -17.46 -32.54
N VAL C 301 35.76 -16.76 -31.96
CA VAL C 301 34.35 -17.04 -32.23
C VAL C 301 34.05 -16.76 -33.69
N ASP C 302 34.69 -15.75 -34.27
CA ASP C 302 34.46 -15.39 -35.67
C ASP C 302 34.95 -16.48 -36.60
N LEU C 303 36.21 -16.87 -36.46
CA LEU C 303 36.78 -17.86 -37.37
C LEU C 303 36.06 -19.19 -37.26
N GLN C 304 35.55 -19.52 -36.07
CA GLN C 304 34.77 -20.75 -35.94
C GLN C 304 33.45 -20.63 -36.67
N ASN C 305 32.74 -19.50 -36.51
CA ASN C 305 31.50 -19.30 -37.23
C ASN C 305 31.76 -19.15 -38.73
N ALA C 306 32.94 -18.68 -39.11
CA ALA C 306 33.29 -18.66 -40.53
C ALA C 306 33.35 -20.08 -41.10
N GLN C 307 33.93 -21.02 -40.34
CA GLN C 307 33.84 -22.42 -40.73
C GLN C 307 32.42 -22.91 -40.69
N VAL C 308 31.60 -22.35 -39.79
CA VAL C 308 30.21 -22.79 -39.66
C VAL C 308 29.42 -22.39 -40.89
N THR C 309 29.48 -21.11 -41.27
CA THR C 309 28.72 -20.65 -42.43
C THR C 309 29.25 -21.27 -43.72
N GLU C 310 30.56 -21.58 -43.76
CA GLU C 310 31.10 -22.30 -44.90
C GLU C 310 30.45 -23.67 -45.02
N LEU C 311 30.42 -24.41 -43.91
CA LEU C 311 29.83 -25.74 -43.91
C LEU C 311 28.33 -25.67 -44.17
N LEU C 312 27.68 -24.60 -43.72
CA LEU C 312 26.23 -24.51 -43.82
C LEU C 312 25.79 -24.36 -45.27
N GLN C 313 26.35 -23.38 -45.99
CA GLN C 313 26.02 -23.22 -47.40
C GLN C 313 26.52 -24.40 -48.22
N ARG C 314 27.63 -25.01 -47.80
CA ARG C 314 28.15 -26.18 -48.51
C ARG C 314 27.17 -27.35 -48.43
N LEU C 315 26.47 -27.47 -47.31
CA LEU C 315 25.48 -28.54 -47.17
C LEU C 315 24.13 -28.13 -47.76
N LEU C 316 23.77 -26.86 -47.63
CA LEU C 316 22.48 -26.41 -48.12
C LEU C 316 22.39 -26.51 -49.63
N GLN C 317 23.49 -26.26 -50.34
CA GLN C 317 23.44 -26.29 -51.80
C GLN C 317 23.17 -27.69 -52.33
N ARG C 318 23.64 -28.71 -51.64
CA ARG C 318 23.43 -30.09 -52.08
C ARG C 318 22.14 -30.68 -51.54
N SER C 319 21.74 -30.31 -50.30
CA SER C 319 20.52 -30.84 -49.72
C SER C 319 19.27 -30.29 -50.39
N PHE C 320 19.35 -29.12 -51.04
CA PHE C 320 18.19 -28.51 -51.67
C PHE C 320 17.69 -29.36 -52.84
ZN ZN D . 23.30 -2.08 2.02
#